data_6PCB
#
_entry.id   6PCB
#
_cell.length_a   110.487
_cell.length_b   115.958
_cell.length_c   128.866
_cell.angle_alpha   90.00
_cell.angle_beta   90.00
_cell.angle_gamma   90.00
#
_symmetry.space_group_name_H-M   'P 21 21 21'
#
loop_
_entity.id
_entity.type
_entity.pdbx_description
1 polymer 'Beta-ketoadipyl-CoA thiolase'
2 non-polymer 'COENZYME A'
3 non-polymer GLYCEROL
4 non-polymer 'CHLORIDE ION'
5 water water
#
_entity_poly.entity_id   1
_entity_poly.type   'polypeptide(L)'
_entity_poly.pdbx_seq_one_letter_code
;MHHHHHHSSGVDLGTENLYHQGSMHDVFICDAIRTPIGRFGGALASVRADDLAAVPLKALIERNPGVQWDQVDEVFFGCA
NQAGEDNRNVARMALLLAGLPESIPGVTLNRLCASGMDAVGTAFRAIASGEMELVIAGGVESMSRAPFVMGKAESAYSRN
MKLEDTTIGWRFINPLMKSQYGVDSMPETADNVADDYQVSRADQDAFALRSQQKAAAAQAAGFFAEEIVPVRIAHKKGEI
IVERDEHLRPETTLEALTKLKPVNGPDKTVTAGNASGVNDGAAAMILASAAAVKKHGLTPRARVLGMASGGVAPRVMGIG
PVPAVRKLTERLGIAVSDFDVIELNEAFASQGLAVLRELGVADDAPQVNPNGGAIALGAPLGMSGARLVLTALHQLEKSG
GRKGLATM(CSO)VGVGQGLALAIERV
;
_entity_poly.pdbx_strand_id   A,B,C,D
#
loop_
_chem_comp.id
_chem_comp.type
_chem_comp.name
_chem_comp.formula
CL non-polymer 'CHLORIDE ION' 'Cl -1'
COA non-polymer 'COENZYME A' 'C21 H36 N7 O16 P3 S'
GOL non-polymer GLYCEROL 'C3 H8 O3'
#
# COMPACT_ATOMS: atom_id res chain seq x y z
N GLN A 21 29.07 8.81 46.76
CA GLN A 21 28.14 9.63 45.89
C GLN A 21 28.22 11.13 46.20
N GLY A 22 28.38 11.91 45.13
CA GLY A 22 28.35 13.37 45.22
C GLY A 22 26.92 13.95 45.23
N SER A 23 26.86 15.28 45.21
CA SER A 23 25.64 16.05 45.35
C SER A 23 24.92 16.14 44.01
N MET A 24 23.57 16.15 44.04
CA MET A 24 22.79 16.49 42.84
C MET A 24 22.98 17.93 42.44
N HIS A 25 22.71 18.24 41.17
CA HIS A 25 22.88 19.58 40.66
C HIS A 25 21.50 20.14 40.37
N ASP A 26 21.34 21.44 40.68
CA ASP A 26 20.14 22.16 40.35
C ASP A 26 20.08 22.31 38.83
N VAL A 27 18.86 22.33 38.28
CA VAL A 27 18.67 22.36 36.84
C VAL A 27 17.77 23.53 36.48
N PHE A 28 18.20 24.33 35.50
CA PHE A 28 17.43 25.50 35.10
C PHE A 28 16.89 25.39 33.67
N ILE A 29 15.61 25.75 33.49
CA ILE A 29 15.11 26.01 32.14
C ILE A 29 15.52 27.44 31.78
N CYS A 30 16.11 27.62 30.59
CA CYS A 30 16.46 28.94 30.08
C CYS A 30 15.52 29.30 28.91
N ASP A 31 16.06 29.66 27.75
CA ASP A 31 15.20 30.12 26.65
C ASP A 31 14.33 28.96 26.15
N ALA A 32 13.14 29.28 25.63
CA ALA A 32 12.20 28.29 25.11
C ALA A 32 11.44 28.91 23.95
N ILE A 33 11.10 28.12 22.92
CA ILE A 33 10.39 28.72 21.78
C ILE A 33 9.58 27.61 21.10
N ARG A 34 8.57 27.98 20.29
CA ARG A 34 7.79 26.95 19.61
C ARG A 34 7.32 27.50 18.26
N THR A 35 6.91 26.59 17.38
CA THR A 35 6.22 27.02 16.17
C THR A 35 4.77 27.32 16.53
N PRO A 36 4.00 27.93 15.59
CA PRO A 36 2.54 27.94 15.71
C PRO A 36 2.07 26.48 15.61
N ILE A 37 0.82 26.23 16.07
CA ILE A 37 0.21 24.91 15.93
C ILE A 37 -0.75 24.98 14.76
N GLY A 38 -0.53 24.08 13.79
CA GLY A 38 -1.31 24.06 12.57
C GLY A 38 -2.45 23.04 12.65
N ARG A 39 -3.54 23.32 11.93
CA ARG A 39 -4.62 22.34 11.80
C ARG A 39 -4.17 21.17 10.92
N PHE A 40 -4.84 20.03 11.08
CA PHE A 40 -4.62 18.88 10.23
C PHE A 40 -4.89 19.30 8.78
N GLY A 41 -3.93 19.04 7.88
CA GLY A 41 -4.03 19.39 6.47
C GLY A 41 -3.97 20.90 6.23
N GLY A 42 -3.56 21.67 7.23
CA GLY A 42 -3.62 23.13 7.28
C GLY A 42 -2.24 23.75 7.06
N ALA A 43 -1.95 24.83 7.82
CA ALA A 43 -0.89 25.78 7.49
C ALA A 43 0.50 25.13 7.45
N LEU A 44 0.73 24.08 8.23
CA LEU A 44 2.05 23.45 8.33
C LEU A 44 2.06 22.06 7.72
N ALA A 45 1.00 21.67 6.99
CA ALA A 45 0.90 20.31 6.50
C ALA A 45 1.98 19.96 5.47
N SER A 46 2.57 20.95 4.78
CA SER A 46 3.63 20.71 3.81
C SER A 46 5.00 20.49 4.46
N VAL A 47 5.10 20.70 5.78
CA VAL A 47 6.42 20.72 6.41
C VAL A 47 6.75 19.36 7.01
N ARG A 48 7.84 18.73 6.52
CA ARG A 48 8.23 17.43 7.07
C ARG A 48 8.48 17.53 8.58
N ALA A 49 8.22 16.43 9.31
CA ALA A 49 8.34 16.46 10.76
C ALA A 49 9.77 16.75 11.20
N ASP A 50 10.75 16.25 10.43
CA ASP A 50 12.13 16.44 10.82
C ASP A 50 12.50 17.92 10.60
N ASP A 51 12.09 18.49 9.47
CA ASP A 51 12.34 19.92 9.23
C ASP A 51 11.58 20.79 10.24
N LEU A 52 10.36 20.37 10.58
CA LEU A 52 9.54 21.13 11.54
C LEU A 52 10.25 21.17 12.90
N ALA A 53 10.76 20.01 13.34
CA ALA A 53 11.48 19.93 14.61
C ALA A 53 12.69 20.86 14.58
N ALA A 54 13.36 21.01 13.41
CA ALA A 54 14.54 21.86 13.27
C ALA A 54 14.23 23.34 13.45
N VAL A 55 12.96 23.77 13.25
CA VAL A 55 12.61 25.18 13.28
C VAL A 55 12.87 25.78 14.68
N PRO A 56 12.35 25.23 15.79
CA PRO A 56 12.68 25.78 17.11
C PRO A 56 14.16 25.65 17.47
N LEU A 57 14.84 24.61 16.95
CA LEU A 57 16.28 24.49 17.23
C LEU A 57 17.05 25.63 16.56
N LYS A 58 16.77 25.91 15.27
CA LYS A 58 17.43 27.05 14.62
C LYS A 58 17.14 28.35 15.37
N ALA A 59 15.90 28.56 15.86
CA ALA A 59 15.56 29.77 16.59
C ALA A 59 16.32 29.88 17.92
N LEU A 60 16.49 28.76 18.63
CA LEU A 60 17.27 28.82 19.86
C LEU A 60 18.72 29.25 19.55
N ILE A 61 19.27 28.79 18.41
CA ILE A 61 20.63 29.19 18.01
C ILE A 61 20.67 30.71 17.78
N GLU A 62 19.73 31.21 16.98
CA GLU A 62 19.65 32.62 16.63
C GLU A 62 19.46 33.48 17.90
N ARG A 63 18.60 33.04 18.84
CA ARG A 63 18.25 33.80 20.04
C ARG A 63 19.34 33.80 21.12
N ASN A 64 20.30 32.87 21.10
CA ASN A 64 21.20 32.74 22.24
C ASN A 64 22.63 32.69 21.73
N PRO A 65 23.16 33.83 21.25
CA PRO A 65 24.53 33.87 20.69
C PRO A 65 25.66 33.65 21.71
N GLY A 66 25.37 33.71 23.02
CA GLY A 66 26.39 33.49 24.03
C GLY A 66 26.83 32.02 24.10
N VAL A 67 26.02 31.13 23.52
CA VAL A 67 26.20 29.70 23.72
C VAL A 67 27.30 29.17 22.81
N GLN A 68 28.20 28.35 23.35
CA GLN A 68 29.15 27.60 22.56
C GLN A 68 28.46 26.29 22.16
N TRP A 69 27.95 26.25 20.92
CA TRP A 69 27.01 25.21 20.51
C TRP A 69 27.61 23.80 20.53
N ASP A 70 28.92 23.67 20.31
CA ASP A 70 29.57 22.37 20.36
C ASP A 70 29.64 21.81 21.78
N GLN A 71 29.12 22.54 22.79
CA GLN A 71 29.11 22.03 24.16
C GLN A 71 27.74 21.46 24.53
N VAL A 72 26.78 21.44 23.60
CA VAL A 72 25.50 20.85 23.95
C VAL A 72 25.70 19.34 24.14
N ASP A 73 25.29 18.80 25.30
CA ASP A 73 25.52 17.41 25.67
C ASP A 73 24.55 16.43 24.97
N GLU A 74 23.34 16.90 24.68
CA GLU A 74 22.31 16.02 24.15
C GLU A 74 21.11 16.86 23.75
N VAL A 75 20.46 16.42 22.65
CA VAL A 75 19.13 16.90 22.28
C VAL A 75 18.12 15.76 22.55
N PHE A 76 17.17 16.00 23.45
CA PHE A 76 16.12 15.05 23.80
C PHE A 76 14.82 15.54 23.16
N PHE A 77 14.19 14.75 22.29
CA PHE A 77 12.94 15.20 21.66
C PHE A 77 11.85 14.15 21.84
N GLY A 78 10.64 14.61 22.12
CA GLY A 78 9.47 13.74 22.16
C GLY A 78 8.82 13.59 20.79
N CYS A 79 8.36 12.37 20.48
CA CYS A 79 7.65 12.16 19.22
C CYS A 79 6.87 10.85 19.36
N ALA A 80 5.55 10.93 19.16
CA ALA A 80 4.69 9.78 19.42
C ALA A 80 4.68 8.76 18.27
N ASN A 81 4.97 9.18 17.04
CA ASN A 81 4.70 8.35 15.87
C ASN A 81 5.96 7.62 15.42
N GLN A 82 6.90 8.36 14.80
CA GLN A 82 8.23 7.86 14.40
C GLN A 82 8.18 6.88 13.24
N ALA A 83 7.06 6.81 12.49
CA ALA A 83 6.98 5.96 11.33
C ALA A 83 7.18 6.75 10.03
N GLY A 84 7.03 8.08 10.07
CA GLY A 84 7.06 8.88 8.85
C GLY A 84 8.41 9.55 8.66
N GLU A 85 8.37 10.86 8.35
CA GLU A 85 9.60 11.62 8.15
C GLU A 85 10.28 11.89 9.49
N ASP A 86 9.59 11.53 10.59
CA ASP A 86 10.14 11.52 11.93
C ASP A 86 10.82 10.18 12.30
N ASN A 87 11.08 9.29 11.31
CA ASN A 87 11.64 7.97 11.62
C ASN A 87 13.12 8.05 11.95
N ARG A 88 13.61 7.02 12.67
N ARG A 88 13.59 7.03 12.68
CA ARG A 88 15.03 6.79 12.86
CA ARG A 88 15.01 6.76 12.89
C ARG A 88 15.66 7.92 13.68
C ARG A 88 15.65 7.89 13.68
N ASN A 89 14.98 8.28 14.76
CA ASN A 89 15.52 9.13 15.82
C ASN A 89 15.48 10.59 15.36
N VAL A 90 14.28 11.16 15.39
CA VAL A 90 14.05 12.48 14.83
C VAL A 90 14.87 13.53 15.60
N ALA A 91 15.17 13.31 16.90
CA ALA A 91 15.99 14.28 17.61
C ALA A 91 17.32 14.52 16.88
N ARG A 92 17.99 13.45 16.44
CA ARG A 92 19.29 13.52 15.77
C ARG A 92 19.09 14.10 14.36
N MET A 93 18.03 13.66 13.66
CA MET A 93 17.78 14.21 12.33
C MET A 93 17.62 15.73 12.44
N ALA A 94 16.81 16.19 13.41
CA ALA A 94 16.47 17.60 13.56
C ALA A 94 17.69 18.43 13.92
N LEU A 95 18.55 17.93 14.84
CA LEU A 95 19.67 18.77 15.25
C LEU A 95 20.63 18.95 14.07
N LEU A 96 20.82 17.90 13.25
CA LEU A 96 21.68 18.06 12.08
C LEU A 96 21.08 19.05 11.06
N LEU A 97 19.76 18.93 10.84
CA LEU A 97 19.09 19.84 9.91
C LEU A 97 19.12 21.29 10.41
N ALA A 98 19.19 21.46 11.74
CA ALA A 98 19.14 22.79 12.34
C ALA A 98 20.50 23.49 12.24
N GLY A 99 21.52 22.73 11.83
CA GLY A 99 22.87 23.27 11.67
C GLY A 99 23.72 23.12 12.95
N LEU A 100 23.26 22.33 13.93
CA LEU A 100 24.11 22.04 15.09
C LEU A 100 25.21 21.07 14.69
N PRO A 101 26.39 21.15 15.34
CA PRO A 101 27.51 20.32 14.92
C PRO A 101 27.21 18.83 15.05
N GLU A 102 27.85 18.03 14.18
CA GLU A 102 27.60 16.59 14.12
C GLU A 102 28.12 15.89 15.38
N SER A 103 28.91 16.60 16.21
CA SER A 103 29.36 16.05 17.49
C SER A 103 28.25 15.98 18.55
N ILE A 104 27.09 16.62 18.29
CA ILE A 104 26.06 16.65 19.32
C ILE A 104 25.13 15.43 19.20
N PRO A 105 24.97 14.61 20.27
CA PRO A 105 24.08 13.45 20.21
C PRO A 105 22.61 13.83 20.36
N GLY A 106 21.73 12.91 19.92
CA GLY A 106 20.29 13.13 20.12
C GLY A 106 19.57 11.80 20.36
N VAL A 107 18.42 11.91 21.02
CA VAL A 107 17.65 10.72 21.40
C VAL A 107 16.18 11.10 21.39
N THR A 108 15.30 10.17 20.97
CA THR A 108 13.87 10.48 20.87
C THR A 108 13.10 9.67 21.90
N LEU A 109 12.10 10.31 22.54
CA LEU A 109 11.33 9.66 23.60
C LEU A 109 9.88 9.54 23.13
N ASN A 110 9.21 8.48 23.61
CA ASN A 110 7.84 8.22 23.21
C ASN A 110 7.07 7.82 24.46
N ARG A 111 6.29 8.78 24.96
CA ARG A 111 5.18 8.48 25.87
C ARG A 111 3.91 9.12 25.29
N LEU A 112 3.66 8.87 23.99
CA LEU A 112 2.48 9.40 23.30
C LEU A 112 2.31 10.90 23.56
N CYS A 113 1.11 11.35 23.98
CA CYS A 113 0.87 12.78 24.13
C CYS A 113 1.78 13.41 25.19
N ALA A 114 2.43 12.60 26.06
CA ALA A 114 3.32 13.18 27.07
C ALA A 114 4.78 13.23 26.64
N SER A 115 5.09 12.82 25.39
CA SER A 115 6.48 12.63 24.98
C SER A 115 7.34 13.88 25.23
N GLY A 116 6.78 15.05 24.92
CA GLY A 116 7.56 16.29 24.96
C GLY A 116 7.86 16.71 26.40
N MET A 117 6.94 16.40 27.32
CA MET A 117 7.16 16.62 28.74
C MET A 117 8.22 15.63 29.25
N ASP A 118 8.12 14.36 28.80
CA ASP A 118 9.13 13.37 29.14
C ASP A 118 10.53 13.82 28.71
N ALA A 119 10.65 14.43 27.53
CA ALA A 119 11.96 14.96 27.09
C ALA A 119 12.54 15.96 28.08
N VAL A 120 11.69 16.87 28.58
CA VAL A 120 12.15 17.87 29.53
C VAL A 120 12.58 17.19 30.84
N GLY A 121 11.73 16.28 31.34
CA GLY A 121 12.07 15.68 32.62
C GLY A 121 13.30 14.76 32.52
N THR A 122 13.45 14.09 31.36
CA THR A 122 14.59 13.21 31.12
C THR A 122 15.88 14.06 31.02
N ALA A 123 15.79 15.20 30.32
CA ALA A 123 16.91 16.13 30.31
C ALA A 123 17.27 16.57 31.74
N PHE A 124 16.25 16.94 32.54
CA PHE A 124 16.43 17.33 33.93
C PHE A 124 17.19 16.26 34.73
N ARG A 125 16.76 14.99 34.64
CA ARG A 125 17.43 13.92 35.36
C ARG A 125 18.89 13.76 34.93
N ALA A 126 19.18 13.95 33.63
CA ALA A 126 20.54 13.76 33.15
C ALA A 126 21.47 14.83 33.76
N ILE A 127 20.98 16.08 33.87
CA ILE A 127 21.78 17.14 34.45
C ILE A 127 21.85 16.99 35.98
N ALA A 128 20.71 16.64 36.61
CA ALA A 128 20.66 16.53 38.07
C ALA A 128 21.63 15.46 38.58
N SER A 129 21.75 14.35 37.85
CA SER A 129 22.59 13.22 38.22
C SER A 129 24.06 13.48 37.84
N GLY A 130 24.37 14.67 37.32
CA GLY A 130 25.76 15.04 37.05
C GLY A 130 26.32 14.55 35.72
N GLU A 131 25.47 13.91 34.89
CA GLU A 131 25.95 13.30 33.67
C GLU A 131 26.06 14.30 32.52
N MET A 132 25.37 15.44 32.61
CA MET A 132 25.38 16.45 31.55
C MET A 132 25.30 17.83 32.17
N GLU A 133 25.60 18.88 31.36
CA GLU A 133 25.58 20.27 31.82
C GLU A 133 24.63 21.16 31.02
N LEU A 134 24.52 20.92 29.71
CA LEU A 134 23.78 21.79 28.81
C LEU A 134 23.06 20.91 27.78
N VAL A 135 21.72 21.04 27.73
CA VAL A 135 20.97 20.15 26.86
C VAL A 135 19.81 20.91 26.26
N ILE A 136 19.26 20.34 25.17
CA ILE A 136 18.01 20.89 24.62
C ILE A 136 16.95 19.81 24.78
N ALA A 137 15.74 20.23 25.16
CA ALA A 137 14.60 19.31 25.26
C ALA A 137 13.43 19.88 24.46
N GLY A 138 12.71 19.02 23.74
CA GLY A 138 11.58 19.57 23.01
C GLY A 138 10.72 18.42 22.49
N GLY A 139 9.87 18.73 21.51
CA GLY A 139 9.06 17.67 20.93
C GLY A 139 8.44 18.17 19.63
N VAL A 140 7.98 17.19 18.84
CA VAL A 140 7.44 17.50 17.51
C VAL A 140 6.36 16.47 17.20
N GLU A 141 5.31 16.90 16.48
CA GLU A 141 4.52 15.94 15.74
C GLU A 141 4.00 16.61 14.48
N SER A 142 4.04 15.86 13.37
CA SER A 142 3.28 16.22 12.17
C SER A 142 2.19 15.18 11.99
N MET A 143 1.02 15.45 12.54
CA MET A 143 -0.06 14.48 12.42
C MET A 143 -0.66 14.54 11.01
N SER A 144 -0.57 15.73 10.37
CA SER A 144 -0.96 15.79 8.95
C SER A 144 -0.23 14.74 8.12
N ARG A 145 1.08 14.58 8.38
CA ARG A 145 1.95 13.78 7.53
C ARG A 145 2.16 12.36 8.06
N ALA A 146 1.43 12.00 9.11
CA ALA A 146 1.58 10.65 9.66
C ALA A 146 1.31 9.65 8.54
N PRO A 147 2.17 8.62 8.34
CA PRO A 147 2.00 7.72 7.20
C PRO A 147 0.99 6.61 7.46
N PHE A 148 0.68 5.87 6.39
CA PHE A 148 0.04 4.57 6.53
C PHE A 148 1.10 3.49 6.70
N VAL A 149 0.72 2.39 7.36
CA VAL A 149 1.63 1.27 7.57
C VAL A 149 0.98 -0.01 7.08
N MET A 150 1.83 -0.94 6.66
CA MET A 150 1.34 -2.23 6.16
C MET A 150 2.25 -3.33 6.70
N GLY A 151 1.67 -4.26 7.46
CA GLY A 151 2.45 -5.40 7.92
C GLY A 151 3.01 -6.22 6.75
N LYS A 152 4.15 -6.88 7.02
CA LYS A 152 4.68 -7.80 6.00
C LYS A 152 3.75 -9.01 5.83
N ALA A 153 3.83 -9.64 4.65
CA ALA A 153 3.14 -10.92 4.46
C ALA A 153 3.76 -11.98 5.37
N GLU A 154 2.96 -12.86 5.98
N GLU A 154 2.90 -12.84 5.94
CA GLU A 154 3.50 -13.95 6.79
CA GLU A 154 3.31 -13.94 6.81
C GLU A 154 3.76 -15.19 5.94
C GLU A 154 3.28 -15.27 6.06
N SER A 155 3.22 -15.19 4.71
CA SER A 155 3.30 -16.37 3.86
C SER A 155 3.33 -15.92 2.41
N ALA A 156 3.81 -16.81 1.51
CA ALA A 156 3.89 -16.48 0.10
C ALA A 156 2.47 -16.38 -0.42
N TYR A 157 2.22 -15.38 -1.28
CA TYR A 157 0.92 -15.19 -1.93
C TYR A 157 -0.17 -14.95 -0.89
N SER A 158 0.17 -14.36 0.27
CA SER A 158 -0.85 -14.03 1.26
C SER A 158 -1.91 -13.11 0.66
N ARG A 159 -3.18 -13.39 1.03
CA ARG A 159 -4.29 -12.55 0.61
C ARG A 159 -4.69 -11.58 1.73
N ASN A 160 -3.88 -11.53 2.80
CA ASN A 160 -4.24 -10.74 3.97
C ASN A 160 -3.24 -9.61 4.15
N MET A 161 -3.27 -8.63 3.25
CA MET A 161 -2.46 -7.43 3.40
C MET A 161 -3.41 -6.28 3.72
N LYS A 162 -2.98 -5.36 4.60
CA LYS A 162 -3.87 -4.31 5.08
C LYS A 162 -3.05 -3.03 5.29
N LEU A 163 -3.64 -1.86 4.96
CA LEU A 163 -3.06 -0.55 5.25
C LEU A 163 -3.76 0.01 6.47
N GLU A 164 -3.00 0.66 7.36
CA GLU A 164 -3.61 1.29 8.51
C GLU A 164 -3.06 2.72 8.68
N ASP A 165 -3.94 3.62 9.09
CA ASP A 165 -3.59 5.04 9.32
C ASP A 165 -2.88 5.18 10.67
N THR A 166 -1.76 5.91 10.71
CA THR A 166 -1.02 6.15 11.95
C THR A 166 -1.28 7.52 12.57
N THR A 167 -2.21 8.29 12.01
CA THR A 167 -2.42 9.68 12.41
C THR A 167 -2.64 9.75 13.93
N ILE A 168 -3.55 8.92 14.43
CA ILE A 168 -3.81 8.84 15.87
C ILE A 168 -4.51 7.51 16.17
N GLY A 169 -4.16 6.90 17.30
CA GLY A 169 -4.98 5.81 17.78
C GLY A 169 -4.44 4.43 17.39
N TRP A 170 -5.27 3.42 17.62
CA TRP A 170 -4.81 2.04 17.52
C TRP A 170 -4.49 1.63 16.07
N ARG A 171 -3.36 0.93 15.91
CA ARG A 171 -3.09 0.12 14.72
C ARG A 171 -2.33 -1.12 15.14
N PHE A 172 -2.35 -2.14 14.29
CA PHE A 172 -1.79 -3.45 14.63
C PHE A 172 -2.30 -3.93 16.00
N ILE A 173 -3.64 -4.00 16.15
CA ILE A 173 -4.27 -4.35 17.41
C ILE A 173 -3.87 -5.77 17.77
N ASN A 174 -3.35 -5.93 19.00
CA ASN A 174 -3.07 -7.22 19.59
C ASN A 174 -4.36 -7.77 20.22
N PRO A 175 -4.85 -8.96 19.82
CA PRO A 175 -6.10 -9.52 20.37
C PRO A 175 -6.06 -9.66 21.90
N LEU A 176 -4.86 -9.89 22.46
CA LEU A 176 -4.72 -10.02 23.91
C LEU A 176 -4.92 -8.68 24.59
N MET A 177 -4.54 -7.58 23.91
CA MET A 177 -4.75 -6.26 24.49
C MET A 177 -6.25 -5.97 24.49
N LYS A 178 -6.92 -6.31 23.39
CA LYS A 178 -8.34 -6.02 23.25
C LYS A 178 -9.15 -6.80 24.29
N SER A 179 -8.81 -8.09 24.46
N SER A 179 -8.80 -8.07 24.51
CA SER A 179 -9.55 -8.93 25.39
CA SER A 179 -9.60 -8.91 25.40
C SER A 179 -9.44 -8.39 26.82
C SER A 179 -9.40 -8.55 26.88
N GLN A 180 -8.21 -8.08 27.23
CA GLN A 180 -7.96 -7.78 28.62
C GLN A 180 -8.35 -6.34 28.97
N TYR A 181 -7.98 -5.39 28.09
CA TYR A 181 -8.00 -3.97 28.44
C TYR A 181 -8.88 -3.17 27.49
N GLY A 182 -9.32 -3.81 26.39
CA GLY A 182 -10.05 -3.09 25.35
C GLY A 182 -9.11 -2.27 24.47
N VAL A 183 -9.65 -1.84 23.32
CA VAL A 183 -8.91 -0.92 22.44
C VAL A 183 -9.79 0.29 22.12
N ASP A 184 -10.34 0.90 23.17
CA ASP A 184 -11.17 2.10 23.03
C ASP A 184 -10.36 3.18 22.32
N SER A 185 -11.03 3.93 21.41
CA SER A 185 -10.42 5.10 20.82
C SER A 185 -10.23 6.15 21.91
N MET A 186 -9.40 7.17 21.64
CA MET A 186 -9.23 8.23 22.62
C MET A 186 -10.57 8.91 22.94
N PRO A 187 -11.39 9.35 21.95
CA PRO A 187 -12.71 9.87 22.29
C PRO A 187 -13.61 8.90 23.08
N GLU A 188 -13.54 7.59 22.78
CA GLU A 188 -14.29 6.62 23.58
C GLU A 188 -13.83 6.60 25.03
N THR A 189 -12.50 6.66 25.27
CA THR A 189 -12.03 6.79 26.65
C THR A 189 -12.60 8.04 27.32
N ALA A 190 -12.74 9.16 26.57
CA ALA A 190 -13.25 10.40 27.16
C ALA A 190 -14.75 10.27 27.51
N ASP A 191 -15.50 9.56 26.68
CA ASP A 191 -16.89 9.22 27.01
C ASP A 191 -16.92 8.35 28.27
N ASN A 192 -15.97 7.39 28.40
CA ASN A 192 -15.95 6.49 29.55
C ASN A 192 -15.69 7.28 30.82
N VAL A 193 -14.80 8.29 30.73
CA VAL A 193 -14.51 9.20 31.84
C VAL A 193 -15.75 10.06 32.18
N ALA A 194 -16.43 10.62 31.17
CA ALA A 194 -17.68 11.37 31.39
C ALA A 194 -18.69 10.48 32.13
N ASP A 195 -18.81 9.22 31.70
CA ASP A 195 -19.79 8.31 32.30
C ASP A 195 -19.42 7.99 33.75
N ASP A 196 -18.17 7.53 33.97
CA ASP A 196 -17.75 6.98 35.25
C ASP A 196 -17.52 8.09 36.27
N TYR A 197 -17.12 9.30 35.82
CA TYR A 197 -16.88 10.39 36.76
C TYR A 197 -18.04 11.40 36.81
N GLN A 198 -19.12 11.12 36.06
CA GLN A 198 -20.31 11.95 36.01
C GLN A 198 -19.96 13.40 35.64
N VAL A 199 -19.44 13.57 34.42
CA VAL A 199 -19.10 14.90 33.91
C VAL A 199 -20.08 15.19 32.79
N SER A 200 -20.99 16.15 33.02
CA SER A 200 -22.10 16.44 32.12
C SER A 200 -21.61 17.07 30.81
N ARG A 201 -22.35 16.84 29.73
CA ARG A 201 -22.18 17.54 28.48
C ARG A 201 -22.16 19.05 28.74
N ALA A 202 -23.08 19.54 29.58
CA ALA A 202 -23.13 20.98 29.80
C ALA A 202 -21.81 21.52 30.39
N ASP A 203 -21.24 20.79 31.36
CA ASP A 203 -20.04 21.24 32.05
C ASP A 203 -18.86 21.16 31.09
N GLN A 204 -18.87 20.14 30.23
CA GLN A 204 -17.83 19.94 29.23
C GLN A 204 -17.83 21.13 28.25
N ASP A 205 -19.02 21.46 27.72
CA ASP A 205 -19.15 22.58 26.80
C ASP A 205 -18.77 23.91 27.45
N ALA A 206 -19.12 24.10 28.72
CA ALA A 206 -18.75 25.32 29.42
C ALA A 206 -17.22 25.41 29.53
N PHE A 207 -16.55 24.28 29.81
CA PHE A 207 -15.09 24.24 29.91
C PHE A 207 -14.44 24.60 28.54
N ALA A 208 -14.99 24.05 27.45
CA ALA A 208 -14.51 24.23 26.09
C ALA A 208 -14.64 25.70 25.69
N LEU A 209 -15.75 26.32 26.12
CA LEU A 209 -15.98 27.73 25.80
C LEU A 209 -14.93 28.61 26.46
N ARG A 210 -14.65 28.33 27.74
CA ARG A 210 -13.68 29.08 28.52
C ARG A 210 -12.29 28.93 27.89
N SER A 211 -11.95 27.73 27.42
CA SER A 211 -10.68 27.54 26.72
C SER A 211 -10.59 28.46 25.49
N GLN A 212 -11.64 28.48 24.65
CA GLN A 212 -11.65 29.32 23.47
C GLN A 212 -11.54 30.80 23.86
N GLN A 213 -12.33 31.23 24.87
CA GLN A 213 -12.33 32.61 25.31
C GLN A 213 -10.95 33.04 25.80
N LYS A 214 -10.32 32.19 26.63
CA LYS A 214 -9.05 32.56 27.22
C LYS A 214 -7.95 32.57 26.16
N ALA A 215 -7.98 31.58 25.25
CA ALA A 215 -7.03 31.53 24.13
C ALA A 215 -7.19 32.76 23.24
N ALA A 216 -8.43 33.15 22.94
CA ALA A 216 -8.65 34.32 22.09
C ALA A 216 -8.05 35.57 22.73
N ALA A 217 -8.26 35.72 24.05
CA ALA A 217 -7.76 36.87 24.80
C ALA A 217 -6.22 36.89 24.83
N ALA A 218 -5.59 35.72 25.05
CA ALA A 218 -4.14 35.60 25.09
C ALA A 218 -3.55 35.90 23.72
N GLN A 219 -4.18 35.41 22.65
CA GLN A 219 -3.70 35.68 21.31
C GLN A 219 -3.72 37.19 21.02
N ALA A 220 -4.84 37.83 21.36
CA ALA A 220 -5.01 39.27 21.13
C ALA A 220 -4.01 40.07 21.94
N ALA A 221 -3.64 39.58 23.14
CA ALA A 221 -2.72 40.27 24.03
C ALA A 221 -1.27 40.10 23.57
N GLY A 222 -1.01 39.25 22.56
CA GLY A 222 0.34 39.00 22.07
C GLY A 222 1.11 37.95 22.89
N PHE A 223 0.38 37.23 23.74
CA PHE A 223 0.98 36.25 24.63
C PHE A 223 1.57 35.08 23.84
N PHE A 224 0.81 34.52 22.89
CA PHE A 224 1.36 33.41 22.11
C PHE A 224 2.48 33.91 21.21
N ALA A 225 2.36 35.16 20.71
CA ALA A 225 3.40 35.71 19.85
C ALA A 225 4.78 35.68 20.55
N GLU A 226 4.81 35.85 21.87
CA GLU A 226 6.07 35.85 22.60
C GLU A 226 6.71 34.45 22.59
N GLU A 227 5.89 33.40 22.40
CA GLU A 227 6.39 32.03 22.45
C GLU A 227 6.76 31.53 21.05
N ILE A 228 6.34 32.25 19.99
CA ILE A 228 6.34 31.68 18.64
C ILE A 228 7.48 32.21 17.76
N VAL A 229 8.06 31.29 16.99
CA VAL A 229 8.84 31.65 15.82
C VAL A 229 8.07 31.25 14.57
N PRO A 230 8.09 32.06 13.49
CA PRO A 230 7.32 31.71 12.31
C PRO A 230 7.93 30.55 11.55
N VAL A 231 7.09 29.87 10.77
CA VAL A 231 7.56 28.80 9.89
C VAL A 231 7.43 29.30 8.45
N ARG A 232 8.49 29.12 7.67
CA ARG A 232 8.45 29.48 6.25
C ARG A 232 7.91 28.32 5.41
N ILE A 233 7.02 28.62 4.46
CA ILE A 233 6.29 27.67 3.65
C ILE A 233 6.59 27.99 2.19
N ALA A 234 6.94 26.96 1.40
CA ALA A 234 7.12 27.05 -0.05
C ALA A 234 5.85 27.54 -0.72
N HIS A 235 5.99 28.48 -1.65
CA HIS A 235 4.85 28.92 -2.44
C HIS A 235 5.32 29.36 -3.82
N LYS A 236 4.52 29.07 -4.86
CA LYS A 236 4.89 29.26 -6.26
C LYS A 236 5.41 30.67 -6.53
N LYS A 237 4.80 31.70 -5.94
CA LYS A 237 5.25 33.05 -6.25
C LYS A 237 6.07 33.65 -5.11
N GLY A 238 6.74 32.82 -4.29
CA GLY A 238 7.53 33.35 -3.20
C GLY A 238 7.05 32.81 -1.84
N GLU A 239 8.02 32.49 -0.97
CA GLU A 239 7.62 31.81 0.24
C GLU A 239 6.77 32.74 1.11
N ILE A 240 5.92 32.10 1.93
CA ILE A 240 5.09 32.80 2.89
C ILE A 240 5.46 32.33 4.30
N ILE A 241 5.00 33.09 5.29
CA ILE A 241 5.23 32.74 6.68
C ILE A 241 3.92 32.42 7.38
N VAL A 242 3.97 31.44 8.29
CA VAL A 242 2.91 31.11 9.22
C VAL A 242 3.35 31.62 10.60
N GLU A 243 2.58 32.57 11.14
CA GLU A 243 2.95 33.30 12.35
C GLU A 243 2.02 32.96 13.52
N ARG A 244 0.78 32.50 13.25
CA ARG A 244 -0.22 32.40 14.29
C ARG A 244 -0.73 30.97 14.40
N ASP A 245 -1.08 30.57 15.62
CA ASP A 245 -1.78 29.31 15.85
C ASP A 245 -3.11 29.29 15.10
N GLU A 246 -3.38 28.19 14.37
CA GLU A 246 -4.47 28.12 13.39
C GLU A 246 -5.75 27.49 13.97
N HIS A 247 -5.64 26.76 15.11
CA HIS A 247 -6.73 25.92 15.58
C HIS A 247 -7.84 26.70 16.30
N LEU A 248 -7.53 27.90 16.79
CA LEU A 248 -8.43 28.65 17.67
C LEU A 248 -9.74 28.91 16.95
N ARG A 249 -10.84 28.82 17.70
N ARG A 249 -10.84 28.82 17.70
CA ARG A 249 -12.17 29.18 17.22
CA ARG A 249 -12.16 29.21 17.21
C ARG A 249 -12.73 30.26 18.13
C ARG A 249 -12.73 30.26 18.14
N PRO A 250 -12.21 31.51 18.04
CA PRO A 250 -12.56 32.57 19.00
C PRO A 250 -14.04 32.96 19.02
N GLU A 251 -14.76 32.65 17.93
CA GLU A 251 -16.17 33.02 17.85
C GLU A 251 -17.10 31.94 18.43
N THR A 252 -16.54 30.88 19.02
CA THR A 252 -17.36 29.83 19.62
C THR A 252 -18.34 30.43 20.63
N THR A 253 -19.57 29.91 20.61
CA THR A 253 -20.50 30.25 21.69
C THR A 253 -21.02 28.95 22.29
N LEU A 254 -21.57 29.05 23.52
CA LEU A 254 -22.19 27.91 24.18
C LEU A 254 -23.27 27.29 23.27
N GLU A 255 -24.05 28.14 22.60
CA GLU A 255 -25.06 27.63 21.69
C GLU A 255 -24.47 26.77 20.57
N ALA A 256 -23.32 27.18 20.00
CA ALA A 256 -22.73 26.39 18.93
C ALA A 256 -22.28 25.01 19.42
N LEU A 257 -21.68 25.00 20.62
CA LEU A 257 -21.19 23.76 21.22
C LEU A 257 -22.35 22.82 21.51
N THR A 258 -23.48 23.39 21.94
CA THR A 258 -24.63 22.62 22.39
C THR A 258 -25.22 21.83 21.22
N LYS A 259 -25.09 22.39 20.01
CA LYS A 259 -25.72 21.82 18.83
C LYS A 259 -24.87 20.70 18.22
N LEU A 260 -23.58 20.59 18.58
CA LEU A 260 -22.74 19.58 17.92
C LEU A 260 -23.20 18.16 18.30
N LYS A 261 -22.94 17.23 17.39
CA LYS A 261 -23.26 15.83 17.60
C LYS A 261 -22.06 15.16 18.30
N PRO A 262 -22.29 14.17 19.20
CA PRO A 262 -21.18 13.46 19.82
C PRO A 262 -20.40 12.68 18.78
N VAL A 263 -19.10 12.48 19.04
CA VAL A 263 -18.27 11.72 18.12
C VAL A 263 -18.74 10.26 18.02
N ASN A 264 -19.19 9.69 19.15
CA ASN A 264 -19.34 8.25 19.22
C ASN A 264 -20.82 7.87 19.27
N GLY A 265 -21.67 8.76 18.77
CA GLY A 265 -23.04 8.29 18.70
C GLY A 265 -23.94 9.04 19.66
N PRO A 266 -25.26 8.92 19.39
CA PRO A 266 -26.20 10.00 19.69
C PRO A 266 -26.39 10.28 21.16
N ASP A 267 -26.16 9.25 21.99
CA ASP A 267 -26.43 9.27 23.42
C ASP A 267 -25.21 9.69 24.23
N LYS A 268 -24.04 9.91 23.58
CA LYS A 268 -22.78 10.17 24.28
C LYS A 268 -22.58 11.68 24.51
N THR A 269 -21.40 12.10 24.98
CA THR A 269 -21.20 13.50 25.42
C THR A 269 -19.98 14.18 24.76
N VAL A 270 -18.97 13.41 24.34
CA VAL A 270 -17.77 13.99 23.75
C VAL A 270 -18.04 14.42 22.31
N THR A 271 -17.73 15.68 21.97
CA THR A 271 -17.87 16.14 20.58
C THR A 271 -16.54 16.70 20.09
N ALA A 272 -16.49 17.06 18.79
CA ALA A 272 -15.30 17.71 18.26
C ALA A 272 -15.09 19.07 18.93
N GLY A 273 -16.15 19.69 19.49
CA GLY A 273 -16.01 21.02 20.08
C GLY A 273 -15.54 21.00 21.52
N ASN A 274 -15.63 19.83 22.19
CA ASN A 274 -15.14 19.77 23.57
C ASN A 274 -13.97 18.78 23.69
N ALA A 275 -13.33 18.52 22.55
CA ALA A 275 -12.11 17.70 22.45
C ALA A 275 -10.97 18.53 21.83
N SER A 276 -9.73 18.17 22.18
CA SER A 276 -8.54 18.60 21.46
C SER A 276 -8.61 18.14 20.00
N GLY A 277 -7.79 18.75 19.14
CA GLY A 277 -7.80 18.30 17.76
C GLY A 277 -6.54 17.50 17.44
N VAL A 278 -6.39 17.18 16.14
CA VAL A 278 -5.22 16.55 15.55
C VAL A 278 -4.44 17.63 14.85
N ASN A 279 -3.12 17.76 15.11
CA ASN A 279 -2.45 19.02 14.75
C ASN A 279 -0.96 18.81 14.51
N ASP A 280 -0.30 19.88 14.03
CA ASP A 280 1.12 19.87 13.70
C ASP A 280 1.86 20.96 14.48
N GLY A 281 3.09 20.67 14.94
CA GLY A 281 3.93 21.70 15.55
C GLY A 281 5.18 21.15 16.23
N ALA A 282 6.06 22.08 16.69
CA ALA A 282 7.29 21.65 17.38
C ALA A 282 7.65 22.72 18.41
N ALA A 283 8.40 22.30 19.44
CA ALA A 283 8.83 23.25 20.46
C ALA A 283 10.16 22.76 21.02
N ALA A 284 10.96 23.69 21.58
CA ALA A 284 12.22 23.28 22.18
C ALA A 284 12.64 24.31 23.23
N MET A 285 13.48 23.85 24.17
CA MET A 285 13.97 24.74 25.24
C MET A 285 15.33 24.27 25.72
N ILE A 286 16.07 25.18 26.37
CA ILE A 286 17.42 24.85 26.86
C ILE A 286 17.31 24.54 28.35
N LEU A 287 17.99 23.49 28.82
CA LEU A 287 18.14 23.23 30.25
C LEU A 287 19.63 23.23 30.54
N ALA A 288 20.01 23.72 31.73
CA ALA A 288 21.42 23.91 32.03
C ALA A 288 21.65 23.82 33.54
N SER A 289 22.82 23.29 33.93
CA SER A 289 23.29 23.40 35.32
C SER A 289 23.67 24.85 35.60
N ALA A 290 23.87 25.19 36.90
CA ALA A 290 24.35 26.53 37.25
C ALA A 290 25.64 26.89 36.51
N ALA A 291 26.60 25.95 36.44
CA ALA A 291 27.88 26.20 35.78
C ALA A 291 27.70 26.50 34.30
N ALA A 292 26.82 25.75 33.64
CA ALA A 292 26.58 25.98 32.23
C ALA A 292 25.83 27.32 32.02
N VAL A 293 24.88 27.66 32.90
CA VAL A 293 24.22 28.97 32.80
C VAL A 293 25.26 30.08 32.74
N LYS A 294 26.24 30.01 33.64
CA LYS A 294 27.29 31.02 33.70
C LYS A 294 28.12 31.03 32.41
N LYS A 295 28.68 29.87 32.04
CA LYS A 295 29.64 29.74 30.96
C LYS A 295 29.04 30.18 29.62
N HIS A 296 27.74 29.95 29.40
CA HIS A 296 27.12 30.18 28.11
C HIS A 296 26.28 31.47 28.08
N GLY A 297 26.36 32.29 29.13
CA GLY A 297 25.63 33.55 29.23
C GLY A 297 24.10 33.44 29.14
N LEU A 298 23.55 32.36 29.70
CA LEU A 298 22.13 32.11 29.59
C LEU A 298 21.40 32.82 30.73
N THR A 299 20.09 33.00 30.56
CA THR A 299 19.19 33.53 31.58
C THR A 299 18.43 32.37 32.22
N PRO A 300 18.73 32.04 33.49
CA PRO A 300 18.01 30.98 34.17
C PRO A 300 16.60 31.50 34.44
N ARG A 301 15.55 30.77 34.02
CA ARG A 301 14.21 31.32 34.13
C ARG A 301 13.42 30.58 35.20
N ALA A 302 13.70 29.27 35.36
CA ALA A 302 13.01 28.46 36.36
C ALA A 302 13.94 27.31 36.73
N ARG A 303 13.70 26.79 37.93
CA ARG A 303 14.37 25.56 38.32
C ARG A 303 13.35 24.46 38.12
N VAL A 304 13.82 23.30 37.66
CA VAL A 304 12.94 22.14 37.56
C VAL A 304 12.92 21.45 38.92
N LEU A 305 11.72 21.20 39.43
CA LEU A 305 11.64 20.57 40.74
C LEU A 305 11.61 19.05 40.64
N GLY A 306 10.84 18.50 39.68
CA GLY A 306 10.78 17.04 39.55
C GLY A 306 9.69 16.64 38.56
N MET A 307 9.70 15.36 38.21
CA MET A 307 8.69 14.77 37.33
C MET A 307 8.23 13.44 37.92
N ALA A 308 6.93 13.13 37.73
CA ALA A 308 6.46 11.81 38.11
C ALA A 308 5.46 11.31 37.06
N SER A 309 5.37 9.97 36.93
CA SER A 309 4.45 9.33 36.00
C SER A 309 3.51 8.41 36.80
N GLY A 310 2.34 8.15 36.23
CA GLY A 310 1.37 7.25 36.87
C GLY A 310 0.61 6.47 35.79
N GLY A 311 0.13 5.27 36.14
CA GLY A 311 -0.72 4.55 35.21
C GLY A 311 -2.13 4.34 35.75
N VAL A 312 -3.07 4.16 34.81
CA VAL A 312 -4.49 3.96 35.09
C VAL A 312 -5.03 2.95 34.06
N ALA A 313 -6.28 2.53 34.24
CA ALA A 313 -6.88 1.65 33.24
C ALA A 313 -6.87 2.34 31.86
N PRO A 314 -6.42 1.65 30.77
CA PRO A 314 -6.50 2.23 29.41
C PRO A 314 -7.87 2.83 29.10
N ARG A 315 -8.95 2.19 29.54
CA ARG A 315 -10.29 2.61 29.15
C ARG A 315 -10.68 3.97 29.74
N VAL A 316 -9.96 4.45 30.78
CA VAL A 316 -10.20 5.78 31.31
C VAL A 316 -8.88 6.56 31.36
N MET A 317 -8.13 6.53 30.25
N MET A 317 -8.11 6.51 30.27
CA MET A 317 -6.77 7.07 30.21
CA MET A 317 -6.76 7.06 30.27
C MET A 317 -6.75 8.54 30.64
C MET A 317 -6.75 8.53 30.68
N GLY A 318 -7.85 9.27 30.43
CA GLY A 318 -7.87 10.71 30.69
C GLY A 318 -7.71 11.04 32.18
N ILE A 319 -7.92 10.03 33.08
CA ILE A 319 -7.75 10.27 34.50
C ILE A 319 -6.29 10.04 34.93
N GLY A 320 -5.44 9.61 33.99
CA GLY A 320 -4.01 9.42 34.25
C GLY A 320 -3.31 10.52 35.03
N PRO A 321 -3.54 11.83 34.80
CA PRO A 321 -2.88 12.88 35.59
C PRO A 321 -3.00 12.76 37.12
N VAL A 322 -4.11 12.18 37.60
CA VAL A 322 -4.38 12.17 39.03
C VAL A 322 -3.27 11.43 39.78
N PRO A 323 -2.93 10.16 39.47
CA PRO A 323 -1.83 9.50 40.21
C PRO A 323 -0.46 10.13 39.96
N ALA A 324 -0.24 10.66 38.75
CA ALA A 324 1.02 11.37 38.45
C ALA A 324 1.20 12.60 39.35
N VAL A 325 0.16 13.45 39.42
CA VAL A 325 0.22 14.65 40.25
C VAL A 325 0.36 14.26 41.72
N ARG A 326 -0.40 13.25 42.17
CA ARG A 326 -0.31 12.91 43.58
C ARG A 326 1.08 12.38 43.93
N LYS A 327 1.63 11.50 43.08
CA LYS A 327 2.98 10.99 43.28
C LYS A 327 4.01 12.12 43.36
N LEU A 328 3.93 13.09 42.43
CA LEU A 328 4.89 14.17 42.38
C LEU A 328 4.78 15.07 43.62
N THR A 329 3.57 15.51 43.92
CA THR A 329 3.39 16.50 44.97
C THR A 329 3.69 15.90 46.34
N GLU A 330 3.33 14.63 46.56
CA GLU A 330 3.67 13.92 47.79
C GLU A 330 5.18 13.87 48.01
N ARG A 331 5.94 13.54 46.94
CA ARG A 331 7.40 13.46 47.06
C ARG A 331 8.02 14.83 47.31
N LEU A 332 7.52 15.86 46.62
CA LEU A 332 8.10 17.19 46.73
C LEU A 332 7.61 17.89 47.99
N GLY A 333 6.54 17.35 48.60
CA GLY A 333 5.86 18.00 49.72
C GLY A 333 5.26 19.38 49.38
N ILE A 334 4.54 19.48 48.25
CA ILE A 334 3.86 20.68 47.76
C ILE A 334 2.39 20.29 47.60
N ALA A 335 1.44 21.12 48.08
CA ALA A 335 0.03 20.84 47.86
C ALA A 335 -0.34 21.32 46.46
N VAL A 336 -1.32 20.66 45.81
CA VAL A 336 -1.83 21.11 44.52
C VAL A 336 -2.21 22.60 44.61
N SER A 337 -2.83 23.00 45.74
CA SER A 337 -3.30 24.36 45.92
C SER A 337 -2.17 25.38 46.03
N ASP A 338 -0.91 24.93 46.19
CA ASP A 338 0.27 25.79 46.29
C ASP A 338 0.74 26.29 44.92
N PHE A 339 0.30 25.65 43.82
CA PHE A 339 0.78 26.07 42.51
C PHE A 339 0.12 27.38 42.07
N ASP A 340 0.94 28.30 41.50
CA ASP A 340 0.47 29.57 40.93
C ASP A 340 -0.05 29.42 39.49
N VAL A 341 0.40 28.40 38.76
CA VAL A 341 -0.21 28.03 37.49
C VAL A 341 -0.30 26.50 37.47
N ILE A 342 -1.40 26.02 36.92
CA ILE A 342 -1.55 24.62 36.55
C ILE A 342 -1.87 24.58 35.07
N GLU A 343 -0.94 24.03 34.26
CA GLU A 343 -1.23 23.79 32.86
C GLU A 343 -1.65 22.32 32.76
N LEU A 344 -2.97 22.10 32.67
CA LEU A 344 -3.54 20.78 32.53
C LEU A 344 -3.90 20.56 31.06
N ASN A 345 -3.29 19.55 30.44
CA ASN A 345 -3.55 19.20 29.05
C ASN A 345 -5.05 18.98 28.84
N GLU A 346 -5.60 19.62 27.80
CA GLU A 346 -7.03 19.50 27.52
C GLU A 346 -7.22 18.50 26.39
N ALA A 347 -6.85 17.24 26.61
CA ALA A 347 -7.16 16.23 25.59
C ALA A 347 -8.67 16.23 25.32
N PHE A 348 -9.46 16.25 26.41
CA PHE A 348 -10.93 16.29 26.34
C PHE A 348 -11.43 17.04 27.56
N ALA A 349 -12.47 17.87 27.37
CA ALA A 349 -13.05 18.59 28.49
C ALA A 349 -13.48 17.58 29.57
N SER A 350 -14.01 16.42 29.15
CA SER A 350 -14.50 15.46 30.17
C SER A 350 -13.38 15.06 31.12
N GLN A 351 -12.19 14.75 30.57
CA GLN A 351 -11.07 14.33 31.42
C GLN A 351 -10.43 15.51 32.16
N GLY A 352 -10.41 16.69 31.55
CA GLY A 352 -9.90 17.86 32.22
C GLY A 352 -10.68 18.14 33.50
N LEU A 353 -12.01 18.17 33.38
CA LEU A 353 -12.88 18.38 34.53
C LEU A 353 -12.75 17.26 35.56
N ALA A 354 -12.77 16.00 35.13
CA ALA A 354 -12.65 14.88 36.06
C ALA A 354 -11.35 14.97 36.88
N VAL A 355 -10.23 15.34 36.23
CA VAL A 355 -8.96 15.44 36.92
C VAL A 355 -9.04 16.52 38.01
N LEU A 356 -9.55 17.71 37.62
CA LEU A 356 -9.64 18.83 38.55
C LEU A 356 -10.49 18.44 39.75
N ARG A 357 -11.64 17.80 39.47
CA ARG A 357 -12.53 17.40 40.56
C ARG A 357 -11.84 16.40 41.49
N GLU A 358 -11.11 15.42 40.92
CA GLU A 358 -10.37 14.48 41.78
C GLU A 358 -9.28 15.17 42.59
N LEU A 359 -8.65 16.21 42.06
CA LEU A 359 -7.58 16.92 42.74
C LEU A 359 -8.09 18.01 43.68
N GLY A 360 -9.43 18.19 43.74
CA GLY A 360 -10.03 19.24 44.59
C GLY A 360 -9.84 20.68 44.08
N VAL A 361 -9.72 20.84 42.77
CA VAL A 361 -9.59 22.16 42.16
C VAL A 361 -10.89 22.49 41.43
N ALA A 362 -11.38 23.73 41.58
CA ALA A 362 -12.63 24.13 40.94
C ALA A 362 -12.51 24.00 39.41
N ASP A 363 -13.64 23.67 38.78
CA ASP A 363 -13.75 23.54 37.31
C ASP A 363 -13.23 24.78 36.59
N ASP A 364 -13.30 25.96 37.24
CA ASP A 364 -12.95 27.21 36.59
C ASP A 364 -11.90 27.97 37.40
N ALA A 365 -11.13 27.24 38.23
CA ALA A 365 -10.12 27.83 39.08
C ALA A 365 -9.23 28.78 38.27
N PRO A 366 -8.94 30.01 38.77
CA PRO A 366 -8.29 31.01 37.93
C PRO A 366 -6.86 30.63 37.53
N GLN A 367 -6.20 29.74 38.29
CA GLN A 367 -4.80 29.40 38.02
C GLN A 367 -4.70 28.28 36.98
N VAL A 368 -5.84 27.70 36.60
CA VAL A 368 -5.85 26.59 35.66
C VAL A 368 -5.98 27.14 34.23
N ASN A 369 -5.01 26.76 33.37
CA ASN A 369 -5.05 27.08 31.96
C ASN A 369 -5.52 28.52 31.74
N PRO A 370 -4.86 29.53 32.33
CA PRO A 370 -5.33 30.92 32.26
C PRO A 370 -5.35 31.49 30.83
N ASN A 371 -4.60 30.85 29.92
CA ASN A 371 -4.50 31.29 28.54
C ASN A 371 -5.18 30.30 27.59
N GLY A 372 -6.04 29.43 28.14
CA GLY A 372 -6.68 28.39 27.36
C GLY A 372 -5.76 27.18 27.19
N GLY A 373 -6.19 26.21 26.38
CA GLY A 373 -5.38 25.01 26.23
C GLY A 373 -5.75 24.30 24.93
N ALA A 374 -5.53 22.97 24.89
CA ALA A 374 -5.53 22.23 23.63
C ALA A 374 -6.88 22.20 22.89
N ILE A 375 -7.99 22.44 23.60
CA ILE A 375 -9.25 22.48 22.86
C ILE A 375 -9.20 23.64 21.85
N ALA A 376 -8.71 24.80 22.31
CA ALA A 376 -8.53 25.96 21.43
C ALA A 376 -7.26 25.84 20.58
N LEU A 377 -6.15 25.41 21.18
CA LEU A 377 -4.85 25.51 20.51
C LEU A 377 -4.47 24.30 19.65
N GLY A 378 -5.06 23.13 19.94
CA GLY A 378 -4.70 21.89 19.26
C GLY A 378 -3.58 21.16 20.02
N ALA A 379 -3.26 19.92 19.59
CA ALA A 379 -2.38 19.08 20.38
C ALA A 379 -1.58 18.15 19.48
N PRO A 380 -0.49 18.63 18.84
CA PRO A 380 0.42 17.71 18.15
C PRO A 380 1.11 16.87 19.22
N LEU A 381 0.94 15.53 19.17
CA LEU A 381 1.22 14.67 20.33
C LEU A 381 2.62 14.95 20.92
N GLY A 382 3.68 14.84 20.09
CA GLY A 382 5.04 14.96 20.60
C GLY A 382 5.37 16.35 21.15
N MET A 383 4.73 17.39 20.61
CA MET A 383 5.02 18.77 20.98
C MET A 383 4.32 19.16 22.28
N SER A 384 3.13 18.61 22.53
CA SER A 384 2.21 19.21 23.51
C SER A 384 2.88 19.37 24.88
N GLY A 385 3.53 18.31 25.36
CA GLY A 385 4.08 18.37 26.71
C GLY A 385 5.21 19.38 26.87
N ALA A 386 6.00 19.60 25.80
CA ALA A 386 7.01 20.65 25.77
C ALA A 386 6.31 22.02 25.79
N ARG A 387 5.21 22.16 25.02
CA ARG A 387 4.46 23.42 25.05
C ARG A 387 3.96 23.70 26.47
N LEU A 388 3.42 22.67 27.16
CA LEU A 388 2.83 22.93 28.47
C LEU A 388 3.90 23.43 29.44
N VAL A 389 5.13 22.90 29.38
CA VAL A 389 6.17 23.32 30.31
C VAL A 389 6.57 24.77 29.98
N LEU A 390 6.75 25.06 28.69
CA LEU A 390 7.26 26.39 28.38
C LEU A 390 6.20 27.45 28.62
N THR A 391 4.92 27.11 28.41
CA THR A 391 3.85 28.08 28.61
C THR A 391 3.57 28.31 30.10
N ALA A 392 3.66 27.25 30.90
CA ALA A 392 3.59 27.39 32.35
C ALA A 392 4.63 28.40 32.83
N LEU A 393 5.88 28.27 32.35
CA LEU A 393 6.94 29.17 32.80
C LEU A 393 6.63 30.61 32.34
N HIS A 394 6.21 30.75 31.08
CA HIS A 394 5.83 32.03 30.51
C HIS A 394 4.76 32.71 31.37
N GLN A 395 3.71 31.96 31.73
CA GLN A 395 2.62 32.46 32.57
C GLN A 395 3.13 32.86 33.95
N LEU A 396 4.05 32.09 34.56
CA LEU A 396 4.63 32.45 35.86
C LEU A 396 5.35 33.81 35.76
N GLU A 397 6.09 34.03 34.66
CA GLU A 397 6.75 35.30 34.40
C GLU A 397 5.78 36.48 34.32
N LYS A 398 4.72 36.31 33.52
CA LYS A 398 3.72 37.35 33.33
C LYS A 398 3.00 37.66 34.65
N SER A 399 2.66 36.64 35.42
CA SER A 399 1.85 36.82 36.62
C SER A 399 2.65 37.18 37.88
N GLY A 400 3.97 37.00 37.85
CA GLY A 400 4.81 37.07 39.04
C GLY A 400 4.68 35.85 39.96
N GLY A 401 3.98 34.78 39.52
CA GLY A 401 3.85 33.60 40.36
C GLY A 401 5.17 32.85 40.52
N ARG A 402 5.18 31.91 41.48
CA ARG A 402 6.39 31.18 41.84
C ARG A 402 6.38 29.75 41.29
N LYS A 403 5.44 28.92 41.74
CA LYS A 403 5.52 27.50 41.39
C LYS A 403 4.51 27.15 40.30
N GLY A 404 4.94 26.30 39.34
CA GLY A 404 4.03 25.90 38.28
C GLY A 404 3.97 24.38 38.14
N LEU A 405 2.78 23.87 37.80
CA LEU A 405 2.60 22.44 37.54
C LEU A 405 2.08 22.28 36.11
N ALA A 406 2.65 21.31 35.37
CA ALA A 406 2.17 20.99 34.03
C ALA A 406 1.91 19.50 34.09
N THR A 407 0.75 19.09 33.58
CA THR A 407 0.46 17.66 33.67
C THR A 407 -0.43 17.25 32.51
N MET A 408 -0.35 15.97 32.17
CA MET A 408 -1.15 15.53 31.02
C MET A 408 -1.39 14.03 31.02
N CSO A 409 -2.42 13.65 30.24
N CSO A 409 -2.41 13.65 30.25
CA CSO A 409 -2.85 12.27 30.07
CA CSO A 409 -2.78 12.25 30.13
CB CSO A 409 -4.38 12.14 29.98
CB CSO A 409 -4.28 12.11 30.02
SG CSO A 409 -5.12 12.77 28.43
SG CSO A 409 -5.01 13.10 28.68
C CSO A 409 -2.14 11.63 28.88
C CSO A 409 -2.04 11.61 28.95
O CSO A 409 -1.60 12.33 28.00
O CSO A 409 -1.37 12.31 28.16
OD CSO A 409 -4.65 14.35 28.45
OD CSO A 409 -6.62 12.79 28.73
N VAL A 410 -2.12 10.29 28.87
CA VAL A 410 -1.38 9.50 27.89
C VAL A 410 -2.28 8.37 27.44
N GLY A 411 -2.38 8.17 26.11
CA GLY A 411 -3.15 7.04 25.61
C GLY A 411 -2.66 5.72 26.23
N VAL A 412 -3.56 4.74 26.30
CA VAL A 412 -3.31 3.43 26.91
C VAL A 412 -3.05 3.56 28.43
N GLY A 413 -3.47 4.68 29.03
CA GLY A 413 -3.65 4.75 30.47
C GLY A 413 -2.43 5.25 31.24
N GLN A 414 -1.96 6.48 30.97
CA GLN A 414 -0.92 7.03 31.84
C GLN A 414 -1.15 8.52 32.09
N GLY A 415 -0.37 9.05 33.05
CA GLY A 415 -0.30 10.48 33.28
C GLY A 415 1.15 10.87 33.59
N LEU A 416 1.48 12.13 33.29
CA LEU A 416 2.81 12.64 33.57
C LEU A 416 2.64 14.04 34.19
N ALA A 417 3.48 14.38 35.16
CA ALA A 417 3.38 15.66 35.84
C ALA A 417 4.81 16.20 36.01
N LEU A 418 4.97 17.51 35.84
CA LEU A 418 6.30 18.10 36.02
C LEU A 418 6.13 19.46 36.72
N ALA A 419 6.95 19.71 37.75
CA ALA A 419 6.85 20.94 38.55
C ALA A 419 8.09 21.82 38.34
N ILE A 420 7.86 23.13 38.28
CA ILE A 420 8.94 24.09 38.13
C ILE A 420 8.75 25.24 39.14
N GLU A 421 9.84 25.97 39.38
CA GLU A 421 9.77 27.18 40.22
C GLU A 421 10.52 28.31 39.54
N ARG A 422 9.84 29.46 39.35
CA ARG A 422 10.42 30.64 38.72
C ARG A 422 11.61 31.15 39.55
N VAL A 423 12.66 31.53 38.81
CA VAL A 423 13.86 32.28 39.18
C VAL A 423 14.97 31.36 39.69
N SER B 23 -22.95 -16.27 -48.12
CA SER B 23 -22.34 -14.95 -47.68
C SER B 23 -21.54 -15.07 -46.37
N MET B 24 -22.13 -15.55 -45.27
CA MET B 24 -21.37 -15.84 -44.06
C MET B 24 -20.39 -17.00 -44.30
N HIS B 25 -19.24 -16.97 -43.64
N HIS B 25 -19.23 -16.96 -43.63
CA HIS B 25 -18.21 -17.97 -43.88
CA HIS B 25 -18.21 -17.96 -43.85
C HIS B 25 -18.16 -18.99 -42.75
C HIS B 25 -18.23 -19.00 -42.73
N ASP B 26 -17.98 -20.27 -43.09
CA ASP B 26 -17.80 -21.31 -42.08
C ASP B 26 -16.49 -21.09 -41.33
N VAL B 27 -16.49 -21.44 -40.04
CA VAL B 27 -15.35 -21.27 -39.16
C VAL B 27 -15.00 -22.58 -38.48
N PHE B 28 -13.71 -22.96 -38.54
CA PHE B 28 -13.24 -24.21 -37.97
C PHE B 28 -12.29 -24.02 -36.82
N ILE B 29 -12.57 -24.72 -35.70
CA ILE B 29 -11.56 -24.85 -34.66
C ILE B 29 -10.57 -25.92 -35.12
N CYS B 30 -9.28 -25.56 -35.07
CA CYS B 30 -8.20 -26.47 -35.43
C CYS B 30 -7.48 -26.91 -34.15
N ASP B 31 -6.15 -26.86 -34.13
CA ASP B 31 -5.42 -27.27 -32.93
C ASP B 31 -5.79 -26.45 -31.69
N ALA B 32 -5.69 -27.11 -30.52
CA ALA B 32 -5.96 -26.47 -29.24
C ALA B 32 -5.07 -27.13 -28.20
N ILE B 33 -4.63 -26.36 -27.20
CA ILE B 33 -3.73 -26.86 -26.19
C ILE B 33 -3.92 -26.00 -24.92
N ARG B 34 -3.55 -26.53 -23.74
CA ARG B 34 -3.62 -25.74 -22.52
C ARG B 34 -2.43 -26.10 -21.60
N THR B 35 -2.16 -25.21 -20.64
CA THR B 35 -1.26 -25.59 -19.55
C THR B 35 -2.00 -26.53 -18.61
N PRO B 36 -1.30 -27.18 -17.65
CA PRO B 36 -2.00 -27.78 -16.51
C PRO B 36 -2.64 -26.63 -15.71
N ILE B 37 -3.63 -26.94 -14.86
CA ILE B 37 -4.20 -25.97 -13.93
C ILE B 37 -3.53 -26.15 -12.58
N GLY B 38 -2.92 -25.06 -12.06
CA GLY B 38 -2.23 -25.05 -10.78
C GLY B 38 -3.18 -24.64 -9.63
N ARG B 39 -2.92 -25.12 -8.40
CA ARG B 39 -3.65 -24.62 -7.23
C ARG B 39 -3.13 -23.22 -6.83
N PHE B 40 -3.97 -22.44 -6.12
CA PHE B 40 -3.56 -21.15 -5.58
C PHE B 40 -2.27 -21.32 -4.77
N GLY B 41 -1.24 -20.53 -5.08
CA GLY B 41 0.02 -20.62 -4.34
C GLY B 41 0.81 -21.88 -4.64
N GLY B 42 0.36 -22.66 -5.63
CA GLY B 42 0.90 -23.97 -5.97
C GLY B 42 1.87 -23.95 -7.16
N ALA B 43 1.75 -24.97 -8.02
CA ALA B 43 2.77 -25.32 -9.02
C ALA B 43 3.11 -24.19 -10.01
N LEU B 44 2.14 -23.31 -10.31
CA LEU B 44 2.33 -22.28 -11.34
C LEU B 44 2.34 -20.89 -10.70
N ALA B 45 2.36 -20.83 -9.36
CA ALA B 45 2.23 -19.55 -8.66
C ALA B 45 3.37 -18.58 -9.00
N SER B 46 4.54 -19.09 -9.42
CA SER B 46 5.69 -18.25 -9.73
C SER B 46 5.65 -17.68 -11.16
N VAL B 47 4.69 -18.15 -11.98
CA VAL B 47 4.70 -17.81 -13.41
C VAL B 47 3.81 -16.59 -13.68
N ARG B 48 4.40 -15.46 -14.15
CA ARG B 48 3.63 -14.27 -14.46
C ARG B 48 2.51 -14.60 -15.45
N ALA B 49 1.35 -13.92 -15.33
CA ALA B 49 0.21 -14.22 -16.19
C ALA B 49 0.54 -14.03 -17.67
N ASP B 50 1.40 -13.04 -18.01
CA ASP B 50 1.70 -12.78 -19.42
C ASP B 50 2.57 -13.93 -19.96
N ASP B 51 3.58 -14.32 -19.15
CA ASP B 51 4.38 -15.48 -19.51
C ASP B 51 3.53 -16.76 -19.62
N LEU B 52 2.59 -16.96 -18.69
CA LEU B 52 1.76 -18.15 -18.67
C LEU B 52 0.89 -18.20 -19.94
N ALA B 53 0.31 -17.06 -20.32
CA ALA B 53 -0.49 -16.98 -21.54
C ALA B 53 0.36 -17.36 -22.75
N ALA B 54 1.66 -16.96 -22.76
CA ALA B 54 2.54 -17.21 -23.88
C ALA B 54 2.83 -18.71 -24.05
N VAL B 55 2.71 -19.51 -22.97
CA VAL B 55 3.02 -20.93 -23.04
C VAL B 55 2.20 -21.68 -24.11
N PRO B 56 0.85 -21.65 -24.07
CA PRO B 56 0.10 -22.32 -25.13
C PRO B 56 0.29 -21.71 -26.53
N LEU B 57 0.61 -20.42 -26.61
CA LEU B 57 0.86 -19.81 -27.92
C LEU B 57 2.14 -20.39 -28.52
N LYS B 58 3.20 -20.51 -27.69
CA LYS B 58 4.45 -21.07 -28.19
C LYS B 58 4.22 -22.53 -28.59
N ALA B 59 3.35 -23.26 -27.85
CA ALA B 59 3.08 -24.66 -28.20
C ALA B 59 2.32 -24.75 -29.53
N LEU B 60 1.38 -23.83 -29.79
CA LEU B 60 0.67 -23.84 -31.07
C LEU B 60 1.65 -23.67 -32.23
N ILE B 61 2.71 -22.86 -32.01
CA ILE B 61 3.73 -22.68 -33.04
C ILE B 61 4.42 -24.04 -33.28
N GLU B 62 4.86 -24.71 -32.19
CA GLU B 62 5.59 -25.98 -32.30
C GLU B 62 4.71 -27.04 -32.98
N ARG B 63 3.40 -27.04 -32.70
CA ARG B 63 2.52 -28.13 -33.09
C ARG B 63 1.95 -27.97 -34.50
N ASN B 64 2.14 -26.80 -35.15
CA ASN B 64 1.47 -26.46 -36.40
C ASN B 64 2.50 -25.93 -37.41
N PRO B 65 3.35 -26.80 -37.98
CA PRO B 65 4.50 -26.32 -38.75
C PRO B 65 4.19 -25.76 -40.14
N GLY B 66 2.97 -25.95 -40.62
CA GLY B 66 2.65 -25.43 -41.95
C GLY B 66 2.16 -23.97 -41.94
N VAL B 67 2.00 -23.38 -40.74
CA VAL B 67 1.39 -22.06 -40.64
C VAL B 67 2.43 -20.99 -41.04
N GLN B 68 2.00 -20.00 -41.83
CA GLN B 68 2.83 -18.81 -41.99
C GLN B 68 2.35 -17.80 -40.94
N TRP B 69 3.13 -17.64 -39.88
CA TRP B 69 2.63 -16.99 -38.67
C TRP B 69 2.33 -15.51 -38.85
N ASP B 70 3.00 -14.82 -39.79
CA ASP B 70 2.67 -13.43 -40.02
C ASP B 70 1.31 -13.24 -40.70
N GLN B 71 0.60 -14.35 -40.97
N GLN B 71 0.58 -14.33 -40.96
CA GLN B 71 -0.74 -14.29 -41.52
CA GLN B 71 -0.78 -14.21 -41.49
C GLN B 71 -1.81 -14.31 -40.42
C GLN B 71 -1.83 -14.52 -40.42
N VAL B 72 -1.42 -14.52 -39.14
CA VAL B 72 -2.46 -14.58 -38.11
C VAL B 72 -3.09 -13.18 -38.02
N ASP B 73 -4.43 -13.08 -38.06
CA ASP B 73 -5.13 -11.79 -38.16
C ASP B 73 -5.32 -11.12 -36.80
N GLU B 74 -5.39 -11.95 -35.75
CA GLU B 74 -5.68 -11.41 -34.42
C GLU B 74 -5.48 -12.52 -33.39
N VAL B 75 -5.01 -12.13 -32.19
CA VAL B 75 -5.08 -12.99 -31.01
C VAL B 75 -6.11 -12.44 -30.04
N PHE B 76 -7.15 -13.24 -29.75
CA PHE B 76 -8.18 -12.81 -28.80
C PHE B 76 -7.99 -13.61 -27.51
N PHE B 77 -7.87 -12.92 -26.35
CA PHE B 77 -7.67 -13.67 -25.11
C PHE B 77 -8.61 -13.16 -24.03
N GLY B 78 -9.14 -14.13 -23.25
CA GLY B 78 -9.98 -13.83 -22.11
C GLY B 78 -9.11 -13.63 -20.87
N CYS B 79 -9.47 -12.63 -20.05
CA CYS B 79 -8.78 -12.43 -18.78
C CYS B 79 -9.69 -11.58 -17.88
N ALA B 80 -10.00 -12.09 -16.66
CA ALA B 80 -10.96 -11.44 -15.77
C ALA B 80 -10.36 -10.30 -14.96
N ASN B 81 -9.04 -10.27 -14.76
CA ASN B 81 -8.49 -9.39 -13.73
C ASN B 81 -7.90 -8.16 -14.41
N GLN B 82 -6.70 -8.32 -15.01
CA GLN B 82 -6.08 -7.30 -15.84
C GLN B 82 -5.45 -6.16 -15.01
N ALA B 83 -5.28 -6.39 -13.69
CA ALA B 83 -4.67 -5.38 -12.82
C ALA B 83 -3.21 -5.73 -12.54
N GLY B 84 -2.86 -7.03 -12.72
CA GLY B 84 -1.52 -7.49 -12.39
C GLY B 84 -0.57 -7.53 -13.58
N GLU B 85 0.18 -8.64 -13.68
CA GLU B 85 1.10 -8.82 -14.79
C GLU B 85 0.37 -9.15 -16.10
N ASP B 86 -0.96 -9.27 -16.01
CA ASP B 86 -1.89 -9.37 -17.13
C ASP B 86 -2.42 -7.99 -17.55
N ASN B 87 -1.85 -6.88 -17.02
CA ASN B 87 -2.37 -5.55 -17.37
C ASN B 87 -2.02 -5.14 -18.80
N ARG B 88 -2.85 -4.23 -19.33
N ARG B 88 -2.81 -4.17 -19.29
CA ARG B 88 -2.55 -3.46 -20.53
CA ARG B 88 -2.58 -3.45 -20.55
C ARG B 88 -2.62 -4.34 -21.78
C ARG B 88 -2.55 -4.44 -21.72
N ASN B 89 -3.61 -5.25 -21.82
CA ASN B 89 -3.92 -6.04 -23.02
C ASN B 89 -2.99 -7.26 -23.11
N VAL B 90 -3.29 -8.24 -22.25
CA VAL B 90 -2.42 -9.40 -22.08
C VAL B 90 -2.33 -10.20 -23.39
N ALA B 91 -3.37 -10.13 -24.23
CA ALA B 91 -3.34 -10.86 -25.50
C ALA B 91 -2.11 -10.43 -26.30
N ARG B 92 -1.89 -9.10 -26.40
CA ARG B 92 -0.78 -8.57 -27.16
C ARG B 92 0.54 -8.83 -26.42
N MET B 93 0.58 -8.65 -25.10
CA MET B 93 1.80 -8.94 -24.37
C MET B 93 2.20 -10.41 -24.60
N ALA B 94 1.21 -11.31 -24.50
CA ALA B 94 1.48 -12.74 -24.63
C ALA B 94 1.95 -13.12 -26.02
N LEU B 95 1.37 -12.55 -27.10
CA LEU B 95 1.79 -12.98 -28.42
C LEU B 95 3.24 -12.54 -28.68
N LEU B 96 3.62 -11.35 -28.17
CA LEU B 96 4.98 -10.88 -28.30
C LEU B 96 5.94 -11.80 -27.52
N LEU B 97 5.61 -12.13 -26.27
CA LEU B 97 6.47 -12.99 -25.47
C LEU B 97 6.60 -14.40 -26.09
N ALA B 98 5.57 -14.83 -26.84
CA ALA B 98 5.50 -16.16 -27.43
C ALA B 98 6.43 -16.25 -28.65
N GLY B 99 6.93 -15.09 -29.11
CA GLY B 99 7.77 -15.04 -30.31
C GLY B 99 6.97 -14.90 -31.60
N LEU B 100 5.66 -14.58 -31.51
CA LEU B 100 4.90 -14.34 -32.72
C LEU B 100 5.30 -12.96 -33.29
N PRO B 101 5.23 -12.76 -34.62
CA PRO B 101 5.63 -11.49 -35.23
C PRO B 101 4.87 -10.27 -34.68
N GLU B 102 5.60 -9.16 -34.56
CA GLU B 102 5.07 -7.93 -33.98
C GLU B 102 3.94 -7.36 -34.85
N SER B 103 3.78 -7.85 -36.08
CA SER B 103 2.71 -7.35 -36.95
C SER B 103 1.33 -7.91 -36.56
N ILE B 104 1.29 -8.87 -35.61
CA ILE B 104 0.02 -9.53 -35.27
C ILE B 104 -0.67 -8.76 -34.15
N PRO B 105 -1.93 -8.31 -34.35
CA PRO B 105 -2.62 -7.56 -33.31
C PRO B 105 -3.22 -8.50 -32.26
N GLY B 106 -3.55 -7.93 -31.08
CA GLY B 106 -4.25 -8.73 -30.07
C GLY B 106 -5.20 -7.86 -29.25
N VAL B 107 -6.20 -8.52 -28.65
CA VAL B 107 -7.24 -7.81 -27.89
C VAL B 107 -7.67 -8.74 -26.76
N THR B 108 -7.97 -8.14 -25.58
CA THR B 108 -8.33 -8.91 -24.39
C THR B 108 -9.80 -8.67 -24.05
N LEU B 109 -10.51 -9.75 -23.73
CA LEU B 109 -11.94 -9.71 -23.42
C LEU B 109 -12.16 -10.06 -21.96
N ASN B 110 -13.19 -9.44 -21.38
CA ASN B 110 -13.48 -9.68 -19.97
C ASN B 110 -14.98 -9.91 -19.82
N ARG B 111 -15.35 -11.19 -19.63
CA ARG B 111 -16.68 -11.53 -19.15
C ARG B 111 -16.54 -12.42 -17.91
N LEU B 112 -15.61 -12.04 -17.00
CA LEU B 112 -15.30 -12.82 -15.80
C LEU B 112 -15.04 -14.30 -16.15
N CYS B 113 -15.73 -15.26 -15.49
CA CYS B 113 -15.37 -16.67 -15.70
C CYS B 113 -15.65 -17.11 -17.14
N ALA B 114 -16.42 -16.31 -17.90
CA ALA B 114 -16.75 -16.74 -19.26
C ALA B 114 -15.79 -16.15 -20.29
N SER B 115 -14.78 -15.36 -19.86
CA SER B 115 -13.93 -14.58 -20.78
C SER B 115 -13.31 -15.42 -21.90
N GLY B 116 -12.77 -16.60 -21.56
CA GLY B 116 -12.09 -17.42 -22.54
C GLY B 116 -13.05 -17.98 -23.61
N MET B 117 -14.30 -18.21 -23.20
CA MET B 117 -15.31 -18.71 -24.13
C MET B 117 -15.71 -17.54 -25.03
N ASP B 118 -15.80 -16.35 -24.42
CA ASP B 118 -16.10 -15.16 -25.23
C ASP B 118 -15.02 -14.92 -26.29
N ALA B 119 -13.75 -15.17 -25.95
CA ALA B 119 -12.67 -14.99 -26.92
C ALA B 119 -12.92 -15.90 -28.14
N VAL B 120 -13.32 -17.15 -27.87
CA VAL B 120 -13.62 -18.09 -28.96
C VAL B 120 -14.77 -17.59 -29.83
N GLY B 121 -15.90 -17.23 -29.20
CA GLY B 121 -17.06 -16.79 -29.94
C GLY B 121 -16.81 -15.50 -30.71
N THR B 122 -16.03 -14.58 -30.08
CA THR B 122 -15.65 -13.34 -30.74
C THR B 122 -14.76 -13.61 -31.96
N ALA B 123 -13.76 -14.50 -31.81
CA ALA B 123 -12.94 -14.90 -32.94
C ALA B 123 -13.81 -15.47 -34.07
N PHE B 124 -14.79 -16.33 -33.69
CA PHE B 124 -15.73 -16.92 -34.63
C PHE B 124 -16.47 -15.85 -35.41
N ARG B 125 -17.00 -14.84 -34.72
CA ARG B 125 -17.81 -13.84 -35.40
C ARG B 125 -16.94 -13.04 -36.34
N ALA B 126 -15.66 -12.84 -35.99
CA ALA B 126 -14.74 -12.08 -36.84
C ALA B 126 -14.50 -12.82 -38.16
N ILE B 127 -14.38 -14.15 -38.10
CA ILE B 127 -14.16 -14.87 -39.33
C ILE B 127 -15.50 -15.05 -40.07
N ALA B 128 -16.60 -15.34 -39.35
CA ALA B 128 -17.85 -15.62 -40.06
C ALA B 128 -18.28 -14.40 -40.87
N SER B 129 -17.99 -13.22 -40.31
CA SER B 129 -18.43 -11.98 -40.94
C SER B 129 -17.49 -11.57 -42.08
N GLY B 130 -16.44 -12.36 -42.35
CA GLY B 130 -15.54 -12.13 -43.46
C GLY B 130 -14.43 -11.13 -43.15
N GLU B 131 -14.27 -10.76 -41.89
CA GLU B 131 -13.28 -9.72 -41.58
C GLU B 131 -11.87 -10.28 -41.34
N MET B 132 -11.78 -11.60 -41.07
CA MET B 132 -10.51 -12.26 -40.79
C MET B 132 -10.56 -13.69 -41.33
N GLU B 133 -9.38 -14.30 -41.41
CA GLU B 133 -9.23 -15.66 -41.94
C GLU B 133 -8.59 -16.61 -40.95
N LEU B 134 -7.60 -16.13 -40.16
CA LEU B 134 -6.84 -17.03 -39.29
C LEU B 134 -6.62 -16.31 -37.96
N VAL B 135 -7.07 -16.92 -36.86
CA VAL B 135 -7.01 -16.22 -35.58
C VAL B 135 -6.62 -17.22 -34.48
N ILE B 136 -6.18 -16.68 -33.33
CA ILE B 136 -5.98 -17.49 -32.16
C ILE B 136 -6.97 -16.98 -31.10
N ALA B 137 -7.61 -17.92 -30.39
CA ALA B 137 -8.47 -17.52 -29.28
C ALA B 137 -8.01 -18.30 -28.04
N GLY B 138 -8.02 -17.67 -26.88
CA GLY B 138 -7.70 -18.44 -25.68
C GLY B 138 -8.03 -17.60 -24.45
N GLY B 139 -7.39 -17.96 -23.33
CA GLY B 139 -7.63 -17.21 -22.09
C GLY B 139 -6.56 -17.56 -21.06
N VAL B 140 -6.47 -16.71 -20.04
CA VAL B 140 -5.46 -16.93 -18.99
C VAL B 140 -6.02 -16.38 -17.68
N GLU B 141 -5.56 -16.98 -16.57
CA GLU B 141 -5.69 -16.27 -15.31
C GLU B 141 -4.59 -16.80 -14.38
N SER B 142 -3.91 -15.88 -13.69
CA SER B 142 -3.08 -16.25 -12.55
C SER B 142 -3.74 -15.66 -11.31
N MET B 143 -4.62 -16.43 -10.67
CA MET B 143 -5.26 -15.99 -9.45
C MET B 143 -4.27 -15.95 -8.28
N SER B 144 -3.23 -16.82 -8.29
CA SER B 144 -2.18 -16.75 -7.27
C SER B 144 -1.60 -15.33 -7.24
N ARG B 145 -1.33 -14.77 -8.42
CA ARG B 145 -0.55 -13.55 -8.55
C ARG B 145 -1.45 -12.32 -8.69
N ALA B 146 -2.77 -12.45 -8.50
CA ALA B 146 -3.65 -11.29 -8.57
C ALA B 146 -3.20 -10.27 -7.53
N PRO B 147 -3.00 -9.00 -7.93
CA PRO B 147 -2.45 -7.98 -7.01
C PRO B 147 -3.45 -7.42 -6.02
N PHE B 148 -2.95 -6.60 -5.06
CA PHE B 148 -3.82 -5.73 -4.30
C PHE B 148 -3.99 -4.42 -5.03
N VAL B 149 -5.11 -3.74 -4.80
CA VAL B 149 -5.36 -2.44 -5.42
C VAL B 149 -5.65 -1.42 -4.33
N MET B 150 -5.30 -0.17 -4.62
CA MET B 150 -5.50 0.95 -3.69
C MET B 150 -6.02 2.15 -4.48
N GLY B 151 -7.22 2.63 -4.13
CA GLY B 151 -7.75 3.84 -4.73
C GLY B 151 -6.84 5.05 -4.49
N LYS B 152 -6.83 5.99 -5.44
CA LYS B 152 -6.15 7.27 -5.20
C LYS B 152 -6.80 8.02 -4.04
N ALA B 153 -6.02 8.89 -3.40
CA ALA B 153 -6.59 9.82 -2.40
C ALA B 153 -7.54 10.80 -3.07
N GLU B 154 -8.68 11.11 -2.45
N GLU B 154 -8.69 11.10 -2.45
CA GLU B 154 -9.63 12.05 -3.06
CA GLU B 154 -9.63 12.04 -3.05
C GLU B 154 -9.30 13.49 -2.63
C GLU B 154 -9.54 13.41 -2.38
N SER B 155 -8.48 13.62 -1.60
CA SER B 155 -8.17 14.91 -0.97
C SER B 155 -6.74 14.85 -0.45
N ALA B 156 -6.11 16.01 -0.34
CA ALA B 156 -4.79 16.09 0.21
C ALA B 156 -4.81 15.58 1.67
N TYR B 157 -3.79 14.79 2.05
CA TYR B 157 -3.66 14.26 3.41
C TYR B 157 -4.84 13.37 3.80
N SER B 158 -5.48 12.72 2.79
CA SER B 158 -6.58 11.81 3.08
C SER B 158 -6.18 10.73 4.09
N ARG B 159 -7.08 10.47 5.04
CA ARG B 159 -6.88 9.40 6.01
C ARG B 159 -7.59 8.12 5.56
N ASN B 160 -8.19 8.14 4.37
CA ASN B 160 -9.01 7.03 3.94
C ASN B 160 -8.32 6.37 2.75
N MET B 161 -7.20 5.70 3.00
N MET B 161 -7.36 5.51 3.07
CA MET B 161 -6.59 4.83 2.01
CA MET B 161 -6.65 4.77 2.05
C MET B 161 -6.89 3.39 2.44
C MET B 161 -6.60 3.30 2.44
N LYS B 162 -6.94 2.45 1.46
CA LYS B 162 -7.32 1.09 1.75
C LYS B 162 -6.79 0.21 0.63
N LEU B 163 -6.35 -1.00 0.99
CA LEU B 163 -5.94 -2.04 0.05
C LEU B 163 -7.06 -3.08 -0.08
N GLU B 164 -7.30 -3.52 -1.33
CA GLU B 164 -8.26 -4.61 -1.53
C GLU B 164 -7.61 -5.73 -2.35
N ASP B 165 -7.95 -6.99 -2.00
CA ASP B 165 -7.46 -8.13 -2.74
C ASP B 165 -8.24 -8.29 -4.04
N THR B 166 -7.53 -8.51 -5.16
CA THR B 166 -8.21 -8.70 -6.45
C THR B 166 -8.29 -10.17 -6.87
N THR B 167 -7.90 -11.11 -5.98
CA THR B 167 -7.87 -12.55 -6.31
C THR B 167 -9.20 -13.01 -6.93
N ILE B 168 -10.31 -12.72 -6.23
CA ILE B 168 -11.63 -13.09 -6.71
C ILE B 168 -12.67 -12.22 -5.99
N GLY B 169 -13.77 -11.91 -6.68
CA GLY B 169 -14.90 -11.30 -5.97
C GLY B 169 -14.87 -9.76 -5.94
N TRP B 170 -15.79 -9.20 -5.16
CA TRP B 170 -16.06 -7.77 -5.13
C TRP B 170 -14.86 -6.99 -4.63
N ARG B 171 -14.55 -5.89 -5.34
CA ARG B 171 -13.72 -4.83 -4.76
C ARG B 171 -14.22 -3.49 -5.29
N PHE B 172 -13.90 -2.40 -4.57
CA PHE B 172 -14.43 -1.06 -4.87
C PHE B 172 -15.95 -1.16 -5.02
N ILE B 173 -16.61 -1.69 -4.00
CA ILE B 173 -18.06 -1.83 -4.05
C ILE B 173 -18.76 -0.48 -4.25
N ASN B 174 -19.71 -0.46 -5.21
CA ASN B 174 -20.53 0.71 -5.43
C ASN B 174 -21.76 0.62 -4.51
N PRO B 175 -22.03 1.60 -3.63
CA PRO B 175 -23.22 1.56 -2.79
C PRO B 175 -24.51 1.40 -3.59
N LEU B 176 -24.58 1.89 -4.83
CA LEU B 176 -25.82 1.78 -5.61
C LEU B 176 -26.03 0.34 -6.07
N MET B 177 -24.91 -0.36 -6.33
CA MET B 177 -24.98 -1.76 -6.71
C MET B 177 -25.45 -2.59 -5.52
N LYS B 178 -24.83 -2.33 -4.36
CA LYS B 178 -25.19 -3.07 -3.15
C LYS B 178 -26.68 -2.89 -2.85
N SER B 179 -27.16 -1.64 -2.89
CA SER B 179 -28.53 -1.41 -2.44
C SER B 179 -29.56 -2.05 -3.38
N GLN B 180 -29.31 -2.05 -4.70
CA GLN B 180 -30.33 -2.55 -5.60
C GLN B 180 -30.20 -4.06 -5.84
N TYR B 181 -28.97 -4.54 -6.02
CA TYR B 181 -28.74 -5.90 -6.48
C TYR B 181 -28.01 -6.76 -5.44
N GLY B 182 -27.45 -6.12 -4.40
CA GLY B 182 -26.59 -6.85 -3.48
C GLY B 182 -25.16 -6.98 -4.03
N VAL B 183 -24.24 -7.35 -3.15
CA VAL B 183 -22.88 -7.71 -3.50
C VAL B 183 -22.54 -9.04 -2.83
N ASP B 184 -23.43 -10.03 -3.02
CA ASP B 184 -23.17 -11.39 -2.57
C ASP B 184 -21.85 -11.89 -3.14
N SER B 185 -21.08 -12.60 -2.31
CA SER B 185 -19.91 -13.31 -2.76
C SER B 185 -20.36 -14.43 -3.71
N MET B 186 -19.42 -14.97 -4.48
CA MET B 186 -19.82 -16.07 -5.38
C MET B 186 -20.38 -17.26 -4.59
N PRO B 187 -19.73 -17.71 -3.50
CA PRO B 187 -20.30 -18.81 -2.70
C PRO B 187 -21.64 -18.46 -2.09
N GLU B 188 -21.86 -17.20 -1.70
CA GLU B 188 -23.21 -16.80 -1.29
C GLU B 188 -24.24 -16.97 -2.39
N THR B 189 -23.90 -16.60 -3.65
CA THR B 189 -24.85 -16.76 -4.75
C THR B 189 -25.17 -18.25 -4.97
N ALA B 190 -24.18 -19.14 -4.71
CA ALA B 190 -24.37 -20.57 -4.91
C ALA B 190 -25.33 -21.11 -3.83
N ASP B 191 -25.21 -20.57 -2.60
CA ASP B 191 -26.14 -20.90 -1.52
C ASP B 191 -27.53 -20.40 -1.90
N ASN B 192 -27.61 -19.19 -2.47
CA ASN B 192 -28.89 -18.65 -2.90
C ASN B 192 -29.52 -19.56 -3.93
N VAL B 193 -28.72 -20.07 -4.89
CA VAL B 193 -29.25 -20.97 -5.90
C VAL B 193 -29.72 -22.26 -5.23
N ALA B 194 -28.90 -22.82 -4.32
CA ALA B 194 -29.28 -24.03 -3.60
C ALA B 194 -30.64 -23.84 -2.93
N ASP B 195 -30.86 -22.67 -2.32
CA ASP B 195 -32.10 -22.39 -1.58
C ASP B 195 -33.29 -22.22 -2.52
N ASP B 196 -33.14 -21.32 -3.50
CA ASP B 196 -34.24 -20.95 -4.36
C ASP B 196 -34.61 -22.08 -5.33
N TYR B 197 -33.66 -22.94 -5.69
CA TYR B 197 -33.92 -24.00 -6.66
C TYR B 197 -34.01 -25.36 -5.98
N GLN B 198 -33.96 -25.39 -4.64
CA GLN B 198 -34.01 -26.59 -3.80
C GLN B 198 -33.03 -27.66 -4.25
N VAL B 199 -31.74 -27.31 -4.19
CA VAL B 199 -30.69 -28.28 -4.46
C VAL B 199 -30.06 -28.69 -3.14
N SER B 200 -30.26 -29.96 -2.75
CA SER B 200 -29.84 -30.40 -1.43
C SER B 200 -28.32 -30.53 -1.33
N ARG B 201 -27.80 -30.41 -0.09
CA ARG B 201 -26.41 -30.73 0.22
C ARG B 201 -26.02 -32.14 -0.27
N ALA B 202 -26.89 -33.13 -0.04
CA ALA B 202 -26.56 -34.50 -0.45
C ALA B 202 -26.33 -34.58 -1.96
N ASP B 203 -27.16 -33.90 -2.75
CA ASP B 203 -27.08 -33.96 -4.21
C ASP B 203 -25.84 -33.22 -4.68
N GLN B 204 -25.54 -32.10 -4.02
CA GLN B 204 -24.33 -31.34 -4.34
C GLN B 204 -23.10 -32.22 -4.13
N ASP B 205 -23.07 -32.94 -3.00
CA ASP B 205 -21.90 -33.73 -2.66
C ASP B 205 -21.78 -34.91 -3.64
N ALA B 206 -22.91 -35.52 -4.01
CA ALA B 206 -22.92 -36.63 -4.97
C ALA B 206 -22.30 -36.16 -6.30
N PHE B 207 -22.70 -34.95 -6.75
CA PHE B 207 -22.20 -34.36 -7.99
C PHE B 207 -20.70 -34.08 -7.89
N ALA B 208 -20.27 -33.47 -6.77
CA ALA B 208 -18.85 -33.22 -6.54
C ALA B 208 -18.06 -34.52 -6.58
N LEU B 209 -18.61 -35.59 -5.98
CA LEU B 209 -17.89 -36.87 -5.97
C LEU B 209 -17.75 -37.43 -7.40
N ARG B 210 -18.80 -37.32 -8.21
CA ARG B 210 -18.70 -37.80 -9.58
C ARG B 210 -17.64 -37.00 -10.33
N SER B 211 -17.60 -35.67 -10.10
CA SER B 211 -16.58 -34.84 -10.76
C SER B 211 -15.16 -35.35 -10.47
N GLN B 212 -14.85 -35.57 -9.17
CA GLN B 212 -13.55 -36.09 -8.78
C GLN B 212 -13.29 -37.47 -9.36
N GLN B 213 -14.30 -38.34 -9.39
CA GLN B 213 -14.13 -39.71 -9.90
C GLN B 213 -13.81 -39.69 -11.40
N LYS B 214 -14.61 -38.90 -12.14
CA LYS B 214 -14.49 -38.85 -13.58
C LYS B 214 -13.16 -38.21 -13.97
N ALA B 215 -12.75 -37.16 -13.23
CA ALA B 215 -11.49 -36.50 -13.50
C ALA B 215 -10.33 -37.44 -13.21
N ALA B 216 -10.45 -38.23 -12.14
CA ALA B 216 -9.35 -39.13 -11.79
C ALA B 216 -9.18 -40.21 -12.87
N ALA B 217 -10.30 -40.71 -13.40
CA ALA B 217 -10.32 -41.70 -14.47
C ALA B 217 -9.71 -41.13 -15.75
N ALA B 218 -10.13 -39.90 -16.12
CA ALA B 218 -9.60 -39.25 -17.32
C ALA B 218 -8.10 -38.98 -17.19
N GLN B 219 -7.66 -38.54 -16.00
CA GLN B 219 -6.24 -38.30 -15.80
C GLN B 219 -5.45 -39.59 -16.03
N ALA B 220 -5.93 -40.68 -15.41
CA ALA B 220 -5.27 -41.99 -15.51
C ALA B 220 -5.24 -42.50 -16.95
N ALA B 221 -6.29 -42.22 -17.73
CA ALA B 221 -6.38 -42.64 -19.13
C ALA B 221 -5.49 -41.83 -20.06
N GLY B 222 -4.89 -40.73 -19.56
CA GLY B 222 -4.03 -39.88 -20.36
C GLY B 222 -4.84 -38.83 -21.14
N PHE B 223 -6.14 -38.68 -20.81
CA PHE B 223 -7.01 -37.75 -21.54
C PHE B 223 -6.52 -36.30 -21.35
N PHE B 224 -6.21 -35.91 -20.12
CA PHE B 224 -5.74 -34.53 -19.93
C PHE B 224 -4.36 -34.34 -20.52
N ALA B 225 -3.53 -35.39 -20.50
CA ALA B 225 -2.18 -35.26 -21.03
C ALA B 225 -2.21 -34.86 -22.51
N GLU B 226 -3.21 -35.34 -23.25
CA GLU B 226 -3.29 -35.01 -24.66
C GLU B 226 -3.65 -33.55 -24.86
N GLU B 227 -4.26 -32.89 -23.87
CA GLU B 227 -4.60 -31.48 -23.98
C GLU B 227 -3.49 -30.57 -23.44
N ILE B 228 -2.50 -31.13 -22.74
CA ILE B 228 -1.56 -30.34 -21.94
C ILE B 228 -0.20 -30.15 -22.61
N VAL B 229 0.30 -28.91 -22.53
CA VAL B 229 1.71 -28.62 -22.76
C VAL B 229 2.34 -28.29 -21.41
N PRO B 230 3.50 -28.85 -21.07
CA PRO B 230 4.11 -28.58 -19.77
C PRO B 230 4.56 -27.13 -19.61
N VAL B 231 4.62 -26.64 -18.36
CA VAL B 231 5.19 -25.34 -18.08
C VAL B 231 6.53 -25.58 -17.41
N ARG B 232 7.60 -24.96 -17.96
CA ARG B 232 8.95 -25.18 -17.47
C ARG B 232 9.29 -23.99 -16.59
N ILE B 233 9.69 -24.29 -15.35
CA ILE B 233 10.01 -23.28 -14.34
C ILE B 233 11.48 -23.42 -13.92
N ALA B 234 12.28 -22.36 -14.13
CA ALA B 234 13.66 -22.32 -13.66
C ALA B 234 13.72 -21.80 -12.21
N GLU B 239 15.60 -27.28 -13.16
CA GLU B 239 14.31 -26.75 -13.69
C GLU B 239 13.18 -27.74 -13.38
N ILE B 240 12.07 -27.23 -12.85
CA ILE B 240 10.86 -28.00 -12.56
C ILE B 240 9.95 -28.02 -13.80
N ILE B 241 9.49 -29.21 -14.20
CA ILE B 241 8.49 -29.34 -15.26
C ILE B 241 7.13 -29.58 -14.62
N VAL B 242 6.16 -28.70 -14.89
CA VAL B 242 4.82 -28.89 -14.36
C VAL B 242 3.96 -29.45 -15.50
N GLU B 243 3.44 -30.69 -15.31
CA GLU B 243 2.76 -31.33 -16.43
C GLU B 243 1.39 -31.91 -16.09
N ARG B 244 1.00 -31.88 -14.81
CA ARG B 244 -0.25 -32.52 -14.41
C ARG B 244 -1.10 -31.48 -13.72
N ASP B 245 -2.42 -31.59 -13.91
CA ASP B 245 -3.41 -30.77 -13.20
C ASP B 245 -3.26 -31.04 -11.70
N GLU B 246 -3.12 -29.96 -10.90
CA GLU B 246 -2.73 -30.07 -9.49
C GLU B 246 -3.95 -30.13 -8.56
N HIS B 247 -5.13 -29.69 -9.03
CA HIS B 247 -6.25 -29.43 -8.12
C HIS B 247 -7.03 -30.69 -7.77
N LEU B 248 -6.82 -31.81 -8.49
CA LEU B 248 -7.66 -32.99 -8.33
C LEU B 248 -7.52 -33.56 -6.92
N ARG B 249 -8.63 -34.05 -6.37
N ARG B 249 -8.62 -34.04 -6.35
CA ARG B 249 -8.61 -34.76 -5.10
CA ARG B 249 -8.59 -34.78 -5.09
C ARG B 249 -9.15 -36.18 -5.34
C ARG B 249 -9.14 -36.17 -5.36
N PRO B 250 -8.36 -37.08 -5.99
CA PRO B 250 -8.88 -38.39 -6.39
C PRO B 250 -9.32 -39.33 -5.26
N GLU B 251 -8.85 -39.03 -4.05
CA GLU B 251 -9.18 -39.80 -2.85
C GLU B 251 -10.51 -39.36 -2.22
N THR B 252 -11.18 -38.33 -2.79
CA THR B 252 -12.48 -37.88 -2.32
C THR B 252 -13.48 -39.03 -2.18
N THR B 253 -14.15 -39.06 -1.02
CA THR B 253 -15.28 -39.95 -0.79
C THR B 253 -16.50 -39.12 -0.38
N LEU B 254 -17.70 -39.72 -0.47
CA LEU B 254 -18.91 -39.03 -0.01
C LEU B 254 -18.80 -38.73 1.49
N GLU B 255 -18.17 -39.65 2.23
CA GLU B 255 -17.99 -39.49 3.66
C GLU B 255 -17.16 -38.24 3.94
N ALA B 256 -16.06 -38.04 3.20
CA ALA B 256 -15.19 -36.88 3.42
C ALA B 256 -15.92 -35.57 3.07
N LEU B 257 -16.74 -35.59 2.01
CA LEU B 257 -17.45 -34.36 1.64
C LEU B 257 -18.52 -34.01 2.68
N THR B 258 -19.15 -35.05 3.24
CA THR B 258 -20.19 -34.89 4.24
C THR B 258 -19.66 -34.18 5.50
N LYS B 259 -18.39 -34.41 5.84
CA LYS B 259 -17.79 -33.87 7.05
C LYS B 259 -17.51 -32.38 6.93
N LEU B 260 -17.42 -31.86 5.69
CA LEU B 260 -17.01 -30.49 5.46
C LEU B 260 -18.07 -29.51 5.97
N LYS B 261 -17.57 -28.37 6.46
CA LYS B 261 -18.38 -27.29 6.99
C LYS B 261 -18.70 -26.34 5.83
N PRO B 262 -19.96 -25.85 5.72
CA PRO B 262 -20.29 -24.88 4.67
C PRO B 262 -19.47 -23.61 4.81
N VAL B 263 -19.17 -22.98 3.66
CA VAL B 263 -18.43 -21.73 3.62
C VAL B 263 -19.14 -20.66 4.44
N ASN B 264 -20.48 -20.59 4.32
CA ASN B 264 -21.25 -19.43 4.76
C ASN B 264 -21.97 -19.70 6.08
N GLY B 265 -21.67 -20.84 6.74
CA GLY B 265 -22.20 -21.08 8.07
C GLY B 265 -23.06 -22.33 8.13
N PRO B 266 -23.50 -22.78 9.34
CA PRO B 266 -24.01 -24.14 9.52
C PRO B 266 -25.33 -24.50 8.83
N ASP B 267 -26.14 -23.47 8.50
CA ASP B 267 -27.43 -23.68 7.84
C ASP B 267 -27.32 -23.60 6.31
N LYS B 268 -26.10 -23.47 5.79
CA LYS B 268 -25.88 -23.36 4.35
C LYS B 268 -25.43 -24.71 3.79
N THR B 269 -25.14 -24.78 2.47
CA THR B 269 -24.91 -26.06 1.81
C THR B 269 -23.62 -26.09 0.97
N VAL B 270 -23.13 -24.91 0.54
CA VAL B 270 -21.96 -24.87 -0.34
C VAL B 270 -20.72 -25.05 0.53
N THR B 271 -19.84 -25.99 0.15
CA THR B 271 -18.60 -26.15 0.88
C THR B 271 -17.40 -26.02 -0.06
N ALA B 272 -16.19 -26.02 0.50
CA ALA B 272 -15.00 -26.05 -0.35
C ALA B 272 -14.94 -27.31 -1.21
N GLY B 273 -15.58 -28.40 -0.76
CA GLY B 273 -15.56 -29.68 -1.46
C GLY B 273 -16.57 -29.75 -2.61
N ASN B 274 -17.59 -28.89 -2.60
CA ASN B 274 -18.60 -28.91 -3.67
C ASN B 274 -18.58 -27.64 -4.53
N ALA B 275 -17.45 -26.92 -4.50
CA ALA B 275 -17.23 -25.69 -5.23
C ALA B 275 -15.94 -25.82 -6.02
N SER B 276 -15.86 -25.10 -7.15
CA SER B 276 -14.59 -24.90 -7.84
C SER B 276 -13.59 -24.19 -6.93
N GLY B 277 -12.31 -24.22 -7.32
CA GLY B 277 -11.34 -23.52 -6.53
C GLY B 277 -10.88 -22.23 -7.22
N VAL B 278 -9.85 -21.64 -6.61
CA VAL B 278 -9.11 -20.51 -7.13
C VAL B 278 -7.78 -21.06 -7.69
N ASN B 279 -7.45 -20.72 -8.97
CA ASN B 279 -6.45 -21.47 -9.72
C ASN B 279 -5.76 -20.64 -10.82
N ASP B 280 -4.69 -21.21 -11.39
CA ASP B 280 -3.85 -20.57 -12.40
C ASP B 280 -3.81 -21.46 -13.64
N GLY B 281 -3.85 -20.86 -14.83
CA GLY B 281 -3.63 -21.63 -16.05
C GLY B 281 -3.94 -20.80 -17.29
N ALA B 282 -3.65 -21.39 -18.45
CA ALA B 282 -3.89 -20.68 -19.72
C ALA B 282 -4.18 -21.72 -20.80
N ALA B 283 -4.86 -21.27 -21.87
CA ALA B 283 -5.19 -22.19 -22.98
C ALA B 283 -5.34 -21.36 -24.26
N ALA B 284 -5.19 -22.01 -25.42
CA ALA B 284 -5.33 -21.29 -26.69
C ALA B 284 -5.67 -22.30 -27.79
N MET B 285 -6.32 -21.81 -28.85
CA MET B 285 -6.67 -22.67 -29.99
C MET B 285 -6.70 -21.81 -31.26
N ILE B 286 -6.60 -22.50 -32.40
CA ILE B 286 -6.64 -21.83 -33.71
C ILE B 286 -8.04 -21.93 -34.29
N LEU B 287 -8.56 -20.80 -34.81
CA LEU B 287 -9.77 -20.84 -35.62
C LEU B 287 -9.40 -20.32 -37.01
N ALA B 288 -10.03 -20.91 -38.06
CA ALA B 288 -9.69 -20.55 -39.43
C ALA B 288 -10.89 -20.74 -40.34
N SER B 289 -10.93 -19.93 -41.41
CA SER B 289 -11.83 -20.14 -42.55
C SER B 289 -11.34 -21.38 -43.33
N ALA B 290 -12.18 -21.93 -44.23
CA ALA B 290 -11.72 -23.08 -45.02
C ALA B 290 -10.46 -22.73 -45.83
N ALA B 291 -10.37 -21.49 -46.35
CA ALA B 291 -9.22 -21.15 -47.18
C ALA B 291 -7.95 -21.13 -46.34
N ALA B 292 -8.07 -20.59 -45.12
CA ALA B 292 -6.93 -20.56 -44.20
C ALA B 292 -6.52 -21.96 -43.75
N VAL B 293 -7.51 -22.85 -43.55
CA VAL B 293 -7.19 -24.24 -43.23
C VAL B 293 -6.26 -24.82 -44.30
N LYS B 294 -6.64 -24.61 -45.56
CA LYS B 294 -5.89 -25.17 -46.67
C LYS B 294 -4.51 -24.53 -46.80
N LYS B 295 -4.47 -23.20 -46.75
CA LYS B 295 -3.22 -22.50 -47.00
C LYS B 295 -2.18 -22.89 -45.94
N HIS B 296 -2.62 -23.00 -44.67
CA HIS B 296 -1.67 -23.16 -43.59
C HIS B 296 -1.52 -24.62 -43.18
N GLY B 297 -2.10 -25.56 -43.94
CA GLY B 297 -1.93 -26.98 -43.65
C GLY B 297 -2.50 -27.39 -42.29
N LEU B 298 -3.58 -26.74 -41.87
CA LEU B 298 -4.17 -27.02 -40.57
C LEU B 298 -5.09 -28.24 -40.65
N THR B 299 -5.39 -28.81 -39.48
CA THR B 299 -6.38 -29.86 -39.39
C THR B 299 -7.69 -29.28 -38.85
N PRO B 300 -8.75 -29.16 -39.67
CA PRO B 300 -10.05 -28.69 -39.16
C PRO B 300 -10.67 -29.77 -38.27
N ARG B 301 -11.09 -29.39 -37.06
CA ARG B 301 -11.54 -30.41 -36.11
C ARG B 301 -13.04 -30.25 -35.79
N ALA B 302 -13.55 -29.00 -35.77
CA ALA B 302 -14.98 -28.78 -35.57
C ALA B 302 -15.39 -27.48 -36.26
N ARG B 303 -16.67 -27.36 -36.59
CA ARG B 303 -17.18 -26.09 -37.08
C ARG B 303 -17.88 -25.41 -35.91
N VAL B 304 -17.68 -24.10 -35.77
CA VAL B 304 -18.39 -23.37 -34.73
C VAL B 304 -19.81 -23.07 -35.23
N LEU B 305 -20.82 -23.42 -34.40
CA LEU B 305 -22.20 -23.19 -34.81
C LEU B 305 -22.70 -21.82 -34.33
N GLY B 306 -22.30 -21.42 -33.12
CA GLY B 306 -22.84 -20.16 -32.62
C GLY B 306 -22.52 -19.93 -31.15
N MET B 307 -22.75 -18.69 -30.70
CA MET B 307 -22.57 -18.35 -29.28
C MET B 307 -23.77 -17.49 -28.88
N ALA B 308 -24.24 -17.65 -27.63
CA ALA B 308 -25.24 -16.71 -27.10
C ALA B 308 -24.95 -16.41 -25.63
N SER B 309 -25.42 -15.24 -25.20
CA SER B 309 -25.23 -14.78 -23.82
C SER B 309 -26.61 -14.51 -23.22
N GLY B 310 -26.68 -14.55 -21.88
CA GLY B 310 -27.92 -14.29 -21.15
C GLY B 310 -27.60 -13.64 -19.81
N GLY B 311 -28.56 -12.88 -19.29
CA GLY B 311 -28.38 -12.21 -18.00
C GLY B 311 -29.44 -12.74 -17.02
N VAL B 312 -29.06 -12.76 -15.73
CA VAL B 312 -29.94 -13.13 -14.63
C VAL B 312 -29.68 -12.18 -13.45
N ALA B 313 -30.46 -12.34 -12.38
CA ALA B 313 -30.19 -11.56 -11.18
C ALA B 313 -28.79 -11.91 -10.65
N PRO B 314 -27.96 -10.90 -10.29
CA PRO B 314 -26.66 -11.16 -9.69
C PRO B 314 -26.69 -12.15 -8.53
N ARG B 315 -27.74 -12.10 -7.68
CA ARG B 315 -27.72 -12.87 -6.45
C ARG B 315 -27.89 -14.36 -6.73
N VAL B 316 -28.28 -14.71 -7.97
CA VAL B 316 -28.38 -16.11 -8.37
C VAL B 316 -27.62 -16.34 -9.67
N MET B 317 -26.42 -15.76 -9.77
N MET B 317 -26.44 -15.72 -9.80
CA MET B 317 -25.66 -15.73 -11.02
CA MET B 317 -25.69 -15.73 -11.04
C MET B 317 -25.41 -17.13 -11.58
C MET B 317 -25.53 -17.14 -11.60
N GLY B 318 -25.39 -18.16 -10.72
CA GLY B 318 -25.15 -19.54 -11.13
C GLY B 318 -26.16 -20.08 -12.14
N ILE B 319 -27.36 -19.49 -12.19
CA ILE B 319 -28.42 -19.96 -13.08
C ILE B 319 -28.28 -19.33 -14.47
N GLY B 320 -27.31 -18.40 -14.62
CA GLY B 320 -27.13 -17.67 -15.87
C GLY B 320 -27.03 -18.53 -17.12
N PRO B 321 -26.43 -19.76 -17.11
CA PRO B 321 -26.38 -20.59 -18.32
C PRO B 321 -27.75 -20.92 -18.90
N VAL B 322 -28.80 -20.92 -18.05
CA VAL B 322 -30.10 -21.32 -18.56
C VAL B 322 -30.57 -20.41 -19.70
N PRO B 323 -30.71 -19.08 -19.53
CA PRO B 323 -31.13 -18.23 -20.64
C PRO B 323 -30.14 -18.24 -21.82
N ALA B 324 -28.83 -18.38 -21.55
CA ALA B 324 -27.85 -18.44 -22.64
C ALA B 324 -28.08 -19.68 -23.53
N VAL B 325 -28.20 -20.84 -22.87
CA VAL B 325 -28.43 -22.08 -23.60
C VAL B 325 -29.75 -21.98 -24.37
N ARG B 326 -30.81 -21.46 -23.74
CA ARG B 326 -32.10 -21.39 -24.41
C ARG B 326 -32.02 -20.51 -25.65
N LYS B 327 -31.37 -19.33 -25.50
CA LYS B 327 -31.25 -18.41 -26.61
C LYS B 327 -30.48 -19.04 -27.78
N LEU B 328 -29.38 -19.74 -27.47
CA LEU B 328 -28.55 -20.32 -28.50
C LEU B 328 -29.29 -21.45 -29.22
N THR B 329 -29.87 -22.36 -28.46
CA THR B 329 -30.50 -23.53 -29.04
C THR B 329 -31.76 -23.13 -29.81
N GLU B 330 -32.51 -22.16 -29.30
CA GLU B 330 -33.67 -21.72 -30.06
C GLU B 330 -33.23 -21.15 -31.41
N ARG B 331 -32.20 -20.30 -31.42
CA ARG B 331 -31.78 -19.72 -32.68
C ARG B 331 -31.27 -20.80 -33.64
N LEU B 332 -30.48 -21.76 -33.14
CA LEU B 332 -29.86 -22.76 -34.01
C LEU B 332 -30.88 -23.83 -34.39
N GLY B 333 -31.95 -23.94 -33.61
CA GLY B 333 -32.93 -25.00 -33.83
C GLY B 333 -32.37 -26.37 -33.42
N ILE B 334 -31.63 -26.42 -32.31
CA ILE B 334 -31.03 -27.64 -31.79
C ILE B 334 -31.62 -27.86 -30.39
N ALA B 335 -32.15 -29.06 -30.10
CA ALA B 335 -32.58 -29.38 -28.75
C ALA B 335 -31.37 -29.64 -27.86
N VAL B 336 -31.45 -29.29 -26.58
CA VAL B 336 -30.37 -29.55 -25.63
C VAL B 336 -30.07 -31.06 -25.66
N SER B 337 -31.09 -31.91 -25.85
CA SER B 337 -30.94 -33.36 -25.87
C SER B 337 -30.19 -33.88 -27.11
N ASP B 338 -29.96 -33.02 -28.11
CA ASP B 338 -29.27 -33.41 -29.34
C ASP B 338 -27.76 -33.37 -29.15
N PHE B 339 -27.26 -32.73 -28.09
CA PHE B 339 -25.82 -32.66 -27.93
C PHE B 339 -25.24 -33.98 -27.42
N ASP B 340 -24.12 -34.40 -28.03
CA ASP B 340 -23.38 -35.59 -27.67
C ASP B 340 -22.47 -35.36 -26.46
N VAL B 341 -22.04 -34.11 -26.22
CA VAL B 341 -21.36 -33.73 -24.98
C VAL B 341 -21.89 -32.36 -24.56
N ILE B 342 -22.05 -32.21 -23.26
CA ILE B 342 -22.31 -30.90 -22.66
C ILE B 342 -21.19 -30.69 -21.65
N GLU B 343 -20.40 -29.62 -21.86
CA GLU B 343 -19.42 -29.21 -20.86
C GLU B 343 -20.02 -28.03 -20.13
N LEU B 344 -20.49 -28.32 -18.90
CA LEU B 344 -21.17 -27.33 -18.07
C LEU B 344 -20.20 -26.93 -16.98
N ASN B 345 -19.84 -25.65 -16.93
CA ASN B 345 -18.88 -25.19 -15.93
C ASN B 345 -19.37 -25.54 -14.52
N GLU B 346 -18.48 -26.10 -13.70
CA GLU B 346 -18.82 -26.46 -12.32
C GLU B 346 -18.28 -25.39 -11.38
N ALA B 347 -18.81 -24.17 -11.50
CA ALA B 347 -18.43 -23.17 -10.51
C ALA B 347 -18.83 -23.66 -9.12
N PHE B 348 -20.09 -24.12 -9.00
CA PHE B 348 -20.56 -24.77 -7.77
C PHE B 348 -21.47 -25.94 -8.15
N ALA B 349 -21.46 -27.03 -7.36
CA ALA B 349 -22.40 -28.14 -7.58
C ALA B 349 -23.83 -27.64 -7.52
N SER B 350 -24.12 -26.70 -6.61
CA SER B 350 -25.50 -26.24 -6.50
C SER B 350 -26.00 -25.70 -7.83
N GLN B 351 -25.19 -24.87 -8.51
CA GLN B 351 -25.67 -24.22 -9.72
C GLN B 351 -25.62 -25.16 -10.92
N GLY B 352 -24.58 -26.02 -10.99
CA GLY B 352 -24.54 -27.02 -12.04
C GLY B 352 -25.81 -27.89 -12.02
N LEU B 353 -26.19 -28.38 -10.83
CA LEU B 353 -27.43 -29.13 -10.69
C LEU B 353 -28.66 -28.31 -11.07
N ALA B 354 -28.79 -27.08 -10.52
CA ALA B 354 -29.94 -26.25 -10.85
C ALA B 354 -30.07 -26.06 -12.36
N VAL B 355 -28.95 -25.74 -13.04
CA VAL B 355 -28.94 -25.56 -14.49
C VAL B 355 -29.46 -26.81 -15.21
N LEU B 356 -28.90 -27.97 -14.83
CA LEU B 356 -29.29 -29.23 -15.48
C LEU B 356 -30.78 -29.44 -15.33
N ARG B 357 -31.29 -29.21 -14.11
CA ARG B 357 -32.70 -29.48 -13.84
C ARG B 357 -33.61 -28.54 -14.64
N GLU B 358 -33.23 -27.25 -14.76
CA GLU B 358 -34.04 -26.31 -15.54
C GLU B 358 -34.03 -26.69 -17.02
N LEU B 359 -32.93 -27.31 -17.49
CA LEU B 359 -32.82 -27.64 -18.91
C LEU B 359 -33.33 -29.04 -19.22
N GLY B 360 -33.83 -29.74 -18.19
CA GLY B 360 -34.44 -31.05 -18.34
C GLY B 360 -33.40 -32.17 -18.54
N VAL B 361 -32.17 -31.98 -18.03
CA VAL B 361 -31.11 -32.98 -18.17
C VAL B 361 -30.86 -33.61 -16.82
N ALA B 362 -30.73 -34.95 -16.76
CA ALA B 362 -30.54 -35.61 -15.48
C ALA B 362 -29.24 -35.15 -14.80
N ASP B 363 -29.23 -35.22 -13.46
CA ASP B 363 -28.14 -34.79 -12.60
C ASP B 363 -26.83 -35.52 -12.92
N ASP B 364 -26.96 -36.77 -13.43
CA ASP B 364 -25.83 -37.65 -13.69
C ASP B 364 -25.87 -38.11 -15.15
N ALA B 365 -26.46 -37.31 -16.04
CA ALA B 365 -26.57 -37.70 -17.44
C ALA B 365 -25.19 -38.00 -18.04
N PRO B 366 -25.03 -39.06 -18.82
CA PRO B 366 -23.69 -39.51 -19.21
C PRO B 366 -22.94 -38.54 -20.13
N GLN B 367 -23.68 -37.66 -20.84
CA GLN B 367 -23.06 -36.75 -21.79
C GLN B 367 -22.55 -35.48 -21.11
N VAL B 368 -22.90 -35.29 -19.83
CA VAL B 368 -22.52 -34.08 -19.08
C VAL B 368 -21.20 -34.29 -18.34
N ASN B 369 -20.19 -33.43 -18.62
CA ASN B 369 -18.90 -33.43 -17.95
C ASN B 369 -18.36 -34.85 -17.77
N PRO B 370 -18.20 -35.63 -18.87
CA PRO B 370 -17.85 -37.05 -18.75
C PRO B 370 -16.44 -37.28 -18.21
N ASN B 371 -15.59 -36.24 -18.23
CA ASN B 371 -14.23 -36.28 -17.76
C ASN B 371 -14.08 -35.44 -16.49
N GLY B 372 -15.21 -35.09 -15.86
CA GLY B 372 -15.14 -34.27 -14.66
C GLY B 372 -15.11 -32.79 -15.06
N GLY B 373 -15.05 -31.91 -14.06
CA GLY B 373 -15.04 -30.49 -14.36
C GLY B 373 -14.37 -29.70 -13.24
N ALA B 374 -14.72 -28.41 -13.12
CA ALA B 374 -13.93 -27.49 -12.29
C ALA B 374 -13.89 -27.83 -10.80
N ILE B 375 -14.85 -28.60 -10.26
CA ILE B 375 -14.69 -29.02 -8.86
C ILE B 375 -13.36 -29.78 -8.67
N ALA B 376 -13.09 -30.69 -9.61
CA ALA B 376 -11.88 -31.50 -9.60
C ALA B 376 -10.72 -30.69 -10.18
N LEU B 377 -10.95 -29.99 -11.28
CA LEU B 377 -9.82 -29.48 -12.07
C LEU B 377 -9.41 -28.06 -11.68
N GLY B 378 -10.30 -27.29 -11.03
CA GLY B 378 -9.98 -25.89 -10.77
C GLY B 378 -10.54 -24.98 -11.87
N ALA B 379 -10.49 -23.64 -11.65
CA ALA B 379 -11.14 -22.71 -12.57
C ALA B 379 -10.40 -21.37 -12.62
N PRO B 380 -9.25 -21.25 -13.32
CA PRO B 380 -8.62 -19.92 -13.51
C PRO B 380 -9.58 -19.17 -14.42
N LEU B 381 -10.17 -18.06 -13.93
CA LEU B 381 -11.36 -17.44 -14.53
C LEU B 381 -11.25 -17.27 -16.05
N GLY B 382 -10.20 -16.57 -16.52
CA GLY B 382 -10.11 -16.26 -17.94
C GLY B 382 -9.83 -17.47 -18.82
N MET B 383 -9.20 -18.53 -18.25
CA MET B 383 -8.86 -19.74 -18.99
C MET B 383 -10.07 -20.66 -19.15
N SER B 384 -10.94 -20.74 -18.13
CA SER B 384 -11.89 -21.86 -17.99
C SER B 384 -12.76 -22.01 -19.24
N GLY B 385 -13.25 -20.89 -19.80
CA GLY B 385 -14.14 -21.01 -20.94
C GLY B 385 -13.47 -21.53 -22.20
N ALA B 386 -12.20 -21.16 -22.40
CA ALA B 386 -11.41 -21.72 -23.50
C ALA B 386 -11.17 -23.21 -23.27
N ARG B 387 -10.88 -23.62 -22.03
CA ARG B 387 -10.77 -25.05 -21.68
C ARG B 387 -12.07 -25.81 -21.99
N LEU B 388 -13.23 -25.24 -21.64
CA LEU B 388 -14.46 -26.00 -21.87
C LEU B 388 -14.65 -26.26 -23.37
N VAL B 389 -14.35 -25.27 -24.22
CA VAL B 389 -14.57 -25.48 -25.65
C VAL B 389 -13.59 -26.55 -26.15
N LEU B 390 -12.30 -26.41 -25.77
CA LEU B 390 -11.35 -27.36 -26.33
C LEU B 390 -11.57 -28.77 -25.82
N THR B 391 -11.99 -28.93 -24.55
CA THR B 391 -12.22 -30.24 -23.97
C THR B 391 -13.49 -30.87 -24.53
N ALA B 392 -14.55 -30.05 -24.77
CA ALA B 392 -15.73 -30.55 -25.48
C ALA B 392 -15.34 -31.15 -26.84
N LEU B 393 -14.47 -30.47 -27.59
CA LEU B 393 -14.09 -30.96 -28.91
C LEU B 393 -13.30 -32.26 -28.76
N HIS B 394 -12.39 -32.26 -27.79
CA HIS B 394 -11.56 -33.44 -27.55
C HIS B 394 -12.44 -34.64 -27.21
N GLN B 395 -13.45 -34.44 -26.35
CA GLN B 395 -14.35 -35.53 -25.98
C GLN B 395 -15.18 -36.03 -27.19
N LEU B 396 -15.62 -35.10 -28.06
CA LEU B 396 -16.32 -35.51 -29.28
C LEU B 396 -15.45 -36.44 -30.14
N GLU B 397 -14.16 -36.11 -30.28
CA GLU B 397 -13.26 -36.93 -31.09
C GLU B 397 -13.09 -38.33 -30.49
N LYS B 398 -12.93 -38.42 -29.18
CA LYS B 398 -12.74 -39.69 -28.50
C LYS B 398 -13.98 -40.57 -28.59
N SER B 399 -15.18 -39.96 -28.45
CA SER B 399 -16.43 -40.70 -28.35
C SER B 399 -17.11 -40.92 -29.71
N GLY B 400 -16.65 -40.20 -30.75
CA GLY B 400 -17.32 -40.24 -32.05
C GLY B 400 -18.59 -39.37 -32.12
N GLY B 401 -18.84 -38.54 -31.08
CA GLY B 401 -20.02 -37.70 -31.07
C GLY B 401 -19.92 -36.57 -32.10
N ARG B 402 -21.06 -35.91 -32.35
CA ARG B 402 -21.16 -34.91 -33.41
C ARG B 402 -21.25 -33.50 -32.79
N LYS B 403 -22.34 -33.20 -32.09
CA LYS B 403 -22.52 -31.82 -31.62
C LYS B 403 -22.15 -31.68 -30.15
N GLY B 404 -21.50 -30.55 -29.84
CA GLY B 404 -21.14 -30.32 -28.45
C GLY B 404 -21.59 -28.92 -28.01
N LEU B 405 -21.93 -28.82 -26.72
CA LEU B 405 -22.32 -27.57 -26.09
C LEU B 405 -21.39 -27.31 -24.90
N ALA B 406 -20.85 -26.10 -24.82
CA ALA B 406 -20.10 -25.66 -23.67
C ALA B 406 -20.84 -24.45 -23.10
N THR B 407 -20.98 -24.37 -21.76
CA THR B 407 -21.75 -23.26 -21.19
C THR B 407 -21.26 -23.00 -19.78
N MET B 408 -21.38 -21.74 -19.34
N MET B 408 -21.36 -21.74 -19.35
CA MET B 408 -20.96 -21.41 -18.00
CA MET B 408 -20.78 -21.38 -18.07
C MET B 408 -21.63 -20.14 -17.51
C MET B 408 -21.44 -20.13 -17.50
N CSO B 409 -21.60 -19.99 -16.19
N CSO B 409 -21.30 -20.00 -16.18
CA CSO B 409 -22.13 -18.82 -15.52
CA CSO B 409 -21.92 -18.94 -15.40
CB CSO B 409 -22.72 -19.21 -14.17
CB CSO B 409 -22.45 -19.49 -14.11
SG CSO B 409 -21.52 -19.90 -12.99
SG CSO B 409 -21.18 -20.10 -12.95
C CSO B 409 -21.03 -17.77 -15.43
C CSO B 409 -20.90 -17.82 -15.19
O CSO B 409 -19.90 -18.00 -15.85
O CSO B 409 -19.70 -18.07 -15.29
OD CSO B 409 -20.72 -21.10 -13.76
OD CSO B 409 -22.19 -20.32 -11.67
N VAL B 410 -21.41 -16.61 -14.89
CA VAL B 410 -20.61 -15.39 -14.88
C VAL B 410 -21.04 -14.61 -13.66
N GLY B 411 -20.04 -14.17 -12.89
CA GLY B 411 -20.25 -13.26 -11.77
C GLY B 411 -21.09 -12.05 -12.18
N VAL B 412 -21.97 -11.64 -11.25
CA VAL B 412 -22.82 -10.46 -11.46
C VAL B 412 -23.95 -10.81 -12.44
N GLY B 413 -24.17 -12.13 -12.65
CA GLY B 413 -25.44 -12.59 -13.18
C GLY B 413 -25.49 -12.73 -14.71
N GLN B 414 -24.57 -13.55 -15.29
CA GLN B 414 -24.69 -13.82 -16.72
C GLN B 414 -24.47 -15.30 -16.99
N GLY B 415 -24.77 -15.70 -18.23
CA GLY B 415 -24.34 -17.01 -18.71
C GLY B 415 -23.84 -16.88 -20.15
N LEU B 416 -23.04 -17.86 -20.60
CA LEU B 416 -22.58 -17.86 -21.98
C LEU B 416 -22.63 -19.30 -22.46
N ALA B 417 -22.94 -19.48 -23.74
CA ALA B 417 -23.07 -20.82 -24.31
C ALA B 417 -22.50 -20.80 -25.72
N LEU B 418 -21.81 -21.89 -26.09
CA LEU B 418 -21.21 -21.98 -27.42
C LEU B 418 -21.38 -23.41 -27.91
N ALA B 419 -21.83 -23.54 -29.17
CA ALA B 419 -22.05 -24.87 -29.73
C ALA B 419 -21.08 -25.15 -30.88
N ILE B 420 -20.65 -26.43 -31.00
CA ILE B 420 -19.71 -26.80 -32.05
C ILE B 420 -20.20 -28.12 -32.66
N GLU B 421 -19.62 -28.46 -33.81
CA GLU B 421 -19.94 -29.73 -34.46
C GLU B 421 -18.67 -30.34 -35.02
N ARG B 422 -18.32 -31.58 -34.60
CA ARG B 422 -17.13 -32.24 -35.12
C ARG B 422 -17.26 -32.43 -36.63
N VAL B 423 -16.18 -32.20 -37.38
CA VAL B 423 -16.26 -32.21 -38.84
C VAL B 423 -16.51 -33.64 -39.34
N SER C 23 -26.76 -15.49 -44.88
CA SER C 23 -26.14 -14.27 -45.53
C SER C 23 -26.01 -13.11 -44.54
N MET C 24 -25.03 -12.22 -44.80
CA MET C 24 -24.58 -11.18 -43.88
C MET C 24 -25.69 -10.16 -43.71
N HIS C 25 -25.73 -9.48 -42.54
CA HIS C 25 -26.75 -8.49 -42.27
C HIS C 25 -26.09 -7.12 -42.23
N ASP C 26 -26.73 -6.13 -42.87
CA ASP C 26 -26.36 -4.72 -42.69
C ASP C 26 -26.50 -4.33 -41.22
N VAL C 27 -25.64 -3.41 -40.76
CA VAL C 27 -25.61 -2.98 -39.36
C VAL C 27 -25.58 -1.46 -39.35
N PHE C 28 -26.49 -0.87 -38.57
CA PHE C 28 -26.63 0.58 -38.59
C PHE C 28 -26.30 1.15 -37.20
N ILE C 29 -25.46 2.18 -37.20
CA ILE C 29 -25.32 2.99 -35.99
C ILE C 29 -26.53 3.93 -35.92
N CYS C 30 -27.14 4.03 -34.73
CA CYS C 30 -28.32 4.86 -34.52
C CYS C 30 -27.90 5.98 -33.56
N ASP C 31 -28.63 6.21 -32.48
CA ASP C 31 -28.31 7.30 -31.57
C ASP C 31 -26.94 7.07 -30.94
N ALA C 32 -26.26 8.17 -30.61
CA ALA C 32 -24.95 8.10 -29.98
C ALA C 32 -24.78 9.33 -29.09
N ILE C 33 -24.09 9.17 -27.96
CA ILE C 33 -24.01 10.28 -27.02
C ILE C 33 -22.75 10.06 -26.19
N ARG C 34 -22.26 11.15 -25.57
CA ARG C 34 -21.08 11.04 -24.73
C ARG C 34 -21.17 12.02 -23.56
N THR C 35 -20.36 11.76 -22.52
CA THR C 35 -20.17 12.75 -21.49
C THR C 35 -19.20 13.80 -22.05
N PRO C 36 -19.08 14.97 -21.38
CA PRO C 36 -17.92 15.83 -21.61
C PRO C 36 -16.63 15.07 -21.23
N ILE C 37 -15.49 15.57 -21.71
CA ILE C 37 -14.24 14.94 -21.27
C ILE C 37 -13.63 15.86 -20.21
N GLY C 38 -13.31 15.28 -19.04
CA GLY C 38 -12.69 16.04 -17.94
C GLY C 38 -11.17 15.95 -17.95
N ARG C 39 -10.51 16.97 -17.37
CA ARG C 39 -9.07 16.94 -17.12
C ARG C 39 -8.73 15.99 -15.97
N PHE C 40 -7.50 15.44 -15.96
CA PHE C 40 -7.03 14.66 -14.82
C PHE C 40 -7.20 15.52 -13.55
N GLY C 41 -7.92 14.97 -12.55
CA GLY C 41 -8.13 15.63 -11.27
C GLY C 41 -9.14 16.77 -11.38
N GLY C 42 -9.83 16.86 -12.53
CA GLY C 42 -10.72 17.97 -12.84
C GLY C 42 -12.19 17.66 -12.60
N ALA C 43 -13.04 18.12 -13.53
CA ALA C 43 -14.47 18.25 -13.29
C ALA C 43 -15.15 16.90 -13.05
N LEU C 44 -14.59 15.81 -13.61
CA LEU C 44 -15.24 14.51 -13.43
C LEU C 44 -14.44 13.58 -12.49
N ALA C 45 -13.40 14.09 -11.82
CA ALA C 45 -12.49 13.24 -11.04
C ALA C 45 -13.20 12.53 -9.87
N SER C 46 -14.33 13.09 -9.39
CA SER C 46 -15.07 12.53 -8.28
C SER C 46 -16.02 11.41 -8.72
N VAL C 47 -16.16 11.20 -10.03
CA VAL C 47 -17.21 10.29 -10.53
C VAL C 47 -16.60 8.90 -10.75
N ARG C 48 -17.14 7.88 -10.06
CA ARG C 48 -16.63 6.52 -10.22
C ARG C 48 -16.73 6.10 -11.68
N ALA C 49 -15.78 5.27 -12.19
CA ALA C 49 -15.79 4.86 -13.58
C ALA C 49 -17.07 4.12 -13.99
N ASP C 50 -17.59 3.25 -13.09
CA ASP C 50 -18.80 2.49 -13.40
C ASP C 50 -20.02 3.44 -13.46
N ASP C 51 -20.14 4.37 -12.52
CA ASP C 51 -21.17 5.41 -12.61
C ASP C 51 -21.01 6.27 -13.87
N LEU C 52 -19.76 6.65 -14.22
CA LEU C 52 -19.54 7.45 -15.42
C LEU C 52 -19.99 6.71 -16.68
N ALA C 53 -19.64 5.41 -16.78
CA ALA C 53 -20.05 4.56 -17.89
C ALA C 53 -21.57 4.53 -18.00
N ALA C 54 -22.26 4.52 -16.84
CA ALA C 54 -23.72 4.47 -16.84
C ALA C 54 -24.40 5.75 -17.36
N VAL C 55 -23.71 6.91 -17.33
CA VAL C 55 -24.33 8.17 -17.74
C VAL C 55 -24.83 8.07 -19.18
N PRO C 56 -23.96 7.78 -20.18
CA PRO C 56 -24.45 7.69 -21.54
C PRO C 56 -25.51 6.61 -21.75
N LEU C 57 -25.42 5.48 -21.02
CA LEU C 57 -26.43 4.43 -21.15
C LEU C 57 -27.79 4.97 -20.69
N LYS C 58 -27.83 5.66 -19.53
CA LYS C 58 -29.10 6.24 -19.07
C LYS C 58 -29.63 7.25 -20.08
N ALA C 59 -28.74 8.06 -20.69
CA ALA C 59 -29.20 9.03 -21.68
C ALA C 59 -29.78 8.30 -22.90
N LEU C 60 -29.17 7.17 -23.33
CA LEU C 60 -29.72 6.47 -24.49
C LEU C 60 -31.16 6.00 -24.23
N ILE C 61 -31.41 5.56 -22.99
CA ILE C 61 -32.75 5.14 -22.59
C ILE C 61 -33.73 6.30 -22.70
N GLU C 62 -33.38 7.43 -22.10
CA GLU C 62 -34.22 8.62 -22.12
C GLU C 62 -34.47 9.13 -23.55
N ARG C 63 -33.45 9.03 -24.44
CA ARG C 63 -33.53 9.63 -25.76
C ARG C 63 -34.26 8.74 -26.75
N ASN C 64 -34.52 7.47 -26.40
CA ASN C 64 -34.97 6.54 -27.44
C ASN C 64 -36.16 5.76 -26.90
N PRO C 65 -37.30 6.44 -26.61
CA PRO C 65 -38.46 5.80 -25.94
C PRO C 65 -39.17 4.68 -26.68
N GLY C 66 -38.95 4.54 -27.98
CA GLY C 66 -39.53 3.46 -28.76
C GLY C 66 -38.86 2.09 -28.59
N VAL C 67 -37.66 2.08 -27.96
CA VAL C 67 -36.89 0.86 -27.81
C VAL C 67 -37.54 0.01 -26.73
N GLN C 68 -37.70 -1.30 -26.99
CA GLN C 68 -38.07 -2.19 -25.91
C GLN C 68 -36.75 -2.71 -25.30
N TRP C 69 -36.38 -2.19 -24.12
CA TRP C 69 -35.01 -2.32 -23.63
C TRP C 69 -34.65 -3.75 -23.22
N ASP C 70 -35.63 -4.59 -22.90
CA ASP C 70 -35.32 -5.97 -22.58
C ASP C 70 -34.95 -6.77 -23.83
N GLN C 71 -34.95 -6.13 -25.02
CA GLN C 71 -34.51 -6.80 -26.22
C GLN C 71 -33.06 -6.45 -26.58
N VAL C 72 -32.37 -5.63 -25.75
CA VAL C 72 -30.94 -5.41 -26.01
C VAL C 72 -30.18 -6.73 -25.83
N ASP C 73 -29.44 -7.16 -26.88
CA ASP C 73 -28.75 -8.43 -26.89
C ASP C 73 -27.44 -8.38 -26.10
N GLU C 74 -26.77 -7.22 -26.04
CA GLU C 74 -25.45 -7.13 -25.42
C GLU C 74 -25.06 -5.65 -25.27
N VAL C 75 -24.33 -5.34 -24.18
CA VAL C 75 -23.61 -4.07 -24.04
C VAL C 75 -22.11 -4.39 -24.12
N PHE C 76 -21.44 -3.87 -25.16
CA PHE C 76 -20.01 -3.99 -25.35
C PHE C 76 -19.36 -2.67 -24.95
N PHE C 77 -18.46 -2.70 -23.93
CA PHE C 77 -17.80 -1.47 -23.55
C PHE C 77 -16.28 -1.65 -23.58
N GLY C 78 -15.58 -0.63 -24.10
CA GLY C 78 -14.12 -0.64 -24.03
C GLY C 78 -13.60 -0.01 -22.73
N CYS C 79 -12.52 -0.58 -22.16
CA CYS C 79 -11.93 0.01 -20.95
C CYS C 79 -10.50 -0.53 -20.85
N ALA C 80 -9.51 0.38 -20.75
CA ALA C 80 -8.11 -0.03 -20.80
C ALA C 80 -7.57 -0.49 -19.45
N ASN C 81 -8.21 -0.08 -18.35
CA ASN C 81 -7.58 -0.29 -17.04
C ASN C 81 -8.16 -1.51 -16.32
N GLN C 82 -9.39 -1.36 -15.79
CA GLN C 82 -10.14 -2.48 -15.21
C GLN C 82 -9.58 -2.89 -13.85
N ALA C 83 -8.73 -2.04 -13.25
CA ALA C 83 -8.22 -2.37 -11.91
C ALA C 83 -8.98 -1.64 -10.80
N GLY C 84 -9.66 -0.55 -11.16
CA GLY C 84 -10.30 0.35 -10.21
C GLY C 84 -11.79 0.08 -10.07
N GLU C 85 -12.59 1.14 -10.02
CA GLU C 85 -14.04 0.95 -9.90
C GLU C 85 -14.62 0.49 -11.24
N ASP C 86 -13.75 0.36 -12.24
CA ASP C 86 -14.09 -0.25 -13.53
C ASP C 86 -13.73 -1.76 -13.55
N ASN C 87 -13.48 -2.35 -12.37
CA ASN C 87 -13.11 -3.77 -12.30
C ASN C 87 -14.30 -4.69 -12.52
N ARG C 88 -13.99 -5.92 -12.93
N ARG C 88 -14.02 -5.95 -12.87
CA ARG C 88 -14.89 -7.07 -12.94
CA ARG C 88 -14.99 -7.05 -12.89
C ARG C 88 -16.04 -6.85 -13.93
C ARG C 88 -16.09 -6.79 -13.93
N ASN C 89 -15.67 -6.39 -15.13
CA ASN C 89 -16.57 -6.31 -16.28
C ASN C 89 -17.47 -5.08 -16.17
N VAL C 90 -16.86 -3.91 -16.43
CA VAL C 90 -17.54 -2.62 -16.23
C VAL C 90 -18.76 -2.48 -17.15
N ALA C 91 -18.78 -3.16 -18.32
CA ALA C 91 -19.95 -3.09 -19.19
C ALA C 91 -21.20 -3.56 -18.44
N ARG C 92 -21.08 -4.68 -17.73
CA ARG C 92 -22.22 -5.22 -16.99
C ARG C 92 -22.53 -4.37 -15.75
N MET C 93 -21.50 -3.94 -15.01
CA MET C 93 -21.73 -3.03 -13.87
C MET C 93 -22.54 -1.82 -14.35
N ALA C 94 -22.10 -1.22 -15.46
CA ALA C 94 -22.68 0.03 -15.95
C ALA C 94 -24.12 -0.20 -16.41
N LEU C 95 -24.39 -1.32 -17.10
CA LEU C 95 -25.77 -1.45 -17.60
C LEU C 95 -26.72 -1.61 -16.40
N LEU C 96 -26.28 -2.28 -15.31
CA LEU C 96 -27.16 -2.42 -14.17
C LEU C 96 -27.35 -1.07 -13.46
N LEU C 97 -26.27 -0.28 -13.33
CA LEU C 97 -26.39 1.06 -12.70
C LEU C 97 -27.27 1.99 -13.56
N ALA C 98 -27.32 1.77 -14.89
CA ALA C 98 -28.09 2.62 -15.79
C ALA C 98 -29.60 2.30 -15.73
N GLY C 99 -29.97 1.19 -15.09
CA GLY C 99 -31.38 0.81 -14.97
C GLY C 99 -31.83 -0.09 -16.11
N LEU C 100 -30.89 -0.62 -16.90
CA LEU C 100 -31.25 -1.61 -17.91
C LEU C 100 -31.61 -2.91 -17.21
N PRO C 101 -32.54 -3.74 -17.73
CA PRO C 101 -32.94 -4.98 -17.04
C PRO C 101 -31.75 -5.91 -16.81
N GLU C 102 -31.85 -6.70 -15.73
CA GLU C 102 -30.78 -7.63 -15.35
C GLU C 102 -30.64 -8.77 -16.38
N SER C 103 -31.63 -8.94 -17.26
CA SER C 103 -31.57 -9.93 -18.33
C SER C 103 -30.54 -9.55 -19.43
N ILE C 104 -30.08 -8.28 -19.47
CA ILE C 104 -29.18 -7.84 -20.54
C ILE C 104 -27.72 -8.16 -20.22
N PRO C 105 -26.99 -8.93 -21.09
CA PRO C 105 -25.59 -9.25 -20.83
C PRO C 105 -24.64 -8.12 -21.22
N GLY C 106 -23.41 -8.19 -20.68
CA GLY C 106 -22.40 -7.18 -20.97
C GLY C 106 -21.01 -7.80 -21.00
N VAL C 107 -20.13 -7.22 -21.82
CA VAL C 107 -18.75 -7.69 -21.95
C VAL C 107 -17.83 -6.47 -22.14
N THR C 108 -16.61 -6.54 -21.57
CA THR C 108 -15.69 -5.41 -21.63
C THR C 108 -14.47 -5.79 -22.48
N LEU C 109 -14.08 -4.89 -23.39
CA LEU C 109 -12.95 -5.15 -24.30
C LEU C 109 -11.79 -4.25 -23.94
N ASN C 110 -10.57 -4.79 -24.17
CA ASN C 110 -9.35 -4.04 -23.88
C ASN C 110 -8.41 -4.12 -25.08
N ARG C 111 -8.32 -3.02 -25.85
CA ARG C 111 -7.21 -2.82 -26.76
C ARG C 111 -6.64 -1.42 -26.47
N LEU C 112 -6.41 -1.15 -25.18
CA LEU C 112 -5.86 0.11 -24.70
C LEU C 112 -6.60 1.29 -25.34
N CYS C 113 -5.89 2.25 -25.99
CA CYS C 113 -6.57 3.48 -26.41
C CYS C 113 -7.59 3.18 -27.49
N ALA C 114 -7.54 1.98 -28.10
CA ALA C 114 -8.50 1.63 -29.13
C ALA C 114 -9.73 0.90 -28.61
N SER C 115 -9.80 0.64 -27.29
CA SER C 115 -10.84 -0.23 -26.74
C SER C 115 -12.26 0.16 -27.18
N GLY C 116 -12.59 1.46 -27.18
CA GLY C 116 -13.94 1.91 -27.46
C GLY C 116 -14.31 1.69 -28.93
N MET C 117 -13.30 1.79 -29.81
CA MET C 117 -13.53 1.51 -31.23
C MET C 117 -13.74 -0.01 -31.40
N ASP C 118 -12.95 -0.80 -30.67
CA ASP C 118 -13.06 -2.26 -30.74
C ASP C 118 -14.48 -2.67 -30.31
N ALA C 119 -15.01 -2.03 -29.27
CA ALA C 119 -16.39 -2.29 -28.84
C ALA C 119 -17.38 -2.10 -30.00
N VAL C 120 -17.24 -1.00 -30.76
CA VAL C 120 -18.15 -0.75 -31.89
C VAL C 120 -17.98 -1.84 -32.95
N GLY C 121 -16.72 -2.17 -33.28
CA GLY C 121 -16.50 -3.15 -34.34
C GLY C 121 -16.94 -4.57 -33.95
N THR C 122 -16.78 -4.90 -32.66
CA THR C 122 -17.18 -6.19 -32.16
C THR C 122 -18.71 -6.32 -32.15
N ALA C 123 -19.36 -5.22 -31.74
CA ALA C 123 -20.82 -5.13 -31.83
C ALA C 123 -21.28 -5.34 -33.29
N PHE C 124 -20.62 -4.65 -34.23
CA PHE C 124 -20.91 -4.77 -35.65
C PHE C 124 -20.82 -6.24 -36.11
N ARG C 125 -19.71 -6.93 -35.79
CA ARG C 125 -19.49 -8.32 -36.18
C ARG C 125 -20.59 -9.24 -35.60
N ALA C 126 -21.05 -8.95 -34.38
CA ALA C 126 -22.05 -9.79 -33.72
C ALA C 126 -23.38 -9.70 -34.46
N ILE C 127 -23.75 -8.47 -34.88
CA ILE C 127 -24.95 -8.30 -35.68
C ILE C 127 -24.79 -8.79 -37.13
N ALA C 128 -23.65 -8.49 -37.79
CA ALA C 128 -23.45 -8.86 -39.20
C ALA C 128 -23.50 -10.38 -39.34
N SER C 129 -23.03 -11.11 -38.32
CA SER C 129 -22.97 -12.58 -38.39
C SER C 129 -24.29 -13.21 -37.98
N GLY C 130 -25.28 -12.38 -37.70
CA GLY C 130 -26.63 -12.86 -37.42
C GLY C 130 -26.86 -13.35 -36.00
N GLU C 131 -25.90 -13.08 -35.08
CA GLU C 131 -26.01 -13.62 -33.73
C GLU C 131 -26.78 -12.66 -32.80
N MET C 132 -26.93 -11.39 -33.21
CA MET C 132 -27.66 -10.40 -32.41
C MET C 132 -28.37 -9.45 -33.35
N GLU C 133 -29.32 -8.66 -32.81
CA GLU C 133 -30.07 -7.68 -33.59
C GLU C 133 -29.90 -6.26 -33.03
N LEU C 134 -29.78 -6.10 -31.70
CA LEU C 134 -29.83 -4.76 -31.11
C LEU C 134 -28.79 -4.73 -30.00
N VAL C 135 -27.82 -3.79 -30.09
CA VAL C 135 -26.69 -3.81 -29.15
C VAL C 135 -26.31 -2.37 -28.81
N ILE C 136 -25.58 -2.21 -27.70
CA ILE C 136 -25.01 -0.93 -27.33
C ILE C 136 -23.51 -1.15 -27.28
N ALA C 137 -22.81 -0.18 -27.88
CA ALA C 137 -21.35 -0.19 -27.87
C ALA C 137 -20.85 1.14 -27.30
N GLY C 138 -19.80 1.08 -26.48
CA GLY C 138 -19.27 2.33 -25.99
C GLY C 138 -17.92 2.12 -25.30
N GLY C 139 -17.50 3.13 -24.53
CA GLY C 139 -16.35 2.88 -23.71
C GLY C 139 -16.26 3.92 -22.61
N VAL C 140 -15.33 3.67 -21.69
CA VAL C 140 -15.16 4.53 -20.52
C VAL C 140 -13.69 4.53 -20.11
N GLU C 141 -13.24 5.67 -19.53
CA GLU C 141 -12.04 5.62 -18.71
C GLU C 141 -12.13 6.73 -17.66
N SER C 142 -11.78 6.37 -16.40
CA SER C 142 -11.53 7.41 -15.41
C SER C 142 -10.03 7.37 -15.09
N MET C 143 -9.23 8.19 -15.78
CA MET C 143 -7.81 8.12 -15.51
C MET C 143 -7.48 8.82 -14.17
N SER C 144 -8.29 9.80 -13.77
CA SER C 144 -8.13 10.46 -12.47
C SER C 144 -8.13 9.40 -11.37
N ARG C 145 -9.07 8.44 -11.51
CA ARG C 145 -9.34 7.49 -10.43
C ARG C 145 -8.61 6.15 -10.64
N ALA C 146 -7.73 6.04 -11.65
CA ALA C 146 -6.98 4.80 -11.84
C ALA C 146 -6.22 4.50 -10.55
N PRO C 147 -6.29 3.27 -10.02
CA PRO C 147 -5.71 2.96 -8.70
C PRO C 147 -4.23 2.64 -8.76
N PHE C 148 -3.62 2.49 -7.55
CA PHE C 148 -2.32 1.87 -7.47
C PHE C 148 -2.46 0.37 -7.29
N VAL C 149 -1.44 -0.36 -7.72
CA VAL C 149 -1.47 -1.81 -7.63
C VAL C 149 -0.18 -2.27 -6.95
N MET C 150 -0.30 -3.40 -6.24
CA MET C 150 0.80 -3.97 -5.47
C MET C 150 0.77 -5.49 -5.67
N GLY C 151 1.85 -6.05 -6.27
CA GLY C 151 1.94 -7.51 -6.36
C GLY C 151 1.92 -8.17 -4.97
N LYS C 152 1.47 -9.43 -4.93
CA LYS C 152 1.51 -10.23 -3.71
C LYS C 152 2.98 -10.51 -3.34
N ALA C 153 3.21 -10.74 -2.05
CA ALA C 153 4.51 -11.21 -1.62
C ALA C 153 4.77 -12.60 -2.21
N GLU C 154 6.01 -12.80 -2.65
CA GLU C 154 6.39 -14.10 -3.19
C GLU C 154 7.07 -14.96 -2.13
N SER C 155 7.26 -14.45 -0.92
CA SER C 155 7.81 -15.25 0.16
C SER C 155 7.37 -14.64 1.50
N ALA C 156 7.42 -15.45 2.58
CA ALA C 156 7.10 -14.98 3.92
C ALA C 156 8.09 -13.88 4.30
N TYR C 157 7.56 -12.77 4.86
CA TYR C 157 8.33 -11.60 5.31
C TYR C 157 9.12 -11.00 4.16
N SER C 158 8.57 -11.06 2.94
CA SER C 158 9.27 -10.42 1.84
C SER C 158 9.49 -8.93 2.11
N ARG C 159 10.70 -8.44 1.76
CA ARG C 159 11.04 -7.03 1.91
C ARG C 159 10.82 -6.30 0.57
N ASN C 160 10.25 -6.99 -0.44
CA ASN C 160 10.21 -6.42 -1.79
C ASN C 160 8.78 -6.11 -2.24
N MET C 161 8.05 -5.29 -1.48
CA MET C 161 6.70 -4.89 -1.82
C MET C 161 6.78 -3.52 -2.49
N LYS C 162 5.94 -3.28 -3.51
CA LYS C 162 6.10 -2.07 -4.31
C LYS C 162 4.71 -1.65 -4.78
N LEU C 163 4.46 -0.33 -4.83
CA LEU C 163 3.18 0.20 -5.32
C LEU C 163 3.45 0.79 -6.70
N GLU C 164 2.49 0.62 -7.62
CA GLU C 164 2.69 1.13 -8.98
C GLU C 164 1.41 1.84 -9.44
N ASP C 165 1.61 2.96 -10.13
CA ASP C 165 0.53 3.80 -10.62
C ASP C 165 -0.05 3.18 -11.90
N THR C 166 -1.37 3.05 -11.99
CA THR C 166 -1.96 2.48 -13.21
C THR C 166 -2.61 3.56 -14.09
N THR C 167 -2.36 4.84 -13.80
CA THR C 167 -3.01 5.91 -14.56
C THR C 167 -2.74 5.75 -16.07
N ILE C 168 -1.48 5.53 -16.43
CA ILE C 168 -1.17 5.30 -17.84
C ILE C 168 0.22 4.67 -17.94
N GLY C 169 0.38 3.80 -18.95
CA GLY C 169 1.72 3.32 -19.26
C GLY C 169 2.14 2.08 -18.46
N TRP C 170 3.42 1.73 -18.57
CA TRP C 170 3.96 0.46 -18.09
C TRP C 170 3.79 0.27 -16.58
N ARG C 171 3.34 -0.90 -16.17
CA ARG C 171 3.50 -1.33 -14.78
C ARG C 171 3.68 -2.84 -14.79
N PHE C 172 4.27 -3.41 -13.72
CA PHE C 172 4.67 -4.81 -13.71
C PHE C 172 5.45 -5.17 -14.99
N ILE C 173 6.54 -4.44 -15.22
CA ILE C 173 7.33 -4.66 -16.42
C ILE C 173 7.92 -6.05 -16.40
N ASN C 174 7.72 -6.76 -17.52
CA ASN C 174 8.35 -8.06 -17.74
C ASN C 174 9.78 -7.82 -18.28
N PRO C 175 10.84 -8.33 -17.61
CA PRO C 175 12.21 -8.19 -18.16
C PRO C 175 12.40 -8.74 -19.58
N LEU C 176 11.59 -9.74 -19.97
CA LEU C 176 11.68 -10.30 -21.31
C LEU C 176 11.05 -9.35 -22.33
N MET C 177 10.00 -8.61 -21.94
CA MET C 177 9.46 -7.62 -22.87
C MET C 177 10.50 -6.53 -23.07
N LYS C 178 11.10 -6.05 -21.97
CA LYS C 178 12.08 -4.97 -22.02
C LYS C 178 13.26 -5.37 -22.89
N SER C 179 13.77 -6.60 -22.73
CA SER C 179 14.97 -6.97 -23.49
C SER C 179 14.69 -7.10 -24.99
N GLN C 180 13.50 -7.58 -25.37
CA GLN C 180 13.22 -7.87 -26.76
C GLN C 180 12.68 -6.65 -27.48
N TYR C 181 11.76 -5.91 -26.85
CA TYR C 181 11.00 -4.86 -27.55
C TYR C 181 11.21 -3.50 -26.92
N GLY C 182 11.83 -3.48 -25.73
CA GLY C 182 11.88 -2.22 -25.00
C GLY C 182 10.57 -1.96 -24.23
N VAL C 183 10.63 -1.02 -23.28
CA VAL C 183 9.45 -0.54 -22.57
C VAL C 183 9.43 0.98 -22.60
N ASP C 184 9.65 1.51 -23.80
CA ASP C 184 9.54 2.94 -24.05
C ASP C 184 8.21 3.42 -23.54
N SER C 185 8.22 4.59 -22.90
CA SER C 185 6.98 5.23 -22.52
C SER C 185 6.28 5.70 -23.81
N MET C 186 4.98 6.00 -23.71
CA MET C 186 4.26 6.45 -24.91
C MET C 186 4.91 7.73 -25.49
N PRO C 187 5.28 8.77 -24.69
CA PRO C 187 5.99 9.92 -25.24
C PRO C 187 7.31 9.51 -25.90
N GLU C 188 8.03 8.54 -25.30
CA GLU C 188 9.27 8.12 -25.93
C GLU C 188 9.01 7.53 -27.31
N THR C 189 7.93 6.74 -27.43
CA THR C 189 7.59 6.20 -28.74
C THR C 189 7.26 7.32 -29.72
N ALA C 190 6.64 8.41 -29.22
CA ALA C 190 6.24 9.49 -30.11
C ALA C 190 7.50 10.23 -30.60
N ASP C 191 8.50 10.38 -29.73
CA ASP C 191 9.82 10.88 -30.13
C ASP C 191 10.47 9.96 -31.17
N ASN C 192 10.35 8.65 -30.98
CA ASN C 192 10.91 7.67 -31.90
C ASN C 192 10.25 7.83 -33.27
N VAL C 193 8.93 8.01 -33.32
CA VAL C 193 8.27 8.23 -34.60
C VAL C 193 8.76 9.55 -35.23
N ALA C 194 8.84 10.64 -34.45
CA ALA C 194 9.34 11.93 -34.92
C ALA C 194 10.72 11.76 -35.59
N ASP C 195 11.61 11.01 -34.95
CA ASP C 195 12.96 10.79 -35.48
C ASP C 195 12.93 9.92 -36.73
N ASP C 196 12.31 8.73 -36.65
CA ASP C 196 12.33 7.78 -37.75
C ASP C 196 11.57 8.27 -38.98
N TYR C 197 10.51 9.04 -38.77
CA TYR C 197 9.65 9.48 -39.86
C TYR C 197 9.93 10.93 -40.21
N GLN C 198 10.87 11.59 -39.52
CA GLN C 198 11.32 12.97 -39.75
C GLN C 198 10.18 13.97 -39.65
N VAL C 199 9.56 14.03 -38.47
CA VAL C 199 8.47 14.97 -38.26
C VAL C 199 9.03 16.04 -37.33
N SER C 200 9.13 17.28 -37.86
CA SER C 200 9.77 18.34 -37.10
C SER C 200 8.93 18.83 -35.92
N ARG C 201 9.62 19.38 -34.92
CA ARG C 201 8.98 20.10 -33.82
C ARG C 201 8.02 21.18 -34.35
N ALA C 202 8.48 22.01 -35.29
CA ALA C 202 7.64 23.08 -35.84
C ALA C 202 6.33 22.54 -36.44
N ASP C 203 6.40 21.42 -37.17
CA ASP C 203 5.21 20.86 -37.80
C ASP C 203 4.29 20.30 -36.71
N GLN C 204 4.87 19.65 -35.69
CA GLN C 204 4.09 19.11 -34.58
C GLN C 204 3.31 20.23 -33.89
N ASP C 205 3.99 21.36 -33.60
CA ASP C 205 3.34 22.45 -32.88
C ASP C 205 2.24 23.06 -33.78
N ALA C 206 2.51 23.19 -35.09
CA ALA C 206 1.50 23.74 -35.98
C ALA C 206 0.23 22.88 -35.96
N PHE C 207 0.41 21.55 -35.90
CA PHE C 207 -0.72 20.63 -35.92
C PHE C 207 -1.51 20.78 -34.62
N ALA C 208 -0.77 20.87 -33.49
CA ALA C 208 -1.35 21.04 -32.17
C ALA C 208 -2.14 22.34 -32.14
N LEU C 209 -1.61 23.42 -32.71
CA LEU C 209 -2.35 24.69 -32.74
C LEU C 209 -3.63 24.54 -33.55
N ARG C 210 -3.59 23.89 -34.73
CA ARG C 210 -4.81 23.73 -35.50
C ARG C 210 -5.85 22.95 -34.71
N SER C 211 -5.42 21.92 -33.96
CA SER C 211 -6.34 21.15 -33.16
C SER C 211 -7.06 22.05 -32.15
N GLN C 212 -6.29 22.84 -31.38
CA GLN C 212 -6.89 23.80 -30.46
C GLN C 212 -7.83 24.77 -31.18
N GLN C 213 -7.39 25.30 -32.33
CA GLN C 213 -8.22 26.31 -33.00
C GLN C 213 -9.52 25.70 -33.50
N LYS C 214 -9.44 24.50 -34.08
CA LYS C 214 -10.63 23.86 -34.61
C LYS C 214 -11.58 23.42 -33.50
N ALA C 215 -11.03 22.89 -32.38
CA ALA C 215 -11.87 22.50 -31.25
C ALA C 215 -12.57 23.75 -30.68
N ALA C 216 -11.81 24.85 -30.50
CA ALA C 216 -12.44 26.05 -29.95
C ALA C 216 -13.62 26.50 -30.82
N ALA C 217 -13.42 26.46 -32.17
CA ALA C 217 -14.47 26.86 -33.10
C ALA C 217 -15.69 25.94 -32.96
N ALA C 218 -15.44 24.62 -32.94
CA ALA C 218 -16.52 23.65 -32.84
C ALA C 218 -17.26 23.82 -31.52
N GLN C 219 -16.54 24.10 -30.41
CA GLN C 219 -17.18 24.28 -29.11
C GLN C 219 -18.12 25.49 -29.16
N ALA C 220 -17.58 26.61 -29.65
CA ALA C 220 -18.37 27.83 -29.73
C ALA C 220 -19.59 27.67 -30.64
N ALA C 221 -19.47 26.89 -31.72
CA ALA C 221 -20.54 26.63 -32.67
C ALA C 221 -21.63 25.71 -32.10
N GLY C 222 -21.38 25.07 -30.94
CA GLY C 222 -22.33 24.15 -30.35
C GLY C 222 -22.21 22.71 -30.88
N PHE C 223 -21.14 22.40 -31.63
CA PHE C 223 -20.99 21.08 -32.23
C PHE C 223 -20.83 20.03 -31.13
N PHE C 224 -19.93 20.26 -30.15
CA PHE C 224 -19.80 19.30 -29.09
C PHE C 224 -21.06 19.24 -28.24
N ALA C 225 -21.78 20.36 -28.08
CA ALA C 225 -22.97 20.30 -27.22
C ALA C 225 -24.01 19.29 -27.76
N GLU C 226 -24.06 19.08 -29.07
CA GLU C 226 -25.00 18.16 -29.69
C GLU C 226 -24.63 16.71 -29.38
N GLU C 227 -23.35 16.46 -29.05
CA GLU C 227 -22.89 15.12 -28.71
C GLU C 227 -23.00 14.81 -27.21
N ILE C 228 -23.12 15.85 -26.38
CA ILE C 228 -22.88 15.75 -24.95
C ILE C 228 -24.17 15.59 -24.15
N VAL C 229 -24.12 14.69 -23.17
CA VAL C 229 -25.13 14.68 -22.11
C VAL C 229 -24.42 15.05 -20.83
N PRO C 230 -25.07 15.85 -19.97
CA PRO C 230 -24.40 16.34 -18.77
C PRO C 230 -24.20 15.25 -17.73
N VAL C 231 -23.18 15.43 -16.89
CA VAL C 231 -22.94 14.56 -15.76
C VAL C 231 -23.37 15.32 -14.50
N ARG C 232 -24.35 14.76 -13.76
CA ARG C 232 -24.80 15.39 -12.52
C ARG C 232 -23.98 14.84 -11.36
N ILE C 233 -23.42 15.75 -10.56
CA ILE C 233 -22.68 15.33 -9.39
C ILE C 233 -23.40 15.83 -8.13
N ALA C 234 -23.89 14.91 -7.30
CA ALA C 234 -24.69 15.30 -6.15
C ALA C 234 -23.86 15.18 -4.86
N GLU C 239 -26.10 20.19 -6.06
CA GLU C 239 -25.94 19.47 -7.36
C GLU C 239 -25.10 20.32 -8.32
N ILE C 240 -23.96 19.75 -8.78
CA ILE C 240 -23.11 20.37 -9.78
C ILE C 240 -23.35 19.68 -11.12
N ILE C 241 -23.36 20.45 -12.23
CA ILE C 241 -23.64 19.81 -13.51
C ILE C 241 -22.46 20.06 -14.44
N VAL C 242 -21.88 18.97 -14.96
CA VAL C 242 -20.71 19.09 -15.83
C VAL C 242 -21.17 18.86 -17.27
N GLU C 243 -20.95 19.88 -18.13
CA GLU C 243 -21.55 19.97 -19.46
C GLU C 243 -20.53 20.29 -20.55
N ARG C 244 -19.35 20.83 -20.20
CA ARG C 244 -18.42 21.25 -21.27
C ARG C 244 -17.11 20.48 -21.17
N ASP C 245 -16.54 20.19 -22.37
CA ASP C 245 -15.23 19.56 -22.48
C ASP C 245 -14.24 20.55 -21.88
N GLU C 246 -13.44 20.06 -20.92
CA GLU C 246 -12.63 20.89 -20.03
C GLU C 246 -11.16 20.96 -20.51
N HIS C 247 -10.72 20.05 -21.40
CA HIS C 247 -9.29 19.95 -21.68
C HIS C 247 -8.81 21.04 -22.63
N LEU C 248 -9.75 21.62 -23.41
CA LEU C 248 -9.40 22.60 -24.43
C LEU C 248 -8.55 23.73 -23.87
N ARG C 249 -7.55 24.15 -24.65
CA ARG C 249 -6.82 25.38 -24.37
C ARG C 249 -6.92 26.33 -25.57
N PRO C 250 -8.08 27.02 -25.76
CA PRO C 250 -8.27 27.90 -26.92
C PRO C 250 -7.26 29.03 -26.93
N GLU C 251 -6.65 29.31 -25.76
CA GLU C 251 -5.68 30.40 -25.58
C GLU C 251 -4.34 30.05 -26.23
N THR C 252 -4.14 28.78 -26.62
CA THR C 252 -2.88 28.33 -27.20
C THR C 252 -2.43 29.21 -28.36
N THR C 253 -1.12 29.55 -28.36
CA THR C 253 -0.52 30.21 -29.50
C THR C 253 0.69 29.38 -29.96
N LEU C 254 1.14 29.60 -31.21
CA LEU C 254 2.37 28.94 -31.66
C LEU C 254 3.54 29.36 -30.75
N GLU C 255 3.60 30.66 -30.44
CA GLU C 255 4.67 31.19 -29.59
C GLU C 255 4.75 30.44 -28.25
N ALA C 256 3.60 30.20 -27.60
CA ALA C 256 3.56 29.47 -26.33
C ALA C 256 3.97 28.01 -26.53
N LEU C 257 3.51 27.38 -27.63
CA LEU C 257 3.93 26.00 -27.88
C LEU C 257 5.45 25.90 -28.08
N THR C 258 6.03 26.91 -28.76
CA THR C 258 7.45 26.92 -29.07
C THR C 258 8.30 26.96 -27.80
N LYS C 259 7.79 27.60 -26.73
CA LYS C 259 8.58 27.78 -25.52
C LYS C 259 8.59 26.50 -24.67
N LEU C 260 7.66 25.58 -24.93
CA LEU C 260 7.60 24.41 -24.05
C LEU C 260 8.86 23.56 -24.21
N LYS C 261 9.23 22.86 -23.12
CA LYS C 261 10.41 21.99 -23.15
C LYS C 261 9.98 20.57 -23.50
N PRO C 262 10.70 19.84 -24.36
CA PRO C 262 10.29 18.45 -24.63
C PRO C 262 10.26 17.57 -23.38
N VAL C 263 9.31 16.62 -23.32
CA VAL C 263 9.19 15.71 -22.20
C VAL C 263 10.51 14.97 -21.96
N ASN C 264 11.19 14.53 -23.01
CA ASN C 264 12.31 13.60 -22.88
C ASN C 264 13.69 14.24 -23.13
N GLY C 265 13.77 15.57 -23.10
CA GLY C 265 15.07 16.23 -23.19
C GLY C 265 15.22 17.13 -24.42
N PRO C 266 16.23 18.04 -24.45
CA PRO C 266 16.24 19.12 -25.45
C PRO C 266 16.47 18.66 -26.88
N ASP C 267 17.10 17.50 -27.06
CA ASP C 267 17.28 16.95 -28.40
C ASP C 267 16.03 16.21 -28.89
N LYS C 268 14.91 16.25 -28.14
CA LYS C 268 13.69 15.55 -28.55
C LYS C 268 12.63 16.58 -28.95
N THR C 269 11.38 16.15 -29.21
CA THR C 269 10.43 17.04 -29.87
C THR C 269 9.03 17.04 -29.25
N VAL C 270 8.65 15.95 -28.57
CA VAL C 270 7.30 15.82 -28.02
C VAL C 270 7.23 16.62 -26.72
N THR C 271 6.16 17.43 -26.56
CA THR C 271 5.96 18.24 -25.37
C THR C 271 4.54 17.98 -24.89
N ALA C 272 4.23 18.43 -23.67
CA ALA C 272 2.84 18.37 -23.20
C ALA C 272 1.89 19.13 -24.14
N GLY C 273 2.39 20.14 -24.86
CA GLY C 273 1.50 20.94 -25.71
C GLY C 273 1.21 20.30 -27.08
N ASN C 274 2.04 19.33 -27.53
CA ASN C 274 1.78 18.71 -28.82
C ASN C 274 1.38 17.23 -28.64
N ALA C 275 0.87 16.90 -27.44
CA ALA C 275 0.44 15.55 -27.07
C ALA C 275 -0.97 15.62 -26.48
N SER C 276 -1.71 14.51 -26.58
N SER C 276 -1.69 14.50 -26.58
CA SER C 276 -2.95 14.44 -25.83
CA SER C 276 -2.92 14.31 -25.82
C SER C 276 -2.66 14.38 -24.32
C SER C 276 -2.65 14.36 -24.31
N GLY C 277 -3.74 14.54 -23.54
CA GLY C 277 -3.64 14.52 -22.09
C GLY C 277 -4.12 13.19 -21.50
N VAL C 278 -4.21 13.17 -20.17
CA VAL C 278 -4.75 12.07 -19.41
C VAL C 278 -6.10 12.55 -18.89
N ASN C 279 -7.20 11.78 -19.10
CA ASN C 279 -8.54 12.39 -19.02
C ASN C 279 -9.61 11.38 -18.60
N ASP C 280 -10.84 11.87 -18.32
CA ASP C 280 -11.97 11.06 -17.87
C ASP C 280 -13.15 11.28 -18.82
N GLY C 281 -13.90 10.22 -19.13
CA GLY C 281 -15.08 10.40 -20.00
C GLY C 281 -15.69 9.05 -20.39
N ALA C 282 -16.95 9.07 -20.89
CA ALA C 282 -17.58 7.85 -21.37
C ALA C 282 -18.43 8.20 -22.59
N ALA C 283 -18.71 7.19 -23.44
CA ALA C 283 -19.59 7.39 -24.58
C ALA C 283 -20.32 6.08 -24.86
N ALA C 284 -21.45 6.16 -25.58
CA ALA C 284 -22.17 4.95 -25.95
C ALA C 284 -23.04 5.22 -27.18
N MET C 285 -23.30 4.16 -27.95
CA MET C 285 -24.17 4.31 -29.10
C MET C 285 -24.93 2.99 -29.33
N ILE C 286 -26.03 3.09 -30.11
CA ILE C 286 -26.87 1.92 -30.43
C ILE C 286 -26.49 1.41 -31.83
N LEU C 287 -26.31 0.08 -31.96
CA LEU C 287 -26.21 -0.55 -33.28
C LEU C 287 -27.36 -1.53 -33.46
N ALA C 288 -27.84 -1.61 -34.71
CA ALA C 288 -29.01 -2.44 -34.91
C ALA C 288 -29.08 -2.96 -36.34
N SER C 289 -29.64 -4.16 -36.47
CA SER C 289 -29.99 -4.69 -37.78
C SER C 289 -31.16 -3.88 -38.36
N ALA C 290 -31.37 -4.03 -39.69
CA ALA C 290 -32.53 -3.38 -40.32
C ALA C 290 -33.84 -3.76 -39.62
N ALA C 291 -34.00 -5.03 -39.21
CA ALA C 291 -35.21 -5.46 -38.51
C ALA C 291 -35.37 -4.78 -37.15
N ALA C 292 -34.27 -4.63 -36.41
CA ALA C 292 -34.35 -4.00 -35.11
C ALA C 292 -34.61 -2.50 -35.25
N VAL C 293 -34.04 -1.86 -36.27
CA VAL C 293 -34.31 -0.44 -36.52
C VAL C 293 -35.84 -0.21 -36.61
N LYS C 294 -36.50 -1.05 -37.41
CA LYS C 294 -37.94 -0.90 -37.63
C LYS C 294 -38.71 -1.24 -36.35
N LYS C 295 -38.36 -2.35 -35.68
CA LYS C 295 -39.07 -2.78 -34.49
C LYS C 295 -39.02 -1.74 -33.36
N HIS C 296 -37.86 -1.09 -33.20
CA HIS C 296 -37.60 -0.25 -32.02
C HIS C 296 -37.80 1.23 -32.34
N GLY C 297 -38.21 1.56 -33.57
CA GLY C 297 -38.40 2.93 -34.02
C GLY C 297 -37.13 3.79 -34.00
N LEU C 298 -35.99 3.16 -34.28
CA LEU C 298 -34.71 3.85 -34.27
C LEU C 298 -34.53 4.65 -35.55
N THR C 299 -33.60 5.61 -35.49
CA THR C 299 -33.23 6.35 -36.70
C THR C 299 -31.88 5.83 -37.16
N PRO C 300 -31.82 5.10 -38.31
CA PRO C 300 -30.53 4.59 -38.79
C PRO C 300 -29.75 5.81 -39.28
N ARG C 301 -28.49 5.93 -38.85
CA ARG C 301 -27.73 7.12 -39.20
C ARG C 301 -26.52 6.79 -40.09
N ALA C 302 -25.87 5.64 -39.88
CA ALA C 302 -24.80 5.20 -40.77
C ALA C 302 -24.81 3.68 -40.81
N ARG C 303 -24.27 3.15 -41.89
CA ARG C 303 -24.04 1.71 -41.96
C ARG C 303 -22.58 1.48 -41.63
N VAL C 304 -22.27 0.45 -40.83
CA VAL C 304 -20.86 0.16 -40.57
C VAL C 304 -20.32 -0.65 -41.74
N LEU C 305 -19.17 -0.25 -42.30
CA LEU C 305 -18.63 -1.00 -43.42
C LEU C 305 -17.64 -2.08 -42.98
N GLY C 306 -16.82 -1.78 -41.94
CA GLY C 306 -15.86 -2.78 -41.49
C GLY C 306 -14.83 -2.20 -40.53
N MET C 307 -14.09 -3.13 -39.90
CA MET C 307 -13.03 -2.76 -38.98
C MET C 307 -11.82 -3.63 -39.31
N ALA C 308 -10.60 -3.05 -39.19
CA ALA C 308 -9.38 -3.85 -39.28
C ALA C 308 -8.37 -3.39 -38.23
N SER C 309 -7.51 -4.32 -37.82
CA SER C 309 -6.42 -4.08 -36.87
C SER C 309 -5.07 -4.39 -37.52
N GLY C 310 -4.02 -3.76 -36.99
CA GLY C 310 -2.66 -4.02 -37.49
C GLY C 310 -1.66 -3.90 -36.32
N GLY C 311 -0.52 -4.57 -36.44
CA GLY C 311 0.53 -4.51 -35.43
C GLY C 311 1.78 -3.87 -36.02
N VAL C 312 2.51 -3.17 -35.16
CA VAL C 312 3.80 -2.57 -35.53
C VAL C 312 4.76 -2.77 -34.37
N ALA C 313 6.02 -2.36 -34.56
CA ALA C 313 6.97 -2.39 -33.45
C ALA C 313 6.49 -1.53 -32.27
N PRO C 314 6.49 -2.06 -31.02
CA PRO C 314 6.11 -1.25 -29.86
C PRO C 314 6.79 0.12 -29.77
N ARG C 315 8.08 0.17 -30.17
CA ARG C 315 8.84 1.40 -29.97
C ARG C 315 8.39 2.49 -30.96
N VAL C 316 7.60 2.15 -31.98
CA VAL C 316 7.00 3.17 -32.86
C VAL C 316 5.49 2.97 -32.94
N MET C 317 4.87 2.76 -31.77
N MET C 317 4.85 2.68 -31.81
CA MET C 317 3.46 2.35 -31.68
CA MET C 317 3.44 2.30 -31.80
C MET C 317 2.52 3.35 -32.38
C MET C 317 2.58 3.32 -32.56
N GLY C 318 2.94 4.62 -32.47
CA GLY C 318 2.10 5.65 -33.09
C GLY C 318 1.84 5.46 -34.59
N ILE C 319 2.67 4.65 -35.28
CA ILE C 319 2.49 4.42 -36.71
C ILE C 319 1.48 3.29 -36.93
N GLY C 320 1.03 2.63 -35.85
CA GLY C 320 0.06 1.55 -35.86
C GLY C 320 -1.12 1.76 -36.81
N PRO C 321 -1.75 2.98 -36.90
CA PRO C 321 -2.87 3.16 -37.84
C PRO C 321 -2.57 2.81 -39.28
N VAL C 322 -1.31 2.95 -39.75
CA VAL C 322 -1.03 2.79 -41.17
C VAL C 322 -1.38 1.37 -41.61
N PRO C 323 -0.86 0.26 -41.01
CA PRO C 323 -1.26 -1.05 -41.51
C PRO C 323 -2.76 -1.34 -41.30
N ALA C 324 -3.36 -0.81 -40.22
CA ALA C 324 -4.80 -1.02 -40.01
C ALA C 324 -5.60 -0.38 -41.15
N VAL C 325 -5.30 0.89 -41.48
CA VAL C 325 -6.07 1.56 -42.53
C VAL C 325 -5.86 0.84 -43.88
N ARG C 326 -4.59 0.52 -44.21
CA ARG C 326 -4.34 -0.16 -45.47
C ARG C 326 -5.09 -1.49 -45.54
N LYS C 327 -5.08 -2.27 -44.43
CA LYS C 327 -5.77 -3.56 -44.43
C LYS C 327 -7.26 -3.34 -44.69
N LEU C 328 -7.84 -2.34 -44.02
CA LEU C 328 -9.29 -2.17 -44.12
C LEU C 328 -9.67 -1.66 -45.50
N THR C 329 -8.92 -0.65 -45.99
CA THR C 329 -9.25 -0.05 -47.26
C THR C 329 -9.05 -1.04 -48.41
N GLU C 330 -7.96 -1.84 -48.38
CA GLU C 330 -7.74 -2.85 -49.42
C GLU C 330 -8.87 -3.88 -49.43
N ARG C 331 -9.34 -4.31 -48.26
CA ARG C 331 -10.43 -5.29 -48.23
C ARG C 331 -11.74 -4.70 -48.77
N LEU C 332 -12.05 -3.44 -48.42
CA LEU C 332 -13.33 -2.86 -48.79
C LEU C 332 -13.29 -2.32 -50.21
N GLY C 333 -12.09 -2.11 -50.75
CA GLY C 333 -11.89 -1.55 -52.09
C GLY C 333 -12.17 -0.05 -52.14
N ILE C 334 -11.71 0.68 -51.11
CA ILE C 334 -11.98 2.10 -50.89
C ILE C 334 -10.63 2.78 -50.73
N ALA C 335 -10.36 3.86 -51.48
CA ALA C 335 -9.10 4.56 -51.29
C ALA C 335 -9.24 5.50 -50.09
N VAL C 336 -8.12 5.81 -49.44
CA VAL C 336 -8.12 6.74 -48.31
C VAL C 336 -8.71 8.10 -48.75
N SER C 337 -8.41 8.51 -50.01
CA SER C 337 -8.93 9.77 -50.54
C SER C 337 -10.46 9.78 -50.77
N ASP C 338 -11.14 8.63 -50.71
CA ASP C 338 -12.58 8.55 -50.89
C ASP C 338 -13.32 8.96 -49.60
N PHE C 339 -12.64 9.06 -48.46
CA PHE C 339 -13.36 9.41 -47.24
C PHE C 339 -13.62 10.91 -47.14
N ASP C 340 -14.85 11.25 -46.78
CA ASP C 340 -15.29 12.64 -46.56
C ASP C 340 -14.93 13.17 -45.18
N VAL C 341 -14.68 12.27 -44.22
CA VAL C 341 -14.09 12.69 -42.95
C VAL C 341 -13.12 11.59 -42.54
N ILE C 342 -11.98 12.02 -41.97
CA ILE C 342 -11.05 11.13 -41.31
C ILE C 342 -10.89 11.63 -39.89
N GLU C 343 -11.28 10.80 -38.93
CA GLU C 343 -11.05 11.11 -37.53
C GLU C 343 -9.84 10.28 -37.11
N LEU C 344 -8.68 10.93 -37.01
CA LEU C 344 -7.41 10.29 -36.67
C LEU C 344 -7.09 10.69 -35.23
N ASN C 345 -7.00 9.70 -34.37
CA ASN C 345 -6.70 9.98 -32.98
C ASN C 345 -5.39 10.78 -32.89
N GLU C 346 -5.40 11.79 -32.02
CA GLU C 346 -4.22 12.64 -31.85
C GLU C 346 -3.51 12.27 -30.53
N ALA C 347 -2.98 11.04 -30.42
CA ALA C 347 -2.24 10.73 -29.21
C ALA C 347 -1.06 11.69 -29.09
N PHE C 348 -0.33 11.88 -30.21
CA PHE C 348 0.78 12.81 -30.33
C PHE C 348 0.80 13.40 -31.73
N ALA C 349 1.06 14.69 -31.83
CA ALA C 349 1.13 15.31 -33.16
C ALA C 349 2.18 14.59 -34.00
N SER C 350 3.30 14.13 -33.39
CA SER C 350 4.32 13.49 -34.23
C SER C 350 3.72 12.31 -34.98
N GLN C 351 2.97 11.48 -34.24
CA GLN C 351 2.44 10.27 -34.88
C GLN C 351 1.25 10.60 -35.77
N GLY C 352 0.44 11.60 -35.40
CA GLY C 352 -0.64 11.92 -36.32
C GLY C 352 -0.12 12.39 -37.69
N LEU C 353 0.93 13.20 -37.65
CA LEU C 353 1.54 13.70 -38.88
C LEU C 353 2.20 12.54 -39.62
N ALA C 354 2.93 11.69 -38.88
CA ALA C 354 3.57 10.57 -39.57
C ALA C 354 2.55 9.67 -40.31
N VAL C 355 1.42 9.36 -39.65
CA VAL C 355 0.37 8.54 -40.25
C VAL C 355 -0.18 9.21 -41.52
N LEU C 356 -0.55 10.49 -41.43
CA LEU C 356 -1.12 11.18 -42.58
C LEU C 356 -0.15 11.11 -43.76
N ARG C 357 1.12 11.36 -43.46
CA ARG C 357 2.12 11.38 -44.53
C ARG C 357 2.28 9.99 -45.17
N GLU C 358 2.25 8.92 -44.36
CA GLU C 358 2.37 7.55 -44.87
C GLU C 358 1.19 7.21 -45.78
N LEU C 359 0.02 7.80 -45.51
CA LEU C 359 -1.22 7.49 -46.23
C LEU C 359 -1.43 8.47 -47.38
N GLY C 360 -0.50 9.42 -47.54
CA GLY C 360 -0.56 10.36 -48.66
C GLY C 360 -1.59 11.47 -48.46
N VAL C 361 -1.90 11.79 -47.19
CA VAL C 361 -2.89 12.81 -46.90
C VAL C 361 -2.14 14.03 -46.37
N ALA C 362 -2.52 15.25 -46.78
CA ALA C 362 -1.77 16.43 -46.36
C ALA C 362 -1.89 16.61 -44.85
N ASP C 363 -0.91 17.28 -44.27
CA ASP C 363 -0.80 17.52 -42.83
C ASP C 363 -1.98 18.36 -42.34
N ASP C 364 -2.57 19.18 -43.23
CA ASP C 364 -3.68 20.05 -42.85
C ASP C 364 -4.90 19.78 -43.74
N ALA C 365 -5.00 18.56 -44.28
CA ALA C 365 -6.09 18.20 -45.20
C ALA C 365 -7.43 18.55 -44.53
N PRO C 366 -8.36 19.23 -45.24
CA PRO C 366 -9.58 19.73 -44.61
C PRO C 366 -10.50 18.66 -44.00
N GLN C 367 -10.43 17.44 -44.56
CA GLN C 367 -11.31 16.36 -44.14
C GLN C 367 -10.77 15.66 -42.87
N VAL C 368 -9.59 16.04 -42.41
CA VAL C 368 -8.99 15.41 -41.22
C VAL C 368 -9.29 16.25 -39.97
N ASN C 369 -9.88 15.60 -38.95
CA ASN C 369 -10.11 16.20 -37.64
C ASN C 369 -10.64 17.63 -37.80
N PRO C 370 -11.75 17.84 -38.56
CA PRO C 370 -12.22 19.20 -38.83
C PRO C 370 -12.70 19.98 -37.59
N ASN C 371 -13.01 19.26 -36.50
CA ASN C 371 -13.45 19.83 -35.23
C ASN C 371 -12.37 19.66 -34.16
N GLY C 372 -11.12 19.42 -34.59
CA GLY C 372 -10.03 19.21 -33.65
C GLY C 372 -10.03 17.78 -33.14
N GLY C 373 -9.12 17.50 -32.21
CA GLY C 373 -8.91 16.14 -31.80
C GLY C 373 -8.32 16.12 -30.38
N ALA C 374 -7.79 14.96 -29.97
CA ALA C 374 -7.40 14.70 -28.60
C ALA C 374 -6.37 15.69 -28.04
N ILE C 375 -5.50 16.30 -28.85
CA ILE C 375 -4.62 17.30 -28.22
C ILE C 375 -5.45 18.40 -27.52
N ALA C 376 -6.54 18.85 -28.16
CA ALA C 376 -7.48 19.81 -27.55
C ALA C 376 -8.47 19.14 -26.60
N LEU C 377 -9.04 17.98 -26.99
CA LEU C 377 -10.19 17.42 -26.30
C LEU C 377 -9.82 16.48 -25.16
N GLY C 378 -8.59 15.93 -25.15
CA GLY C 378 -8.29 14.88 -24.20
C GLY C 378 -8.61 13.49 -24.73
N ALA C 379 -8.10 12.48 -24.00
CA ALA C 379 -8.22 11.12 -24.50
C ALA C 379 -8.36 10.13 -23.34
N PRO C 380 -9.55 9.97 -22.72
CA PRO C 380 -9.74 8.90 -21.74
C PRO C 380 -9.69 7.58 -22.52
N LEU C 381 -8.70 6.73 -22.21
CA LEU C 381 -8.36 5.63 -23.12
C LEU C 381 -9.56 4.87 -23.67
N GLY C 382 -10.35 4.24 -22.79
CA GLY C 382 -11.44 3.37 -23.26
C GLY C 382 -12.55 4.13 -24.01
N MET C 383 -12.72 5.43 -23.74
CA MET C 383 -13.79 6.22 -24.33
C MET C 383 -13.42 6.68 -25.73
N SER C 384 -12.13 6.97 -26.00
N SER C 384 -12.13 6.93 -25.98
CA SER C 384 -11.77 7.80 -27.15
CA SER C 384 -11.69 7.72 -27.12
C SER C 384 -12.13 7.16 -28.49
C SER C 384 -12.16 7.14 -28.45
N GLY C 385 -11.99 5.83 -28.61
CA GLY C 385 -12.34 5.18 -29.87
C GLY C 385 -13.83 5.19 -30.18
N ALA C 386 -14.67 5.18 -29.14
CA ALA C 386 -16.11 5.30 -29.33
C ALA C 386 -16.44 6.76 -29.68
N ARG C 387 -15.74 7.72 -29.04
CA ARG C 387 -15.92 9.11 -29.44
C ARG C 387 -15.52 9.33 -30.91
N LEU C 388 -14.41 8.76 -31.38
CA LEU C 388 -14.04 9.02 -32.77
C LEU C 388 -15.11 8.53 -33.73
N VAL C 389 -15.71 7.36 -33.47
CA VAL C 389 -16.75 6.86 -34.37
C VAL C 389 -17.95 7.79 -34.34
N LEU C 390 -18.39 8.17 -33.14
CA LEU C 390 -19.63 8.92 -33.10
C LEU C 390 -19.44 10.33 -33.64
N THR C 391 -18.23 10.90 -33.47
CA THR C 391 -18.05 12.28 -33.92
C THR C 391 -17.81 12.25 -35.44
N ALA C 392 -17.22 11.15 -35.95
CA ALA C 392 -17.12 11.03 -37.42
C ALA C 392 -18.52 11.01 -38.04
N LEU C 393 -19.44 10.24 -37.45
CA LEU C 393 -20.80 10.20 -37.97
C LEU C 393 -21.44 11.60 -37.89
N HIS C 394 -21.27 12.27 -36.75
CA HIS C 394 -21.84 13.59 -36.56
C HIS C 394 -21.33 14.54 -37.63
N GLN C 395 -20.02 14.51 -37.90
CA GLN C 395 -19.43 15.39 -38.91
C GLN C 395 -19.97 15.04 -40.30
N LEU C 396 -20.11 13.74 -40.63
CA LEU C 396 -20.69 13.39 -41.93
C LEU C 396 -22.08 14.02 -42.09
N GLU C 397 -22.90 13.98 -41.03
CA GLU C 397 -24.22 14.57 -41.07
C GLU C 397 -24.17 16.09 -41.28
N LYS C 398 -23.23 16.74 -40.58
CA LYS C 398 -23.16 18.19 -40.69
C LYS C 398 -22.72 18.58 -42.11
N SER C 399 -21.80 17.81 -42.70
CA SER C 399 -21.14 18.24 -43.94
C SER C 399 -21.84 17.65 -45.15
N GLY C 400 -22.75 16.70 -44.93
CA GLY C 400 -23.39 15.94 -46.00
C GLY C 400 -22.44 14.95 -46.69
N GLY C 401 -21.34 14.58 -46.04
CA GLY C 401 -20.39 13.63 -46.60
C GLY C 401 -20.95 12.22 -46.53
N ARG C 402 -20.27 11.27 -47.20
CA ARG C 402 -20.80 9.92 -47.29
C ARG C 402 -19.96 8.96 -46.45
N LYS C 403 -18.73 8.69 -46.87
CA LYS C 403 -17.94 7.70 -46.13
C LYS C 403 -17.05 8.40 -45.08
N GLY C 404 -16.94 7.77 -43.90
CA GLY C 404 -16.04 8.26 -42.85
C GLY C 404 -15.08 7.18 -42.36
N LEU C 405 -13.86 7.58 -41.96
CA LEU C 405 -12.86 6.66 -41.43
C LEU C 405 -12.47 7.17 -40.04
N ALA C 406 -12.51 6.27 -39.05
CA ALA C 406 -11.95 6.58 -37.72
C ALA C 406 -10.77 5.63 -37.50
N THR C 407 -9.63 6.16 -37.02
CA THR C 407 -8.47 5.30 -36.85
C THR C 407 -7.60 5.79 -35.70
N MET C 408 -6.97 4.83 -35.02
CA MET C 408 -6.20 5.22 -33.84
C MET C 408 -5.07 4.24 -33.54
N CSO C 409 -4.07 4.75 -32.82
N CSO C 409 -4.05 4.75 -32.84
CA CSO C 409 -2.91 3.96 -32.41
CA CSO C 409 -2.92 3.92 -32.42
CB CSO C 409 -1.65 4.81 -32.46
CB CSO C 409 -1.65 4.75 -32.35
SG CSO C 409 -1.65 6.34 -31.47
SG CSO C 409 -1.62 6.06 -31.10
C CSO C 409 -3.17 3.32 -31.04
C CSO C 409 -3.20 3.28 -31.07
O CSO C 409 -4.14 3.65 -30.35
O CSO C 409 -4.18 3.59 -30.39
OD CSO C 409 -1.85 5.75 -29.94
OD CSO C 409 -3.01 6.87 -31.39
N VAL C 410 -2.30 2.36 -30.69
CA VAL C 410 -2.50 1.50 -29.52
C VAL C 410 -1.13 1.26 -28.91
N GLY C 411 -1.02 1.51 -27.61
CA GLY C 411 0.19 1.17 -26.85
C GLY C 411 0.68 -0.25 -27.16
N VAL C 412 2.01 -0.41 -27.14
CA VAL C 412 2.67 -1.70 -27.37
C VAL C 412 2.47 -2.11 -28.84
N GLY C 413 2.11 -1.14 -29.71
CA GLY C 413 2.37 -1.35 -31.14
C GLY C 413 1.17 -1.89 -31.93
N GLN C 414 0.03 -1.18 -31.91
CA GLN C 414 -1.03 -1.59 -32.83
C GLN C 414 -1.77 -0.37 -33.39
N GLY C 415 -2.64 -0.65 -34.35
CA GLY C 415 -3.57 0.34 -34.85
C GLY C 415 -4.92 -0.33 -35.12
N LEU C 416 -5.98 0.48 -35.12
CA LEU C 416 -7.33 0.02 -35.36
C LEU C 416 -8.00 1.04 -36.27
N ALA C 417 -8.76 0.54 -37.25
CA ALA C 417 -9.46 1.41 -38.21
C ALA C 417 -10.88 0.91 -38.41
N LEU C 418 -11.85 1.84 -38.52
CA LEU C 418 -13.24 1.45 -38.70
C LEU C 418 -13.85 2.44 -39.71
N ALA C 419 -14.63 1.91 -40.64
CA ALA C 419 -15.20 2.73 -41.71
C ALA C 419 -16.73 2.65 -41.65
N ILE C 420 -17.38 3.82 -41.85
CA ILE C 420 -18.84 3.92 -41.82
C ILE C 420 -19.30 4.65 -43.09
N GLU C 421 -20.59 4.53 -43.36
CA GLU C 421 -21.14 5.31 -44.46
C GLU C 421 -22.49 5.90 -44.03
N ARG C 422 -22.63 7.23 -44.17
CA ARG C 422 -23.88 7.88 -43.76
C ARG C 422 -25.04 7.32 -44.59
N VAL C 423 -26.20 7.13 -43.95
CA VAL C 423 -27.38 6.60 -44.65
C VAL C 423 -28.26 7.77 -45.08
N GLY D 22 19.62 15.01 49.00
CA GLY D 22 20.63 15.96 48.39
C GLY D 22 21.67 15.22 47.53
N SER D 23 22.22 14.11 48.05
CA SER D 23 23.21 13.33 47.33
C SER D 23 22.52 12.43 46.31
N MET D 24 23.23 12.06 45.22
CA MET D 24 22.75 11.02 44.33
C MET D 24 22.64 9.71 45.12
N HIS D 25 21.82 8.78 44.59
CA HIS D 25 21.67 7.47 45.16
C HIS D 25 22.42 6.45 44.30
N ASP D 26 23.04 5.45 44.93
CA ASP D 26 23.59 4.29 44.20
C ASP D 26 22.46 3.54 43.49
N VAL D 27 22.79 2.96 42.34
CA VAL D 27 21.79 2.25 41.55
C VAL D 27 22.33 0.86 41.19
N PHE D 28 21.57 -0.21 41.51
CA PHE D 28 22.08 -1.55 41.30
C PHE D 28 21.31 -2.23 40.18
N ILE D 29 22.04 -2.86 39.26
CA ILE D 29 21.42 -3.84 38.37
C ILE D 29 21.25 -5.16 39.13
N CYS D 30 20.03 -5.70 39.09
CA CYS D 30 19.71 -6.96 39.71
C CYS D 30 19.49 -7.99 38.60
N ASP D 31 18.33 -8.65 38.58
CA ASP D 31 18.14 -9.76 37.64
C ASP D 31 18.07 -9.22 36.22
N ALA D 32 18.55 -10.02 35.25
CA ALA D 32 18.48 -9.68 33.85
C ALA D 32 18.23 -10.96 33.05
N ILE D 33 17.49 -10.85 31.93
CA ILE D 33 17.14 -12.02 31.15
C ILE D 33 16.85 -11.58 29.71
N ARG D 34 17.00 -12.50 28.75
CA ARG D 34 16.73 -12.15 27.36
C ARG D 34 16.10 -13.35 26.67
N THR D 35 15.45 -13.08 25.53
CA THR D 35 15.07 -14.15 24.64
C THR D 35 16.31 -14.62 23.88
N PRO D 36 16.27 -15.76 23.16
CA PRO D 36 17.27 -16.03 22.13
C PRO D 36 17.15 -14.95 21.04
N ILE D 37 18.18 -14.82 20.20
CA ILE D 37 18.10 -13.92 19.05
C ILE D 37 17.78 -14.77 17.82
N GLY D 38 16.68 -14.46 17.14
CA GLY D 38 16.34 -15.17 15.90
C GLY D 38 16.86 -14.49 14.64
N ARG D 39 17.01 -15.28 13.56
CA ARG D 39 17.34 -14.78 12.22
C ARG D 39 16.11 -14.11 11.60
N PHE D 40 16.36 -13.21 10.65
CA PHE D 40 15.26 -12.62 9.89
C PHE D 40 14.41 -13.71 9.24
N GLY D 41 13.10 -13.70 9.50
CA GLY D 41 12.15 -14.67 8.98
C GLY D 41 12.32 -16.07 9.58
N GLY D 42 13.07 -16.15 10.69
CA GLY D 42 13.48 -17.38 11.34
C GLY D 42 12.64 -17.69 12.59
N ALA D 43 13.33 -18.16 13.65
CA ALA D 43 12.68 -18.88 14.73
C ALA D 43 11.64 -18.04 15.47
N LEU D 44 11.84 -16.71 15.52
CA LEU D 44 10.91 -15.86 16.27
C LEU D 44 10.10 -14.96 15.34
N ALA D 45 10.11 -15.25 14.03
CA ALA D 45 9.49 -14.30 13.10
C ALA D 45 7.98 -14.22 13.30
N SER D 46 7.36 -15.27 13.88
CA SER D 46 5.91 -15.30 14.12
C SER D 46 5.51 -14.50 15.35
N VAL D 47 6.49 -14.00 16.14
CA VAL D 47 6.13 -13.40 17.42
C VAL D 47 6.00 -11.88 17.29
N ARG D 48 4.80 -11.35 17.55
CA ARG D 48 4.62 -9.90 17.49
C ARG D 48 5.64 -9.19 18.39
N ALA D 49 6.12 -8.00 17.98
CA ALA D 49 7.14 -7.28 18.71
C ALA D 49 6.67 -6.96 20.13
N ASP D 50 5.37 -6.66 20.30
CA ASP D 50 4.88 -6.34 21.64
C ASP D 50 4.88 -7.60 22.52
N ASP D 51 4.37 -8.73 22.00
CA ASP D 51 4.40 -10.01 22.70
C ASP D 51 5.84 -10.41 23.03
N LEU D 52 6.77 -10.15 22.09
CA LEU D 52 8.16 -10.53 22.27
C LEU D 52 8.76 -9.71 23.42
N ALA D 53 8.49 -8.39 23.45
CA ALA D 53 8.95 -7.49 24.53
C ALA D 53 8.46 -8.02 25.88
N ALA D 54 7.26 -8.61 25.89
CA ALA D 54 6.66 -9.06 27.14
C ALA D 54 7.31 -10.35 27.65
N VAL D 55 7.97 -11.14 26.79
CA VAL D 55 8.50 -12.42 27.24
C VAL D 55 9.52 -12.21 28.37
N PRO D 56 10.57 -11.37 28.23
CA PRO D 56 11.50 -11.16 29.35
C PRO D 56 10.83 -10.53 30.56
N LEU D 57 9.79 -9.71 30.37
CA LEU D 57 9.08 -9.12 31.50
C LEU D 57 8.38 -10.23 32.31
N LYS D 58 7.72 -11.17 31.62
CA LYS D 58 7.05 -12.27 32.32
C LYS D 58 8.06 -13.14 33.09
N ALA D 59 9.25 -13.32 32.50
CA ALA D 59 10.28 -14.10 33.16
C ALA D 59 10.81 -13.34 34.38
N LEU D 60 11.01 -12.02 34.27
CA LEU D 60 11.44 -11.27 35.47
C LEU D 60 10.44 -11.45 36.60
N ILE D 61 9.14 -11.42 36.29
CA ILE D 61 8.11 -11.63 37.32
C ILE D 61 8.28 -13.02 37.99
N GLU D 62 8.43 -14.07 37.19
CA GLU D 62 8.55 -15.42 37.73
C GLU D 62 9.83 -15.56 38.58
N ARG D 63 10.94 -14.92 38.14
CA ARG D 63 12.26 -15.10 38.71
C ARG D 63 12.48 -14.28 39.99
N ASN D 64 11.60 -13.29 40.26
CA ASN D 64 11.85 -12.36 41.37
C ASN D 64 10.58 -12.27 42.22
N PRO D 65 10.23 -13.35 42.96
CA PRO D 65 8.90 -13.42 43.61
C PRO D 65 8.76 -12.58 44.88
N GLY D 66 9.84 -11.95 45.34
CA GLY D 66 9.79 -11.08 46.50
C GLY D 66 9.37 -9.66 46.15
N VAL D 67 9.28 -9.34 44.85
CA VAL D 67 8.97 -7.97 44.43
C VAL D 67 7.47 -7.70 44.66
N GLN D 68 7.18 -6.52 45.24
CA GLN D 68 5.81 -6.02 45.20
C GLN D 68 5.62 -5.28 43.87
N TRP D 69 5.05 -5.96 42.87
CA TRP D 69 5.04 -5.47 41.49
C TRP D 69 4.35 -4.13 41.32
N ASP D 70 3.40 -3.78 42.19
CA ASP D 70 2.75 -2.47 42.05
C ASP D 70 3.64 -1.32 42.51
N GLN D 71 4.89 -1.62 42.94
CA GLN D 71 5.85 -0.60 43.30
C GLN D 71 6.88 -0.34 42.20
N VAL D 72 6.76 -1.00 41.03
CA VAL D 72 7.63 -0.65 39.91
C VAL D 72 7.28 0.75 39.45
N ASP D 73 8.28 1.65 39.44
CA ASP D 73 8.07 3.06 39.12
C ASP D 73 7.91 3.32 37.61
N GLU D 74 8.59 2.52 36.78
CA GLU D 74 8.56 2.74 35.34
C GLU D 74 9.20 1.56 34.63
N VAL D 75 8.71 1.25 33.42
CA VAL D 75 9.38 0.37 32.49
C VAL D 75 9.92 1.22 31.34
N PHE D 76 11.25 1.22 31.17
CA PHE D 76 11.90 1.94 30.07
C PHE D 76 12.31 0.92 29.02
N PHE D 77 11.87 1.08 27.77
CA PHE D 77 12.27 0.08 26.77
C PHE D 77 12.81 0.80 25.54
N GLY D 78 13.91 0.24 25.00
CA GLY D 78 14.47 0.75 23.74
C GLY D 78 13.81 0.07 22.54
N CYS D 79 13.55 0.82 21.46
CA CYS D 79 12.95 0.25 20.25
C CYS D 79 13.23 1.23 19.09
N ALA D 80 13.88 0.74 18.00
CA ALA D 80 14.33 1.67 16.96
C ALA D 80 13.22 1.96 15.94
N ASN D 81 12.26 1.05 15.81
CA ASN D 81 11.32 1.16 14.68
C ASN D 81 10.05 1.89 15.10
N GLN D 82 9.18 1.21 15.85
CA GLN D 82 7.95 1.76 16.44
C GLN D 82 6.87 2.06 15.40
N ALA D 83 7.02 1.49 14.19
CA ALA D 83 5.97 1.65 13.17
C ALA D 83 5.04 0.43 13.10
N GLY D 84 5.49 -0.73 13.61
CA GLY D 84 4.75 -1.99 13.52
C GLY D 84 3.96 -2.30 14.79
N GLU D 85 4.02 -3.57 15.18
CA GLU D 85 3.29 -4.02 16.36
C GLU D 85 3.96 -3.46 17.61
N ASP D 86 5.11 -2.79 17.43
CA ASP D 86 5.83 -2.05 18.47
C ASP D 86 5.41 -0.58 18.48
N ASN D 87 4.29 -0.25 17.82
CA ASN D 87 3.87 1.16 17.79
C ASN D 87 3.22 1.62 19.10
N ARG D 88 3.16 2.94 19.26
N ARG D 88 3.20 2.94 19.28
CA ARG D 88 2.39 3.61 20.32
CA ARG D 88 2.36 3.58 20.29
C ARG D 88 2.86 3.18 21.69
C ARG D 88 2.86 3.30 21.70
N ASN D 89 4.19 3.25 21.88
CA ASN D 89 4.85 3.14 23.19
C ASN D 89 4.90 1.69 23.63
N VAL D 90 5.79 0.90 23.00
CA VAL D 90 5.82 -0.56 23.17
C VAL D 90 6.15 -0.90 24.63
N ALA D 91 6.87 -0.03 25.36
CA ALA D 91 7.11 -0.28 26.78
C ALA D 91 5.81 -0.55 27.55
N ARG D 92 4.82 0.35 27.39
CA ARG D 92 3.56 0.25 28.10
C ARG D 92 2.73 -0.91 27.52
N MET D 93 2.75 -1.11 26.19
CA MET D 93 2.02 -2.26 25.66
C MET D 93 2.57 -3.55 26.30
N ALA D 94 3.91 -3.66 26.35
CA ALA D 94 4.58 -4.86 26.82
C ALA D 94 4.30 -5.12 28.29
N LEU D 95 4.31 -4.06 29.12
CA LEU D 95 4.13 -4.32 30.54
C LEU D 95 2.69 -4.80 30.80
N LEU D 96 1.71 -4.25 30.06
CA LEU D 96 0.33 -4.72 30.18
C LEU D 96 0.22 -6.17 29.72
N LEU D 97 0.82 -6.50 28.57
CA LEU D 97 0.77 -7.87 28.05
C LEU D 97 1.46 -8.87 28.99
N ALA D 98 2.48 -8.42 29.73
CA ALA D 98 3.24 -9.29 30.63
C ALA D 98 2.52 -9.55 31.96
N GLY D 99 1.38 -8.88 32.18
CA GLY D 99 0.55 -9.03 33.36
C GLY D 99 0.97 -8.13 34.52
N LEU D 100 1.81 -7.13 34.25
CA LEU D 100 2.11 -6.18 35.30
C LEU D 100 0.90 -5.29 35.57
N PRO D 101 0.71 -4.76 36.79
CA PRO D 101 -0.45 -3.93 37.05
C PRO D 101 -0.58 -2.66 36.19
N GLU D 102 -1.83 -2.29 35.87
CA GLU D 102 -2.09 -1.17 34.97
C GLU D 102 -1.63 0.15 35.61
N SER D 103 -1.30 0.15 36.91
CA SER D 103 -0.78 1.37 37.55
C SER D 103 0.70 1.63 37.20
N ILE D 104 1.40 0.70 36.54
CA ILE D 104 2.81 0.91 36.24
C ILE D 104 2.97 1.67 34.93
N PRO D 105 3.73 2.80 34.91
CA PRO D 105 3.97 3.57 33.69
C PRO D 105 5.06 2.95 32.82
N GLY D 106 5.07 3.34 31.53
CA GLY D 106 6.10 2.86 30.62
C GLY D 106 6.45 3.93 29.58
N VAL D 107 7.70 3.93 29.12
CA VAL D 107 8.19 4.91 28.14
C VAL D 107 9.18 4.21 27.20
N THR D 108 9.16 4.59 25.91
CA THR D 108 9.98 3.94 24.90
C THR D 108 11.03 4.92 24.38
N LEU D 109 12.29 4.46 24.28
CA LEU D 109 13.39 5.30 23.87
C LEU D 109 13.92 4.86 22.52
N ASN D 110 14.33 5.84 21.71
CA ASN D 110 14.86 5.54 20.40
C ASN D 110 16.19 6.26 20.20
N ARG D 111 17.30 5.49 20.29
CA ARG D 111 18.60 5.91 19.76
C ARG D 111 19.11 4.81 18.84
N LEU D 112 18.22 4.36 17.93
CA LEU D 112 18.54 3.35 16.93
C LEU D 112 19.21 2.13 17.59
N CYS D 113 20.38 1.64 17.09
CA CYS D 113 20.94 0.43 17.67
C CYS D 113 21.35 0.61 19.14
N ALA D 114 21.46 1.84 19.67
CA ALA D 114 21.81 2.01 21.08
C ALA D 114 20.60 2.13 22.01
N SER D 115 19.38 1.98 21.49
CA SER D 115 18.15 2.23 22.23
C SER D 115 18.08 1.49 23.57
N GLY D 116 18.38 0.18 23.55
CA GLY D 116 18.30 -0.64 24.77
C GLY D 116 19.33 -0.21 25.82
N MET D 117 20.53 0.23 25.38
CA MET D 117 21.49 0.72 26.35
C MET D 117 21.02 2.07 26.92
N ASP D 118 20.43 2.91 26.06
CA ASP D 118 19.84 4.18 26.50
C ASP D 118 18.74 3.92 27.55
N ALA D 119 17.96 2.86 27.39
CA ALA D 119 16.91 2.55 28.37
C ALA D 119 17.53 2.27 29.75
N VAL D 120 18.66 1.52 29.77
CA VAL D 120 19.35 1.23 31.03
C VAL D 120 19.88 2.53 31.66
N GLY D 121 20.59 3.35 30.87
CA GLY D 121 21.18 4.58 31.39
C GLY D 121 20.14 5.59 31.85
N THR D 122 19.00 5.68 31.12
CA THR D 122 17.89 6.55 31.51
C THR D 122 17.25 6.07 32.83
N ALA D 123 17.06 4.75 32.97
CA ALA D 123 16.58 4.14 34.20
C ALA D 123 17.54 4.49 35.35
N PHE D 124 18.86 4.37 35.11
CA PHE D 124 19.91 4.68 36.07
C PHE D 124 19.75 6.12 36.53
N ARG D 125 19.61 7.06 35.57
CA ARG D 125 19.54 8.47 35.90
C ARG D 125 18.30 8.81 36.73
N ALA D 126 17.17 8.13 36.43
CA ALA D 126 15.94 8.33 37.19
C ALA D 126 16.11 7.94 38.66
N ILE D 127 16.81 6.83 38.94
CA ILE D 127 17.01 6.42 40.33
C ILE D 127 18.12 7.26 40.95
N ALA D 128 19.21 7.52 40.21
CA ALA D 128 20.32 8.29 40.80
C ALA D 128 19.85 9.68 41.27
N SER D 129 18.91 10.31 40.55
CA SER D 129 18.38 11.63 40.89
C SER D 129 17.29 11.56 41.96
N GLY D 130 16.95 10.35 42.45
CA GLY D 130 16.01 10.24 43.55
C GLY D 130 14.56 10.31 43.13
N GLU D 131 14.29 10.20 41.83
CA GLU D 131 12.91 10.35 41.36
C GLU D 131 12.20 9.00 41.32
N MET D 132 12.96 7.89 41.35
CA MET D 132 12.41 6.53 41.35
C MET D 132 13.28 5.61 42.22
N GLU D 133 12.74 4.41 42.55
CA GLU D 133 13.40 3.43 43.43
C GLU D 133 13.53 2.08 42.74
N LEU D 134 12.56 1.70 41.88
CA LEU D 134 12.57 0.34 41.32
C LEU D 134 12.04 0.43 39.89
N VAL D 135 12.86 -0.04 38.93
CA VAL D 135 12.48 0.16 37.52
C VAL D 135 12.87 -1.09 36.73
N ILE D 136 12.27 -1.23 35.54
CA ILE D 136 12.74 -2.23 34.58
C ILE D 136 13.28 -1.47 33.37
N ALA D 137 14.46 -1.91 32.84
CA ALA D 137 14.98 -1.38 31.59
C ALA D 137 15.17 -2.54 30.63
N GLY D 138 14.85 -2.28 29.36
CA GLY D 138 15.11 -3.35 28.40
C GLY D 138 15.00 -2.84 26.97
N GLY D 139 14.90 -3.76 26.02
CA GLY D 139 14.71 -3.32 24.65
C GLY D 139 14.15 -4.46 23.81
N VAL D 140 13.63 -4.10 22.63
CA VAL D 140 13.05 -5.11 21.75
C VAL D 140 13.27 -4.67 20.31
N GLU D 141 13.40 -5.65 19.42
CA GLU D 141 13.21 -5.37 18.00
C GLU D 141 12.71 -6.64 17.34
N SER D 142 11.66 -6.51 16.49
CA SER D 142 11.33 -7.59 15.56
C SER D 142 11.59 -7.08 14.16
N MET D 143 12.80 -7.31 13.65
CA MET D 143 13.10 -6.78 12.33
C MET D 143 12.38 -7.61 11.25
N SER D 144 12.12 -8.91 11.54
CA SER D 144 11.34 -9.74 10.61
C SER D 144 10.02 -9.05 10.30
N ARG D 145 9.40 -8.51 11.35
CA ARG D 145 8.03 -8.01 11.25
C ARG D 145 7.93 -6.51 11.05
N ALA D 146 9.07 -5.82 10.88
CA ALA D 146 9.04 -4.39 10.56
C ALA D 146 8.16 -4.14 9.35
N PRO D 147 7.24 -3.17 9.40
CA PRO D 147 6.25 -3.01 8.33
C PRO D 147 6.79 -2.17 7.17
N PHE D 148 5.95 -2.06 6.13
CA PHE D 148 6.14 -1.06 5.09
C PHE D 148 5.41 0.22 5.49
N VAL D 149 5.90 1.36 5.00
CA VAL D 149 5.26 2.66 5.27
C VAL D 149 4.98 3.39 3.96
N MET D 150 3.92 4.18 3.97
CA MET D 150 3.46 4.91 2.78
C MET D 150 3.05 6.30 3.24
N GLY D 151 3.74 7.31 2.70
CA GLY D 151 3.38 8.70 2.99
C GLY D 151 1.95 9.02 2.54
N LYS D 152 1.28 9.97 3.21
CA LYS D 152 -0.02 10.44 2.72
C LYS D 152 0.15 11.15 1.37
N ALA D 153 -0.93 11.14 0.58
CA ALA D 153 -0.97 11.98 -0.61
C ALA D 153 -0.91 13.45 -0.23
N GLU D 154 -0.15 14.24 -1.00
N GLU D 154 -0.14 14.24 -1.01
CA GLU D 154 0.00 15.67 -0.72
CA GLU D 154 0.01 15.67 -0.74
C GLU D 154 -1.06 16.48 -1.47
C GLU D 154 -0.83 16.50 -1.68
N SER D 155 -1.72 15.83 -2.43
CA SER D 155 -2.71 16.49 -3.29
C SER D 155 -3.77 15.45 -3.66
N ALA D 156 -4.99 15.92 -3.94
CA ALA D 156 -6.06 15.07 -4.44
C ALA D 156 -5.59 14.34 -5.71
N TYR D 157 -5.86 13.04 -5.79
CA TYR D 157 -5.54 12.24 -6.96
C TYR D 157 -4.04 12.15 -7.25
N SER D 158 -3.19 12.23 -6.21
CA SER D 158 -1.75 12.23 -6.42
C SER D 158 -1.31 10.92 -7.09
N ARG D 159 -0.39 11.04 -8.07
CA ARG D 159 0.16 9.86 -8.72
C ARG D 159 1.44 9.39 -8.02
N ASN D 160 1.81 10.10 -6.95
N ASN D 160 1.80 9.98 -6.87
CA ASN D 160 3.07 9.89 -6.27
CA ASN D 160 3.17 9.86 -6.37
C ASN D 160 2.84 9.25 -4.90
C ASN D 160 3.35 8.90 -5.17
N MET D 161 2.42 7.98 -4.92
CA MET D 161 2.34 7.15 -3.72
C MET D 161 3.41 6.05 -3.80
N LYS D 162 4.05 5.76 -2.66
CA LYS D 162 5.18 4.84 -2.67
C LYS D 162 5.23 4.11 -1.33
N LEU D 163 5.57 2.82 -1.37
CA LEU D 163 5.81 2.03 -0.15
C LEU D 163 7.31 1.97 0.14
N GLU D 164 7.69 2.02 1.43
CA GLU D 164 9.10 1.90 1.79
C GLU D 164 9.24 0.85 2.91
N ASP D 165 10.30 0.06 2.82
CA ASP D 165 10.61 -0.98 3.82
C ASP D 165 11.24 -0.34 5.06
N THR D 166 10.72 -0.63 6.28
CA THR D 166 11.30 -0.11 7.53
C THR D 166 12.19 -1.13 8.26
N THR D 167 12.47 -2.29 7.65
CA THR D 167 13.33 -3.31 8.29
C THR D 167 14.65 -2.74 8.83
N ILE D 168 15.37 -1.97 8.00
CA ILE D 168 16.59 -1.30 8.45
C ILE D 168 16.89 -0.16 7.48
N GLY D 169 17.49 0.89 8.04
CA GLY D 169 18.07 1.90 7.17
C GLY D 169 17.10 2.96 6.70
N TRP D 170 17.55 3.73 5.70
CA TRP D 170 16.90 4.99 5.36
C TRP D 170 15.52 4.77 4.76
N ARG D 171 14.58 5.62 5.20
CA ARG D 171 13.32 5.78 4.50
C ARG D 171 12.87 7.24 4.69
N PHE D 172 11.99 7.71 3.79
CA PHE D 172 11.59 9.11 3.75
C PHE D 172 12.82 10.02 3.77
N ILE D 173 13.74 9.82 2.83
CA ILE D 173 14.99 10.58 2.84
C ILE D 173 14.69 12.06 2.64
N ASN D 174 15.31 12.89 3.50
CA ASN D 174 15.22 14.33 3.39
C ASN D 174 16.30 14.77 2.40
N PRO D 175 15.98 15.48 1.30
CA PRO D 175 17.02 15.93 0.37
C PRO D 175 18.09 16.79 1.05
N LEU D 176 17.72 17.51 2.13
CA LEU D 176 18.70 18.34 2.82
C LEU D 176 19.68 17.48 3.62
N MET D 177 19.23 16.33 4.16
CA MET D 177 20.13 15.40 4.84
C MET D 177 21.10 14.83 3.81
N LYS D 178 20.58 14.39 2.68
CA LYS D 178 21.42 13.76 1.68
C LYS D 178 22.48 14.75 1.18
N SER D 179 22.08 16.01 0.95
CA SER D 179 23.04 16.94 0.37
C SER D 179 24.13 17.34 1.37
N GLN D 180 23.77 17.45 2.65
CA GLN D 180 24.75 17.91 3.63
C GLN D 180 25.59 16.76 4.20
N TYR D 181 24.93 15.64 4.53
CA TYR D 181 25.61 14.60 5.31
C TYR D 181 25.69 13.27 4.54
N GLY D 182 24.97 13.18 3.42
CA GLY D 182 24.77 11.89 2.73
C GLY D 182 23.73 11.02 3.41
N VAL D 183 23.31 9.97 2.70
CA VAL D 183 22.45 8.93 3.26
C VAL D 183 23.07 7.56 2.96
N ASP D 184 24.35 7.40 3.29
CA ASP D 184 25.02 6.12 3.15
C ASP D 184 24.25 5.07 3.92
N SER D 185 24.11 3.88 3.34
CA SER D 185 23.59 2.73 4.05
C SER D 185 24.57 2.38 5.18
N MET D 186 24.09 1.60 6.15
CA MET D 186 24.98 1.20 7.25
C MET D 186 26.23 0.48 6.68
N PRO D 187 26.11 -0.55 5.80
CA PRO D 187 27.30 -1.18 5.24
C PRO D 187 28.19 -0.20 4.49
N GLU D 188 27.60 0.78 3.78
CA GLU D 188 28.45 1.80 3.15
C GLU D 188 29.28 2.55 4.19
N THR D 189 28.63 2.95 5.31
CA THR D 189 29.40 3.63 6.35
C THR D 189 30.53 2.75 6.89
N ALA D 190 30.35 1.41 6.92
CA ALA D 190 31.39 0.53 7.45
C ALA D 190 32.54 0.44 6.43
N ASP D 191 32.22 0.49 5.12
CA ASP D 191 33.26 0.53 4.10
C ASP D 191 34.00 1.87 4.19
N ASN D 192 33.29 2.95 4.50
CA ASN D 192 33.93 4.24 4.68
C ASN D 192 34.90 4.23 5.87
N VAL D 193 34.50 3.56 6.96
CA VAL D 193 35.38 3.39 8.10
C VAL D 193 36.58 2.54 7.72
N ALA D 194 36.38 1.44 6.97
CA ALA D 194 37.51 0.61 6.55
C ALA D 194 38.51 1.43 5.72
N ASP D 195 38.00 2.30 4.85
CA ASP D 195 38.86 3.10 3.99
C ASP D 195 39.60 4.19 4.78
N ASP D 196 38.86 4.94 5.60
CA ASP D 196 39.42 6.11 6.26
C ASP D 196 40.35 5.71 7.41
N TYR D 197 40.07 4.57 8.04
CA TYR D 197 40.85 4.16 9.19
C TYR D 197 41.77 2.98 8.83
N GLN D 198 41.79 2.61 7.53
CA GLN D 198 42.72 1.61 7.00
C GLN D 198 42.58 0.29 7.75
N VAL D 199 41.39 -0.30 7.66
CA VAL D 199 41.11 -1.59 8.30
C VAL D 199 40.95 -2.62 7.18
N SER D 200 41.92 -3.55 7.07
CA SER D 200 41.95 -4.45 5.91
C SER D 200 40.82 -5.48 5.96
N ARG D 201 40.43 -5.98 4.77
CA ARG D 201 39.55 -7.12 4.67
C ARG D 201 40.07 -8.28 5.53
N ALA D 202 41.38 -8.56 5.46
CA ALA D 202 41.94 -9.71 6.18
C ALA D 202 41.72 -9.58 7.69
N ASP D 203 41.90 -8.36 8.22
CA ASP D 203 41.75 -8.11 9.66
C ASP D 203 40.26 -8.20 10.04
N GLN D 204 39.39 -7.74 9.12
CA GLN D 204 37.95 -7.78 9.35
C GLN D 204 37.52 -9.24 9.47
N ASP D 205 38.04 -10.05 8.55
CA ASP D 205 37.64 -11.46 8.52
C ASP D 205 38.19 -12.18 9.74
N ALA D 206 39.43 -11.86 10.15
CA ALA D 206 40.00 -12.52 11.32
C ALA D 206 39.18 -12.19 12.57
N PHE D 207 38.74 -10.93 12.70
CA PHE D 207 37.89 -10.52 13.82
C PHE D 207 36.54 -11.27 13.79
N ALA D 208 35.94 -11.38 12.60
CA ALA D 208 34.66 -12.08 12.50
C ALA D 208 34.85 -13.56 12.87
N LEU D 209 36.00 -14.15 12.50
CA LEU D 209 36.22 -15.55 12.82
C LEU D 209 36.29 -15.74 14.34
N ARG D 210 36.99 -14.82 15.01
CA ARG D 210 37.13 -14.88 16.46
C ARG D 210 35.76 -14.72 17.10
N SER D 211 34.92 -13.84 16.54
CA SER D 211 33.59 -13.70 17.11
C SER D 211 32.84 -15.03 17.04
N GLN D 212 32.83 -15.64 15.85
CA GLN D 212 32.15 -16.93 15.67
C GLN D 212 32.75 -18.00 16.59
N GLN D 213 34.08 -18.07 16.69
CA GLN D 213 34.72 -19.10 17.52
C GLN D 213 34.35 -18.91 19.00
N LYS D 214 34.42 -17.67 19.48
CA LYS D 214 34.15 -17.41 20.88
C LYS D 214 32.68 -17.63 21.21
N ALA D 215 31.79 -17.24 20.28
CA ALA D 215 30.37 -17.44 20.55
C ALA D 215 30.07 -18.96 20.56
N ALA D 216 30.72 -19.73 19.68
CA ALA D 216 30.45 -21.17 19.65
C ALA D 216 30.90 -21.79 20.96
N ALA D 217 32.04 -21.33 21.48
CA ALA D 217 32.61 -21.82 22.74
C ALA D 217 31.67 -21.49 23.92
N ALA D 218 31.18 -20.24 23.96
CA ALA D 218 30.29 -19.81 25.02
C ALA D 218 28.94 -20.55 24.96
N GLN D 219 28.44 -20.84 23.75
N GLN D 219 28.44 -20.81 23.74
CA GLN D 219 27.18 -21.58 23.60
CA GLN D 219 27.22 -21.59 23.54
C GLN D 219 27.37 -23.01 24.12
C GLN D 219 27.41 -22.96 24.17
N ALA D 220 28.53 -23.60 23.82
CA ALA D 220 28.83 -24.97 24.24
C ALA D 220 29.00 -25.03 25.75
N ALA D 221 29.47 -23.93 26.35
CA ALA D 221 29.72 -23.86 27.78
C ALA D 221 28.42 -23.62 28.53
N GLY D 222 27.32 -23.27 27.83
CA GLY D 222 26.06 -22.99 28.51
C GLY D 222 25.97 -21.54 28.98
N PHE D 223 26.88 -20.69 28.47
CA PHE D 223 26.96 -19.31 28.94
C PHE D 223 25.70 -18.54 28.49
N PHE D 224 25.33 -18.70 27.19
CA PHE D 224 24.13 -18.01 26.70
C PHE D 224 22.88 -18.59 27.36
N ALA D 225 22.84 -19.92 27.62
CA ALA D 225 21.67 -20.55 28.26
C ALA D 225 21.33 -19.88 29.60
N GLU D 226 22.34 -19.43 30.34
CA GLU D 226 22.15 -18.77 31.64
C GLU D 226 21.45 -17.40 31.50
N GLU D 227 21.54 -16.80 30.31
CA GLU D 227 20.96 -15.51 30.03
C GLU D 227 19.53 -15.65 29.49
N ILE D 228 19.17 -16.82 28.93
CA ILE D 228 18.03 -16.95 28.04
C ILE D 228 16.78 -17.46 28.76
N VAL D 229 15.62 -16.84 28.42
CA VAL D 229 14.34 -17.47 28.72
C VAL D 229 13.80 -17.98 27.39
N PRO D 230 13.35 -19.24 27.28
CA PRO D 230 12.91 -19.77 25.98
C PRO D 230 11.56 -19.21 25.55
N VAL D 231 11.31 -19.28 24.25
CA VAL D 231 10.08 -18.78 23.67
C VAL D 231 9.35 -19.98 23.06
N ARG D 232 8.10 -20.16 23.50
CA ARG D 232 7.31 -21.31 23.05
C ARG D 232 6.57 -20.93 21.76
N ILE D 233 6.61 -21.81 20.74
CA ILE D 233 6.00 -21.55 19.42
C ILE D 233 5.09 -22.73 19.05
N ALA D 234 3.92 -22.42 18.49
CA ALA D 234 2.96 -23.44 18.09
C ALA D 234 3.23 -23.93 16.67
N HIS D 235 3.36 -25.27 16.51
CA HIS D 235 3.37 -25.89 15.19
C HIS D 235 2.04 -26.63 15.03
N LYS D 236 1.80 -27.21 13.85
CA LYS D 236 0.54 -27.88 13.57
C LYS D 236 0.33 -29.06 14.51
N LYS D 237 1.38 -29.84 14.78
CA LYS D 237 1.23 -31.11 15.49
C LYS D 237 1.53 -30.97 16.99
N GLY D 238 1.93 -29.76 17.43
CA GLY D 238 2.31 -29.54 18.82
C GLY D 238 3.26 -28.35 18.94
N GLU D 239 3.80 -28.13 20.15
CA GLU D 239 4.61 -26.93 20.42
C GLU D 239 6.11 -27.28 20.45
N ILE D 240 6.92 -26.29 20.08
CA ILE D 240 8.37 -26.38 20.23
C ILE D 240 8.82 -25.20 21.10
N ILE D 241 10.06 -25.29 21.59
CA ILE D 241 10.67 -24.22 22.35
C ILE D 241 11.86 -23.69 21.56
N VAL D 242 11.92 -22.37 21.38
CA VAL D 242 13.14 -21.76 20.86
C VAL D 242 14.02 -21.38 22.06
N GLU D 243 15.20 -22.02 22.17
CA GLU D 243 16.02 -21.90 23.36
C GLU D 243 17.39 -21.34 23.00
N ARG D 244 17.79 -21.48 21.72
CA ARG D 244 19.17 -21.18 21.31
C ARG D 244 19.19 -20.01 20.33
N ASP D 245 20.22 -19.17 20.47
CA ASP D 245 20.53 -18.13 19.51
C ASP D 245 20.70 -18.77 18.13
N GLU D 246 19.98 -18.26 17.11
CA GLU D 246 19.87 -18.93 15.82
C GLU D 246 20.94 -18.42 14.84
N HIS D 247 21.50 -17.24 15.11
CA HIS D 247 22.32 -16.58 14.10
C HIS D 247 23.74 -17.17 13.95
N LEU D 248 24.22 -17.90 14.98
CA LEU D 248 25.61 -18.33 15.02
C LEU D 248 25.94 -19.16 13.79
N ARG D 249 27.17 -19.03 13.34
CA ARG D 249 27.71 -19.89 12.29
C ARG D 249 29.01 -20.53 12.78
N PRO D 250 28.91 -21.55 13.64
CA PRO D 250 30.08 -22.12 14.32
C PRO D 250 31.07 -22.79 13.39
N GLU D 251 30.62 -23.12 12.18
CA GLU D 251 31.45 -23.81 11.22
C GLU D 251 32.35 -22.81 10.48
N THR D 252 32.18 -21.51 10.76
CA THR D 252 32.89 -20.46 10.04
C THR D 252 34.39 -20.74 10.07
N THR D 253 35.03 -20.53 8.91
CA THR D 253 36.49 -20.55 8.91
C THR D 253 36.99 -19.33 8.13
N LEU D 254 38.30 -19.06 8.22
CA LEU D 254 38.89 -17.95 7.45
C LEU D 254 38.69 -18.14 5.95
N GLU D 255 38.89 -19.37 5.44
CA GLU D 255 38.65 -19.69 4.05
C GLU D 255 37.21 -19.36 3.63
N ALA D 256 36.24 -19.74 4.48
CA ALA D 256 34.84 -19.45 4.17
C ALA D 256 34.60 -17.94 4.07
N LEU D 257 35.20 -17.18 4.99
CA LEU D 257 35.02 -15.73 4.98
C LEU D 257 35.70 -15.07 3.77
N THR D 258 36.90 -15.57 3.41
CA THR D 258 37.65 -15.01 2.29
C THR D 258 36.91 -15.14 0.94
N LYS D 259 36.07 -16.18 0.79
CA LYS D 259 35.34 -16.41 -0.46
C LYS D 259 34.18 -15.43 -0.65
N LEU D 260 33.71 -14.78 0.43
CA LEU D 260 32.50 -13.99 0.32
C LEU D 260 32.76 -12.72 -0.51
N LYS D 261 31.72 -12.23 -1.17
CA LYS D 261 31.79 -11.03 -2.00
C LYS D 261 31.37 -9.84 -1.14
N PRO D 262 32.04 -8.67 -1.23
CA PRO D 262 31.61 -7.48 -0.50
C PRO D 262 30.19 -7.06 -0.88
N VAL D 263 29.47 -6.47 0.08
CA VAL D 263 28.09 -6.03 -0.12
C VAL D 263 28.01 -4.99 -1.23
N ASN D 264 28.98 -4.07 -1.26
CA ASN D 264 28.90 -2.84 -2.04
C ASN D 264 29.83 -2.88 -3.25
N GLY D 265 30.39 -4.03 -3.58
CA GLY D 265 31.12 -4.12 -4.83
C GLY D 265 32.56 -4.60 -4.63
N PRO D 266 33.22 -5.04 -5.71
CA PRO D 266 34.54 -5.69 -5.61
C PRO D 266 35.68 -4.92 -4.96
N ASP D 267 35.67 -3.58 -5.00
CA ASP D 267 36.74 -2.79 -4.40
C ASP D 267 36.46 -2.49 -2.92
N LYS D 268 35.40 -3.06 -2.35
CA LYS D 268 35.09 -2.76 -0.96
C LYS D 268 35.49 -3.96 -0.08
N THR D 269 35.14 -3.91 1.22
CA THR D 269 35.68 -4.88 2.16
C THR D 269 34.59 -5.50 3.04
N VAL D 270 33.48 -4.78 3.25
CA VAL D 270 32.45 -5.27 4.17
C VAL D 270 31.64 -6.36 3.46
N THR D 271 31.47 -7.53 4.13
CA THR D 271 30.68 -8.63 3.61
C THR D 271 29.59 -9.04 4.60
N ALA D 272 28.68 -9.93 4.18
CA ALA D 272 27.71 -10.45 5.15
C ALA D 272 28.37 -11.25 6.27
N GLY D 273 29.60 -11.77 6.00
CA GLY D 273 30.29 -12.60 6.98
C GLY D 273 31.08 -11.82 8.02
N ASN D 274 31.36 -10.53 7.75
CA ASN D 274 32.07 -9.69 8.70
C ASN D 274 31.20 -8.51 9.18
N ALA D 275 29.87 -8.66 9.08
CA ALA D 275 28.87 -7.70 9.52
C ALA D 275 27.84 -8.39 10.40
N SER D 276 27.24 -7.63 11.31
CA SER D 276 26.08 -8.13 12.07
C SER D 276 24.96 -8.45 11.10
N GLY D 277 23.92 -9.09 11.62
CA GLY D 277 22.78 -9.41 10.76
C GLY D 277 21.57 -8.60 11.18
N VAL D 278 20.43 -8.84 10.52
N VAL D 278 20.44 -9.02 10.61
CA VAL D 278 19.18 -8.26 10.97
CA VAL D 278 19.12 -8.45 10.82
C VAL D 278 18.35 -9.39 11.60
C VAL D 278 18.35 -9.50 11.62
N ASN D 279 17.79 -9.11 12.78
CA ASN D 279 17.41 -10.15 13.73
C ASN D 279 16.28 -9.70 14.65
N ASP D 280 15.77 -10.67 15.42
CA ASP D 280 14.65 -10.45 16.32
C ASP D 280 15.05 -10.87 17.74
N GLY D 281 14.61 -10.09 18.75
CA GLY D 281 14.79 -10.50 20.13
C GLY D 281 14.40 -9.40 21.12
N ALA D 282 14.43 -9.74 22.42
CA ALA D 282 14.11 -8.80 23.48
C ALA D 282 14.90 -9.14 24.74
N ALA D 283 15.06 -8.14 25.61
CA ALA D 283 15.82 -8.33 26.85
C ALA D 283 15.29 -7.36 27.88
N ALA D 284 15.47 -7.68 29.18
CA ALA D 284 15.07 -6.75 30.23
C ALA D 284 15.81 -7.07 31.52
N MET D 285 15.90 -6.05 32.39
CA MET D 285 16.62 -6.19 33.64
C MET D 285 16.01 -5.25 34.68
N ILE D 286 16.19 -5.59 35.98
CA ILE D 286 15.68 -4.75 37.04
C ILE D 286 16.81 -3.82 37.53
N LEU D 287 16.48 -2.54 37.77
CA LEU D 287 17.41 -1.62 38.43
C LEU D 287 16.73 -1.13 39.70
N ALA D 288 17.53 -0.92 40.76
CA ALA D 288 16.91 -0.54 42.05
C ALA D 288 17.90 0.20 42.92
N SER D 289 17.35 1.07 43.76
CA SER D 289 18.11 1.73 44.82
C SER D 289 18.44 0.68 45.88
N ALA D 290 19.37 1.01 46.78
CA ALA D 290 19.67 0.08 47.87
C ALA D 290 18.41 -0.25 48.69
N ALA D 291 17.58 0.77 48.99
CA ALA D 291 16.37 0.55 49.80
C ALA D 291 15.42 -0.41 49.06
N ALA D 292 15.31 -0.26 47.74
CA ALA D 292 14.41 -1.13 46.97
C ALA D 292 14.97 -2.54 46.89
N VAL D 293 16.29 -2.69 46.77
CA VAL D 293 16.90 -4.02 46.80
C VAL D 293 16.46 -4.73 48.08
N LYS D 294 16.61 -4.05 49.23
CA LYS D 294 16.28 -4.68 50.49
C LYS D 294 14.79 -4.99 50.57
N LYS D 295 13.94 -4.01 50.21
CA LYS D 295 12.49 -4.11 50.37
C LYS D 295 11.91 -5.25 49.53
N HIS D 296 12.43 -5.40 48.30
CA HIS D 296 11.84 -6.33 47.34
C HIS D 296 12.59 -7.67 47.29
N GLY D 297 13.58 -7.88 48.16
CA GLY D 297 14.29 -9.15 48.25
C GLY D 297 15.11 -9.45 46.99
N LEU D 298 15.64 -8.39 46.35
CA LEU D 298 16.41 -8.55 45.11
C LEU D 298 17.84 -8.94 45.45
N THR D 299 18.54 -9.51 44.45
CA THR D 299 19.97 -9.74 44.62
C THR D 299 20.71 -8.69 43.81
N PRO D 300 21.42 -7.71 44.43
CA PRO D 300 22.16 -6.70 43.66
C PRO D 300 23.39 -7.36 43.05
N ARG D 301 23.68 -7.02 41.77
CA ARG D 301 24.74 -7.70 41.03
C ARG D 301 25.82 -6.72 40.56
N ALA D 302 25.44 -5.47 40.23
CA ALA D 302 26.45 -4.49 39.83
C ALA D 302 25.90 -3.11 40.17
N ARG D 303 26.81 -2.17 40.39
CA ARG D 303 26.39 -0.78 40.48
C ARG D 303 26.61 -0.14 39.11
N VAL D 304 25.65 0.66 38.64
CA VAL D 304 25.89 1.46 37.45
C VAL D 304 26.78 2.67 37.76
N LEU D 305 27.85 2.86 36.97
CA LEU D 305 28.75 3.99 37.21
C LEU D 305 28.34 5.24 36.41
N GLY D 306 27.91 5.05 35.15
CA GLY D 306 27.45 6.17 34.35
C GLY D 306 27.32 5.79 32.88
N MET D 307 26.82 6.76 32.10
CA MET D 307 26.54 6.62 30.68
C MET D 307 26.97 7.91 29.98
N ALA D 308 27.56 7.79 28.79
CA ALA D 308 27.79 8.99 27.99
C ALA D 308 27.52 8.71 26.52
N SER D 309 27.20 9.80 25.79
CA SER D 309 26.87 9.73 24.37
C SER D 309 27.83 10.65 23.60
N GLY D 310 28.06 10.32 22.32
CA GLY D 310 28.94 11.14 21.48
C GLY D 310 28.37 11.15 20.05
N GLY D 311 28.68 12.20 19.29
CA GLY D 311 28.28 12.29 17.89
C GLY D 311 29.51 12.28 16.99
N VAL D 312 29.33 11.78 15.77
CA VAL D 312 30.37 11.77 14.73
C VAL D 312 29.69 12.04 13.39
N ALA D 313 30.49 12.14 12.31
CA ALA D 313 29.89 12.26 10.99
C ALA D 313 29.04 11.02 10.68
N PRO D 314 27.79 11.20 10.19
CA PRO D 314 26.98 10.06 9.77
C PRO D 314 27.73 9.09 8.87
N ARG D 315 28.57 9.59 7.97
CA ARG D 315 29.17 8.76 6.93
C ARG D 315 30.23 7.80 7.51
N VAL D 316 30.65 8.02 8.76
CA VAL D 316 31.52 7.07 9.46
C VAL D 316 30.96 6.74 10.86
N MET D 317 29.64 6.47 10.90
N MET D 317 29.65 6.52 10.93
CA MET D 317 28.89 6.32 12.13
CA MET D 317 28.96 6.37 12.20
C MET D 317 29.52 5.24 13.03
C MET D 317 29.63 5.29 13.06
N GLY D 318 30.23 4.27 12.44
CA GLY D 318 30.81 3.16 13.20
C GLY D 318 31.90 3.61 14.20
N ILE D 319 32.48 4.81 13.99
CA ILE D 319 33.49 5.34 14.90
C ILE D 319 32.86 6.06 16.09
N GLY D 320 31.51 6.19 16.11
CA GLY D 320 30.75 6.81 17.18
C GLY D 320 31.20 6.43 18.61
N PRO D 321 31.45 5.15 18.95
CA PRO D 321 31.85 4.79 20.31
C PRO D 321 33.05 5.53 20.85
N VAL D 322 33.96 5.95 19.96
CA VAL D 322 35.20 6.59 20.43
C VAL D 322 34.92 7.84 21.29
N PRO D 323 34.22 8.91 20.81
CA PRO D 323 33.94 10.06 21.67
C PRO D 323 33.05 9.71 22.86
N ALA D 324 32.14 8.73 22.72
CA ALA D 324 31.30 8.33 23.85
C ALA D 324 32.16 7.73 24.97
N VAL D 325 33.03 6.77 24.62
CA VAL D 325 33.91 6.15 25.61
C VAL D 325 34.85 7.18 26.22
N ARG D 326 35.41 8.06 25.39
CA ARG D 326 36.32 9.06 25.93
C ARG D 326 35.59 9.96 26.91
N LYS D 327 34.38 10.40 26.56
CA LYS D 327 33.61 11.28 27.44
C LYS D 327 33.32 10.62 28.79
N LEU D 328 32.88 9.36 28.76
CA LEU D 328 32.51 8.67 29.99
C LEU D 328 33.74 8.44 30.87
N THR D 329 34.82 7.92 30.26
CA THR D 329 35.98 7.53 31.04
C THR D 329 36.68 8.77 31.58
N GLU D 330 36.70 9.88 30.82
CA GLU D 330 37.27 11.12 31.34
C GLU D 330 36.50 11.59 32.58
N ARG D 331 35.16 11.55 32.49
CA ARG D 331 34.36 12.05 33.60
C ARG D 331 34.50 11.14 34.82
N LEU D 332 34.56 9.82 34.62
CA LEU D 332 34.59 8.92 35.76
C LEU D 332 36.01 8.79 36.33
N GLY D 333 37.02 9.24 35.56
CA GLY D 333 38.41 9.02 35.93
C GLY D 333 38.82 7.55 35.88
N ILE D 334 38.40 6.81 34.85
CA ILE D 334 38.75 5.40 34.70
C ILE D 334 39.42 5.26 33.33
N ALA D 335 40.62 4.64 33.26
CA ALA D 335 41.22 4.34 31.97
C ALA D 335 40.46 3.22 31.26
N VAL D 336 40.48 3.26 29.92
CA VAL D 336 39.91 2.18 29.14
C VAL D 336 40.56 0.84 29.52
N SER D 337 41.88 0.84 29.76
CA SER D 337 42.57 -0.38 30.13
C SER D 337 42.18 -0.89 31.52
N ASP D 338 41.44 -0.11 32.32
CA ASP D 338 41.06 -0.55 33.67
C ASP D 338 39.86 -1.50 33.63
N PHE D 339 39.17 -1.59 32.48
CA PHE D 339 37.99 -2.44 32.46
C PHE D 339 38.38 -3.90 32.34
N ASP D 340 37.69 -4.78 33.10
CA ASP D 340 37.94 -6.22 33.00
C ASP D 340 37.13 -6.91 31.90
N VAL D 341 36.07 -6.25 31.43
CA VAL D 341 35.38 -6.70 30.23
C VAL D 341 35.00 -5.46 29.42
N ILE D 342 35.20 -5.53 28.10
CA ILE D 342 34.64 -4.54 27.18
C ILE D 342 33.71 -5.26 26.20
N GLU D 343 32.39 -4.96 26.30
CA GLU D 343 31.40 -5.39 25.33
C GLU D 343 31.24 -4.29 24.28
N LEU D 344 31.86 -4.51 23.10
CA LEU D 344 31.86 -3.53 22.01
C LEU D 344 30.95 -4.08 20.92
N ASN D 345 29.87 -3.34 20.62
CA ASN D 345 28.92 -3.86 19.63
C ASN D 345 29.65 -4.16 18.31
N GLU D 346 29.33 -5.31 17.73
CA GLU D 346 29.96 -5.65 16.45
C GLU D 346 28.97 -5.38 15.34
N ALA D 347 28.67 -4.10 15.10
CA ALA D 347 27.84 -3.81 13.94
C ALA D 347 28.54 -4.30 12.68
N PHE D 348 29.82 -3.93 12.56
CA PHE D 348 30.68 -4.40 11.48
C PHE D 348 32.10 -4.56 12.03
N ALA D 349 32.79 -5.62 11.57
CA ALA D 349 34.19 -5.81 11.97
C ALA D 349 35.02 -4.57 11.66
N SER D 350 34.75 -3.90 10.54
CA SER D 350 35.61 -2.74 10.22
C SER D 350 35.55 -1.68 11.32
N GLN D 351 34.33 -1.38 11.81
CA GLN D 351 34.22 -0.34 12.81
C GLN D 351 34.62 -0.86 14.18
N GLY D 352 34.34 -2.13 14.51
CA GLY D 352 34.82 -2.63 15.78
C GLY D 352 36.35 -2.49 15.89
N LEU D 353 37.05 -2.90 14.83
CA LEU D 353 38.50 -2.76 14.80
C LEU D 353 38.95 -1.30 14.88
N ALA D 354 38.33 -0.43 14.08
CA ALA D 354 38.70 0.99 14.07
C ALA D 354 38.53 1.62 15.47
N VAL D 355 37.44 1.29 16.18
CA VAL D 355 37.24 1.79 17.54
C VAL D 355 38.33 1.30 18.50
N LEU D 356 38.64 0.00 18.46
CA LEU D 356 39.63 -0.58 19.37
C LEU D 356 40.96 0.12 19.10
N ARG D 357 41.27 0.33 17.81
CA ARG D 357 42.58 0.93 17.50
C ARG D 357 42.64 2.38 17.99
N GLU D 358 41.56 3.14 17.80
CA GLU D 358 41.51 4.52 18.27
C GLU D 358 41.70 4.57 19.78
N LEU D 359 41.16 3.56 20.48
CA LEU D 359 41.17 3.55 21.94
C LEU D 359 42.44 2.92 22.50
N GLY D 360 43.32 2.42 21.62
CA GLY D 360 44.60 1.86 22.08
C GLY D 360 44.47 0.46 22.64
N VAL D 361 43.39 -0.26 22.23
CA VAL D 361 43.16 -1.63 22.68
C VAL D 361 43.49 -2.58 21.53
N ALA D 362 44.19 -3.70 21.80
CA ALA D 362 44.56 -4.63 20.74
C ALA D 362 43.33 -5.21 20.04
N ASP D 363 43.48 -5.55 18.76
CA ASP D 363 42.39 -6.09 17.94
C ASP D 363 41.83 -7.39 18.53
N ASP D 364 42.66 -8.15 19.27
CA ASP D 364 42.27 -9.42 19.86
C ASP D 364 42.43 -9.40 21.40
N ALA D 365 42.31 -8.21 22.02
CA ALA D 365 42.55 -8.11 23.44
C ALA D 365 41.61 -9.07 24.19
N PRO D 366 42.10 -9.81 25.21
CA PRO D 366 41.30 -10.90 25.78
C PRO D 366 40.03 -10.41 26.47
N GLN D 367 40.01 -9.14 26.94
CA GLN D 367 38.88 -8.62 27.69
C GLN D 367 37.75 -8.14 26.75
N VAL D 368 38.01 -8.09 25.44
CA VAL D 368 37.00 -7.59 24.52
C VAL D 368 36.16 -8.75 23.96
N ASN D 369 34.84 -8.64 24.09
CA ASN D 369 33.90 -9.59 23.49
C ASN D 369 34.38 -11.03 23.73
N PRO D 370 34.61 -11.47 24.99
CA PRO D 370 35.16 -12.80 25.28
C PRO D 370 34.26 -13.97 24.88
N ASN D 371 32.96 -13.69 24.73
CA ASN D 371 31.94 -14.65 24.36
C ASN D 371 31.45 -14.41 22.93
N GLY D 372 32.18 -13.61 22.17
CA GLY D 372 31.69 -13.28 20.83
C GLY D 372 30.74 -12.09 20.88
N GLY D 373 30.22 -11.73 19.70
CA GLY D 373 29.40 -10.54 19.60
C GLY D 373 28.43 -10.64 18.42
N ALA D 374 27.89 -9.47 18.03
CA ALA D 374 26.80 -9.42 17.08
C ALA D 374 27.11 -10.04 15.71
N ILE D 375 28.37 -10.16 15.32
CA ILE D 375 28.62 -10.86 14.07
C ILE D 375 28.12 -12.31 14.17
N ALA D 376 28.37 -12.95 15.32
CA ALA D 376 27.88 -14.31 15.56
C ALA D 376 26.41 -14.30 16.00
N LEU D 377 26.08 -13.39 16.94
CA LEU D 377 24.82 -13.47 17.68
C LEU D 377 23.67 -12.78 16.95
N GLY D 378 23.96 -11.81 16.09
CA GLY D 378 22.84 -11.03 15.53
C GLY D 378 22.62 -9.74 16.32
N ALA D 379 21.80 -8.82 15.79
CA ALA D 379 21.62 -7.51 16.45
C ALA D 379 20.23 -6.94 16.24
N PRO D 380 19.19 -7.41 16.96
CA PRO D 380 17.90 -6.74 16.90
C PRO D 380 18.10 -5.34 17.49
N LEU D 381 17.90 -4.30 16.68
CA LEU D 381 18.37 -2.95 17.06
C LEU D 381 18.05 -2.61 18.51
N GLY D 382 16.76 -2.54 18.86
CA GLY D 382 16.36 -2.06 20.19
C GLY D 382 16.83 -2.96 21.34
N MET D 383 17.04 -4.25 21.08
CA MET D 383 17.43 -5.18 22.14
C MET D 383 18.95 -5.14 22.42
N SER D 384 19.76 -4.89 21.39
N SER D 384 19.75 -4.88 21.38
CA SER D 384 21.20 -5.18 21.45
CA SER D 384 21.19 -5.11 21.39
C SER D 384 21.91 -4.45 22.61
C SER D 384 21.90 -4.44 22.57
N GLY D 385 21.55 -3.18 22.83
CA GLY D 385 22.19 -2.38 23.88
C GLY D 385 21.87 -2.91 25.28
N ALA D 386 20.63 -3.42 25.48
CA ALA D 386 20.31 -4.05 26.75
C ALA D 386 21.08 -5.38 26.89
N ARG D 387 21.19 -6.16 25.79
CA ARG D 387 22.00 -7.38 25.84
C ARG D 387 23.46 -7.07 26.22
N LEU D 388 24.03 -5.99 25.66
CA LEU D 388 25.46 -5.76 25.94
C LEU D 388 25.67 -5.50 27.44
N VAL D 389 24.78 -4.75 28.08
CA VAL D 389 24.91 -4.49 29.50
C VAL D 389 24.75 -5.79 30.27
N LEU D 390 23.71 -6.57 29.95
CA LEU D 390 23.49 -7.74 30.80
C LEU D 390 24.59 -8.79 30.64
N THR D 391 25.12 -8.93 29.43
CA THR D 391 26.16 -9.93 29.17
C THR D 391 27.50 -9.46 29.73
N ALA D 392 27.79 -8.14 29.74
CA ALA D 392 28.99 -7.65 30.39
C ALA D 392 28.97 -8.01 31.88
N LEU D 393 27.82 -7.79 32.52
CA LEU D 393 27.68 -8.17 33.93
C LEU D 393 27.85 -9.68 34.13
N HIS D 394 27.18 -10.49 33.31
CA HIS D 394 27.29 -11.94 33.40
C HIS D 394 28.77 -12.38 33.27
N GLN D 395 29.50 -11.77 32.31
CA GLN D 395 30.91 -12.10 32.13
C GLN D 395 31.75 -11.70 33.35
N LEU D 396 31.49 -10.53 33.94
CA LEU D 396 32.22 -10.12 35.15
C LEU D 396 32.02 -11.15 36.26
N GLU D 397 30.78 -11.64 36.43
CA GLU D 397 30.51 -12.61 37.49
C GLU D 397 31.25 -13.91 37.23
N LYS D 398 31.22 -14.40 35.98
CA LYS D 398 31.84 -15.69 35.71
C LYS D 398 33.36 -15.59 35.86
N SER D 399 33.94 -14.43 35.50
CA SER D 399 35.40 -14.28 35.45
C SER D 399 35.99 -13.73 36.75
N GLY D 400 35.15 -13.25 37.68
CA GLY D 400 35.63 -12.52 38.85
C GLY D 400 36.15 -11.12 38.55
N GLY D 401 35.80 -10.55 37.39
CA GLY D 401 36.19 -9.20 37.07
C GLY D 401 35.40 -8.15 37.87
N ARG D 402 35.89 -6.91 37.83
CA ARG D 402 35.34 -5.82 38.60
C ARG D 402 34.57 -4.83 37.72
N LYS D 403 35.23 -4.06 36.87
CA LYS D 403 34.52 -3.05 36.09
C LYS D 403 34.28 -3.49 34.65
N GLY D 404 33.11 -3.11 34.10
CA GLY D 404 32.78 -3.47 32.73
C GLY D 404 32.32 -2.23 31.97
N LEU D 405 32.68 -2.21 30.68
CA LEU D 405 32.29 -1.14 29.77
C LEU D 405 31.50 -1.79 28.62
N ALA D 406 30.32 -1.23 28.33
CA ALA D 406 29.60 -1.63 27.12
C ALA D 406 29.45 -0.39 26.24
N THR D 407 29.71 -0.57 24.93
CA THR D 407 29.62 0.58 24.05
C THR D 407 29.17 0.18 22.65
N MET D 408 28.47 1.11 22.00
CA MET D 408 28.00 0.74 20.67
C MET D 408 27.80 1.97 19.81
N CSO D 409 27.76 1.73 18.49
CA CSO D 409 27.57 2.75 17.48
CB CSO D 409 28.44 2.43 16.24
SG CSO D 409 27.93 0.94 15.34
C CSO D 409 26.08 2.93 17.17
O CSO D 409 25.24 2.12 17.57
OD CSO D 409 28.03 -0.25 16.46
N VAL D 410 25.79 4.01 16.46
CA VAL D 410 24.41 4.41 16.21
C VAL D 410 24.35 4.97 14.79
N GLY D 411 23.38 4.51 14.00
CA GLY D 411 23.10 5.10 12.68
C GLY D 411 22.98 6.62 12.76
N VAL D 412 23.49 7.25 11.70
CA VAL D 412 23.44 8.70 11.53
C VAL D 412 24.43 9.34 12.50
N GLY D 413 25.38 8.53 13.01
CA GLY D 413 26.62 9.10 13.55
C GLY D 413 26.56 9.36 15.06
N GLN D 414 26.30 8.32 15.85
CA GLN D 414 26.48 8.49 17.29
C GLN D 414 27.18 7.25 17.91
N GLY D 415 27.58 7.44 19.17
CA GLY D 415 28.08 6.39 20.05
C GLY D 415 27.44 6.54 21.45
N LEU D 416 27.31 5.42 22.16
CA LEU D 416 26.83 5.38 23.52
C LEU D 416 27.74 4.44 24.30
N ALA D 417 28.03 4.81 25.55
CA ALA D 417 28.90 3.97 26.38
C ALA D 417 28.31 3.97 27.78
N LEU D 418 28.35 2.81 28.45
CA LEU D 418 27.83 2.65 29.81
C LEU D 418 28.79 1.76 30.62
N ALA D 419 29.12 2.21 31.85
CA ALA D 419 30.06 1.47 32.69
C ALA D 419 29.36 0.98 33.95
N ILE D 420 29.78 -0.22 34.39
CA ILE D 420 29.21 -0.87 35.58
C ILE D 420 30.36 -1.44 36.43
N GLU D 421 30.03 -1.76 37.67
CA GLU D 421 31.03 -2.38 38.55
C GLU D 421 30.34 -3.48 39.35
N ARG D 422 30.87 -4.71 39.28
CA ARG D 422 30.26 -5.83 39.97
C ARG D 422 30.33 -5.58 41.48
N VAL D 423 29.27 -5.96 42.22
CA VAL D 423 29.24 -5.78 43.67
C VAL D 423 30.20 -6.77 44.36
N1A COA E . -17.70 25.50 17.13
C2A COA E . -18.41 25.04 16.09
N3A COA E . -18.23 23.95 15.34
C4A COA E . -17.18 23.23 15.80
C5A COA E . -16.39 23.54 16.88
C6A COA E . -16.69 24.72 17.61
N6A COA E . -15.98 25.19 18.64
N7A COA E . -15.42 22.57 17.03
C8A COA E . -15.62 21.72 16.05
N9A COA E . -16.70 22.05 15.28
C1B COA E . -17.11 21.36 14.04
C2B COA E . -16.09 21.56 12.92
O2B COA E . -16.16 22.79 12.24
C3B COA E . -16.46 20.43 11.98
O3B COA E . -17.63 20.85 11.27
P3B COA E . -17.58 20.46 9.69
O7A COA E . -18.75 21.19 9.04
O8A COA E . -17.72 18.95 9.58
O9A COA E . -16.23 20.98 9.22
C4B COA E . -16.83 19.30 12.96
O4B COA E . -17.15 19.96 14.21
C5B COA E . -15.76 18.25 13.14
O5B COA E . -14.52 18.90 13.56
P1A COA E . -13.09 18.67 12.85
O1A COA E . -13.29 18.33 11.40
O2A COA E . -12.15 19.78 13.22
O3A COA E . -12.58 17.35 13.62
P2A COA E . -12.80 15.82 13.26
O4A COA E . -11.94 15.45 12.10
O5A COA E . -14.29 15.58 13.30
O6A COA E . -12.13 15.04 14.54
CBP COA E . -11.88 14.31 16.85
CCP COA E . -12.70 15.16 15.87
CDP COA E . -12.27 14.66 18.29
CEP COA E . -12.22 12.83 16.63
CAP COA E . -10.37 14.53 16.59
OAP COA E . -10.03 15.90 16.69
C9P COA E . -9.50 13.76 17.55
O9P COA E . -9.24 12.57 17.31
N8P COA E . -9.08 14.41 18.63
C7P COA E . -8.47 13.76 19.78
C6P COA E . -7.02 14.05 19.78
C5P COA E . -6.38 13.49 21.04
O5P COA E . -7.01 12.79 21.83
N4P COA E . -5.07 13.76 21.18
C3P COA E . -4.36 13.69 22.45
C2P COA E . -4.11 15.07 22.95
S1P COA E . -2.97 15.00 24.34
C1 GOL F . -11.29 26.38 32.07
O1 GOL F . -11.66 27.35 33.04
C2 GOL F . -10.32 26.97 31.09
O2 GOL F . -9.24 27.61 31.78
C3 GOL F . -9.80 25.95 30.09
O3 GOL F . -8.87 26.53 29.18
CL CL G . -1.67 20.43 25.61
N1A COA H . -12.03 -33.73 0.37
C2A COA H . -11.56 -33.37 1.58
N3A COA H . -11.31 -32.15 2.04
C4A COA H . -11.57 -31.21 1.10
C5A COA H . -12.06 -31.44 -0.18
C6A COA H . -12.31 -32.78 -0.55
N6A COA H . -12.75 -33.15 -1.75
N7A COA H . -12.19 -30.23 -0.86
C8A COA H . -11.78 -29.30 -0.01
N9A COA H . -11.40 -29.84 1.21
C1B COA H . -10.84 -29.09 2.36
C2B COA H . -9.44 -28.58 2.06
O2B COA H . -8.45 -29.59 2.11
C3B COA H . -9.29 -27.49 3.11
O3B COA H . -9.00 -28.10 4.36
P3B COA H . -7.82 -27.42 5.27
O7A COA H . -6.55 -27.44 4.41
O8A COA H . -7.71 -28.33 6.48
O9A COA H . -8.26 -26.01 5.66
C4B COA H . -10.70 -26.87 3.12
O4B COA H . -11.57 -27.90 2.59
C5B COA H . -10.83 -25.59 2.32
O5B COA H . -10.22 -25.85 1.01
P1A COA H . -9.28 -24.87 0.14
O1A COA H . -8.89 -25.60 -1.12
O2A COA H . -8.19 -24.29 1.00
O3A COA H . -10.24 -23.64 -0.26
P2A COA H . -10.66 -22.30 0.50
O4A COA H . -9.47 -21.40 0.48
O5A COA H . -11.34 -22.70 1.77
O6A COA H . -11.77 -21.61 -0.48
CBP COA H . -13.83 -21.35 -1.73
CCP COA H . -13.08 -22.22 -0.72
CDP COA H . -15.03 -22.13 -2.28
CEP COA H . -14.35 -20.12 -0.99
CAP COA H . -12.89 -20.91 -2.88
OAP COA H . -12.32 -22.06 -3.50
C9P COA H . -13.61 -20.09 -3.94
O9P COA H . -13.75 -18.86 -3.77
N8P COA H . -14.03 -20.77 -5.00
C7P COA H . -15.02 -20.37 -5.98
C6P COA H . -14.35 -19.86 -7.21
C5P COA H . -15.30 -19.35 -8.28
O5P COA H . -16.46 -19.05 -7.99
N4P COA H . -14.76 -19.14 -9.49
C3P COA H . -15.53 -19.10 -10.72
C2P COA H . -15.39 -20.41 -11.46
S1P COA H . -16.14 -20.15 -13.07
C1 GOL I . -19.62 -33.89 -12.83
O1 GOL I . -18.30 -33.82 -13.39
C2 GOL I . -20.31 -35.18 -13.23
O2 GOL I . -20.17 -35.41 -14.63
C3 GOL I . -21.77 -35.20 -12.82
O3 GOL I . -22.38 -36.43 -13.13
CL CL J . -2.17 2.42 -20.18
N1A COA K . 0.04 25.72 -24.00
C2A COA K . 0.84 26.00 -22.97
N3A COA K . 1.24 25.22 -21.96
C4A COA K . 0.72 23.98 -22.08
C5A COA K . -0.12 23.53 -23.08
C6A COA K . -0.46 24.46 -24.11
N6A COA K . -1.26 24.17 -25.14
N7A COA K . -0.44 22.19 -22.87
C8A COA K . 0.16 21.87 -21.74
N9A COA K . 0.91 22.93 -21.22
C1B COA K . 1.69 22.97 -19.91
C2B COA K . 0.93 22.54 -18.67
O2B COA K . 0.11 23.59 -18.22
C3B COA K . 2.07 22.29 -17.67
O3B COA K . 2.47 23.56 -17.13
P3B COA K . 2.74 23.69 -15.52
O7A COA K . 3.19 25.13 -15.38
O8A COA K . 3.81 22.68 -15.11
O9A COA K . 1.40 23.43 -14.83
C4B COA K . 3.18 21.76 -18.58
O4B COA K . 2.74 22.03 -19.94
C5B COA K . 3.47 20.29 -18.42
O5B COA K . 2.20 19.56 -18.46
P1A COA K . 2.06 18.17 -17.64
O1A COA K . 2.33 18.39 -16.19
O2A COA K . 0.80 17.47 -18.04
O3A COA K . 3.28 17.34 -18.22
P2A COA K . 3.61 15.77 -18.15
O4A COA K . 3.30 15.31 -16.76
O5A COA K . 4.97 15.63 -18.76
O6A COA K . 2.46 15.15 -19.09
CBP COA K . 2.36 13.94 -21.14
CCP COA K . 2.58 15.30 -20.51
CDP COA K . 2.37 14.18 -22.65
CEP COA K . 3.52 13.02 -20.73
CAP COA K . 1.01 13.32 -20.67
OAP COA K . -0.08 14.23 -20.84
C9P COA K . 0.69 12.02 -21.39
O9P COA K . 1.19 10.97 -21.00
N8P COA K . -0.14 12.12 -22.43
C7P COA K . -0.31 11.11 -23.46
C6P COA K . -1.40 10.15 -23.08
C5P COA K . -1.57 9.08 -24.14
O5P COA K . -0.64 8.68 -24.84
N4P COA K . -2.78 8.51 -24.20
C3P COA K . -3.28 7.72 -25.32
C2P COA K . -4.27 8.53 -26.08
S1P COA K . -4.97 7.53 -27.39
C1 GOL L . -4.87 19.40 -38.26
O1 GOL L . -5.07 20.24 -39.38
C2 GOL L . -6.04 19.52 -37.29
O2 GOL L . -7.24 19.14 -37.95
C3 GOL L . -5.82 18.62 -36.09
O3 GOL L . -6.96 18.71 -35.22
CL CL M . -4.77 9.48 -22.34
N1A COA N . 30.17 -18.26 6.50
C2A COA N . 29.68 -18.56 5.29
N3A COA N . 28.76 -17.91 4.56
C4A COA N . 28.32 -16.81 5.20
C5A COA N . 28.74 -16.36 6.44
C6A COA N . 29.72 -17.14 7.12
N6A COA N . 30.21 -16.85 8.33
N7A COA N . 28.05 -15.20 6.78
C8A COA N . 27.26 -14.97 5.76
N9A COA N . 27.38 -15.91 4.76
C1B COA N . 26.60 -15.99 3.50
C2B COA N . 25.14 -16.35 3.81
O2B COA N . 25.01 -17.73 4.01
C3B COA N . 24.43 -15.82 2.58
O3B COA N . 24.73 -16.76 1.54
P3B COA N . 23.49 -17.39 0.65
O7A COA N . 24.21 -18.28 -0.35
O8A COA N . 22.73 -16.27 -0.04
O9A COA N . 22.66 -18.16 1.66
C4B COA N . 25.16 -14.50 2.36
O4B COA N . 26.51 -14.71 2.89
C5B COA N . 24.54 -13.31 3.07
O5B COA N . 23.16 -13.56 3.33
P1A COA N . 22.45 -13.23 4.75
O1A COA N . 21.01 -13.64 4.64
O2A COA N . 23.23 -13.78 5.90
O3A COA N . 22.63 -11.64 4.75
P2A COA N . 22.16 -10.53 3.74
O4A COA N . 20.68 -10.67 3.71
O5A COA N . 23.03 -10.67 2.53
O6A COA N . 22.53 -9.09 4.41
CBP COA N . 23.84 -7.26 5.37
CCP COA N . 23.88 -8.58 4.57
CDP COA N . 25.22 -6.98 5.97
CEP COA N . 23.50 -6.13 4.39
CAP COA N . 22.76 -7.27 6.47
OAP COA N . 22.87 -8.38 7.36
C9P COA N . 22.72 -6.00 7.29
O9P COA N . 22.10 -5.02 6.87
N8P COA N . 23.34 -6.07 8.45
C7P COA N . 23.77 -4.90 9.21
C6P COA N . 22.74 -4.58 10.26
C5P COA N . 23.14 -3.38 11.08
O5P COA N . 23.84 -2.49 10.60
N4P COA N . 22.60 -3.28 12.30
C3P COA N . 23.09 -2.42 13.37
C2P COA N . 23.34 -3.28 14.55
S1P COA N . 23.99 -2.33 15.93
C1 GOL O . 35.16 -10.54 18.70
O1 GOL O . 34.06 -11.28 19.23
C2 GOL O . 36.46 -11.07 19.25
O2 GOL O . 36.47 -11.09 20.69
C3 GOL O . 37.65 -10.28 18.75
O3 GOL O . 38.84 -10.89 19.25
CL CL P . 21.22 0.07 6.06
CL CL Q . -1.53 7.69 18.84
#